data_4AZH
#
_entry.id   4AZH
#
_cell.length_a   67.510
_cell.length_b   115.970
_cell.length_c   133.090
_cell.angle_alpha   90.00
_cell.angle_beta   99.85
_cell.angle_gamma   90.00
#
_symmetry.space_group_name_H-M   'P 1 21 1'
#
loop_
_entity.id
_entity.type
_entity.pdbx_description
1 polymer BETA-N-ACETYLHEXOSAMINIDASE
2 non-polymer 'N-acetylglucosaminono-1,5-lactone (Z)-oxime'
3 non-polymer 1,2-ETHANEDIOL
4 water water
#
_entity_poly.entity_id   1
_entity_poly.type   'polypeptide(L)'
_entity_poly.pdbx_seq_one_letter_code
;RGSHMEKLAKNKVISIDAGRKYFTLNQLKRIVDKASELGYSDVHLLLGNDGLRFLLDDMTITANGKTYASDDVKKAIIEG
TKAYYDDPNGTALTQAEVTELIEYAKSKDIGLIPAINSPGHMDAMLVAMEKLGIKNPQAHFDKVSKTTMDLKNEEAMNFV
KALIGKYMDFFAGKTKIFNFGTDEYANDATSAQGWYYLKWYQLYGKFAEYANTLAAMAKERGLQPMAFNDGFYYEDKDDV
QFDKDVLISYWSKGWWGYNLASPQYLASKGYKFLNTNGDWYYILGQKPEDGGGFLKKAIENTGKTPFNQLASTKYPEVDL
PTVGSMLSIWADRPSAEYKEEEIFELMTAFADHNKDYFRANYNALREELAKIPTNLEGYSKESLEALDAAKTALNYNLNR
NKQAELDTLVANLKAALQGLKPAVTHSGSLDENEVAANVETRP
;
_entity_poly.pdbx_strand_id   A,B,C,D
#
loop_
_chem_comp.id
_chem_comp.type
_chem_comp.name
_chem_comp.formula
EDO non-polymer 1,2-ETHANEDIOL 'C2 H6 O2'
LOG D-saccharide 'N-acetylglucosaminono-1,5-lactone (Z)-oxime' 'C8 H14 N2 O6'
#
# COMPACT_ATOMS: atom_id res chain seq x y z
N GLY A 2 -12.65 34.11 6.99
CA GLY A 2 -12.10 35.38 6.45
C GLY A 2 -10.58 35.35 6.28
N SER A 3 -9.88 34.89 7.31
CA SER A 3 -8.43 34.82 7.25
C SER A 3 -7.96 33.50 6.64
N HIS A 4 -6.73 33.50 6.17
CA HIS A 4 -6.05 32.30 5.71
C HIS A 4 -6.18 31.19 6.75
N MET A 5 -5.87 31.53 8.01
CA MET A 5 -5.92 30.59 9.12
C MET A 5 -7.32 30.00 9.37
N GLU A 6 -8.33 30.86 9.39
CA GLU A 6 -9.70 30.44 9.69
C GLU A 6 -10.21 29.42 8.65
N LYS A 7 -9.99 29.74 7.39
CA LYS A 7 -10.39 28.85 6.30
C LYS A 7 -9.77 27.48 6.39
N LEU A 8 -8.47 27.41 6.64
CA LEU A 8 -7.77 26.11 6.76
C LEU A 8 -8.18 25.37 8.03
N ALA A 9 -8.69 26.09 9.01
CA ALA A 9 -9.09 25.47 10.24
C ALA A 9 -10.49 24.82 10.10
N LYS A 10 -11.28 25.26 9.13
CA LYS A 10 -12.59 24.64 8.91
C LYS A 10 -12.47 23.17 8.53
N ASN A 11 -13.49 22.39 8.85
CA ASN A 11 -13.45 20.99 8.41
C ASN A 11 -13.83 20.87 6.94
N LYS A 12 -13.10 20.06 6.20
CA LYS A 12 -13.49 19.70 4.83
C LYS A 12 -13.65 18.20 4.82
N VAL A 13 -14.87 17.72 4.60
CA VAL A 13 -15.18 16.31 4.90
C VAL A 13 -15.76 15.60 3.71
N ILE A 14 -15.31 14.37 3.49
CA ILE A 14 -15.90 13.46 2.51
C ILE A 14 -16.67 12.41 3.30
N SER A 15 -17.95 12.21 3.00
CA SER A 15 -18.76 11.22 3.70
C SER A 15 -18.94 9.95 2.85
N ILE A 16 -18.75 8.79 3.46
CA ILE A 16 -18.97 7.51 2.76
C ILE A 16 -19.99 6.64 3.46
N ASP A 17 -21.05 6.28 2.72
CA ASP A 17 -22.11 5.44 3.23
C ASP A 17 -21.63 4.01 3.20
N ALA A 18 -20.91 3.59 4.23
CA ALA A 18 -20.44 2.21 4.32
C ALA A 18 -21.36 1.43 5.22
N GLY A 19 -22.58 1.92 5.35
CA GLY A 19 -23.61 1.28 6.13
C GLY A 19 -24.50 0.48 5.19
N ARG A 20 -24.97 1.10 4.13
CA ARG A 20 -25.82 0.37 3.21
C ARG A 20 -24.97 -0.65 2.43
N LYS A 21 -23.73 -0.28 2.14
CA LYS A 21 -22.87 -1.00 1.20
C LYS A 21 -21.51 -1.27 1.84
N TYR A 22 -20.89 -2.42 1.53
CA TYR A 22 -19.60 -2.79 2.10
C TYR A 22 -18.43 -2.14 1.33
N PHE A 23 -17.44 -1.66 2.07
CA PHE A 23 -16.18 -1.16 1.50
C PHE A 23 -15.05 -1.88 2.19
N THR A 24 -14.03 -2.29 1.45
CA THR A 24 -12.91 -2.97 2.05
C THR A 24 -12.05 -1.96 2.78
N LEU A 25 -11.28 -2.43 3.75
CA LEU A 25 -10.27 -1.58 4.37
C LEU A 25 -9.47 -0.81 3.33
N ASN A 26 -8.96 -1.50 2.30
CA ASN A 26 -8.16 -0.86 1.25
C ASN A 26 -8.88 0.24 0.48
N GLN A 27 -10.13 0.00 0.09
CA GLN A 27 -10.94 1.03 -0.56
C GLN A 27 -11.08 2.25 0.35
N LEU A 28 -11.26 2.01 1.65
CA LEU A 28 -11.36 3.14 2.57
C LEU A 28 -10.01 3.86 2.73
N LYS A 29 -8.91 3.10 2.75
CA LYS A 29 -7.59 3.69 2.78
C LYS A 29 -7.29 4.51 1.53
N ARG A 30 -7.74 4.06 0.37
CA ARG A 30 -7.56 4.85 -0.84
C ARG A 30 -8.39 6.13 -0.76
N ILE A 31 -9.59 6.03 -0.20
CA ILE A 31 -10.39 7.26 0.04
C ILE A 31 -9.65 8.23 0.97
N VAL A 32 -9.09 7.73 2.08
CA VAL A 32 -8.34 8.65 2.94
C VAL A 32 -7.11 9.26 2.30
N ASP A 33 -6.44 8.45 1.48
N ASP A 33 -6.40 8.49 1.46
CA ASP A 33 -5.28 8.88 0.69
CA ASP A 33 -5.20 9.03 0.82
C ASP A 33 -5.67 10.08 -0.12
C ASP A 33 -5.61 10.11 -0.20
N LYS A 34 -6.69 9.88 -0.95
CA LYS A 34 -7.19 10.91 -1.86
C LYS A 34 -7.71 12.09 -1.07
N ALA A 35 -8.40 11.81 0.04
CA ALA A 35 -8.76 12.91 0.97
C ALA A 35 -7.54 13.72 1.43
N SER A 36 -6.42 13.07 1.75
CA SER A 36 -5.25 13.79 2.26
C SER A 36 -4.61 14.69 1.19
N GLU A 37 -4.51 14.11 -0.01
CA GLU A 37 -3.91 14.70 -1.18
C GLU A 37 -4.63 15.96 -1.64
N LEU A 38 -5.95 15.98 -1.51
CA LEU A 38 -6.77 17.10 -1.98
C LEU A 38 -7.00 18.14 -0.88
N GLY A 39 -6.53 17.85 0.33
CA GLY A 39 -6.57 18.84 1.42
C GLY A 39 -7.81 18.84 2.30
N TYR A 40 -8.55 17.72 2.28
CA TYR A 40 -9.63 17.41 3.23
C TYR A 40 -9.03 17.24 4.64
N SER A 41 -9.88 17.32 5.67
CA SER A 41 -9.46 17.16 7.06
C SER A 41 -10.01 15.84 7.66
N ASP A 42 -11.11 15.34 7.09
CA ASP A 42 -11.82 14.23 7.72
C ASP A 42 -12.51 13.34 6.68
N VAL A 43 -12.75 12.09 7.08
CA VAL A 43 -13.58 11.16 6.34
C VAL A 43 -14.66 10.77 7.31
N HIS A 44 -15.90 10.92 6.87
CA HIS A 44 -17.06 10.62 7.67
C HIS A 44 -17.53 9.31 7.15
N LEU A 45 -17.56 8.32 8.05
CA LEU A 45 -17.78 6.96 7.64
C LEU A 45 -19.00 6.40 8.34
N LEU A 46 -20.12 6.36 7.65
CA LEU A 46 -21.30 5.72 8.18
C LEU A 46 -21.01 4.23 8.27
N LEU A 47 -21.14 3.70 9.50
CA LEU A 47 -20.96 2.28 9.78
C LEU A 47 -22.29 1.56 10.09
N GLY A 48 -23.20 2.28 10.74
CA GLY A 48 -24.58 1.81 10.91
C GLY A 48 -25.42 2.81 10.13
N ASN A 49 -25.95 2.35 9.01
CA ASN A 49 -26.89 3.10 8.21
C ASN A 49 -27.63 2.09 7.34
N ASP A 50 -28.87 1.77 7.74
CA ASP A 50 -29.61 0.57 7.24
C ASP A 50 -28.91 -0.73 7.64
N GLY A 51 -27.90 -1.14 6.87
CA GLY A 51 -26.96 -2.23 7.25
C GLY A 51 -26.03 -1.80 8.39
N LEU A 52 -25.62 -2.77 9.22
CA LEU A 52 -24.65 -2.52 10.29
C LEU A 52 -23.38 -3.29 9.97
N ARG A 53 -22.33 -2.54 9.61
CA ARG A 53 -21.16 -3.05 8.90
C ARG A 53 -19.87 -2.90 9.71
N PHE A 54 -20.02 -3.01 11.03
CA PHE A 54 -18.88 -2.94 11.92
C PHE A 54 -19.15 -3.81 13.13
N LEU A 55 -18.24 -4.75 13.39
CA LEU A 55 -18.32 -5.54 14.63
C LEU A 55 -17.08 -5.36 15.48
N LEU A 56 -17.27 -5.04 16.76
CA LEU A 56 -16.18 -5.01 17.74
C LEU A 56 -15.77 -6.44 18.10
N ASP A 57 -14.54 -6.61 18.55
CA ASP A 57 -14.10 -7.91 19.04
C ASP A 57 -15.02 -8.47 20.12
N ASP A 58 -15.42 -7.65 21.08
CA ASP A 58 -16.36 -8.09 22.12
C ASP A 58 -17.69 -7.34 21.98
N MET A 59 -18.74 -8.10 21.65
CA MET A 59 -20.05 -7.52 21.40
C MET A 59 -21.07 -7.90 22.47
N THR A 60 -20.54 -8.28 23.63
CA THR A 60 -21.37 -8.59 24.76
C THR A 60 -22.17 -7.33 25.12
N ILE A 61 -23.47 -7.48 25.31
CA ILE A 61 -24.34 -6.36 25.67
C ILE A 61 -25.12 -6.66 26.92
N THR A 62 -25.15 -5.71 27.84
CA THR A 62 -25.97 -5.82 29.05
C THR A 62 -27.10 -4.81 29.03
N ALA A 63 -28.33 -5.32 28.99
CA ALA A 63 -29.56 -4.51 28.96
C ALA A 63 -30.75 -5.36 29.35
N ASN A 64 -31.79 -4.67 29.84
CA ASN A 64 -33.03 -5.34 30.13
C ASN A 64 -32.86 -6.38 31.26
N GLY A 65 -31.89 -6.14 32.15
CA GLY A 65 -31.64 -7.04 33.28
C GLY A 65 -31.00 -8.37 32.87
N LYS A 66 -30.39 -8.40 31.67
CA LYS A 66 -29.71 -9.59 31.20
C LYS A 66 -28.54 -9.26 30.30
N THR A 67 -27.83 -10.27 29.87
CA THR A 67 -26.71 -10.03 29.02
C THR A 67 -26.88 -10.89 27.79
N TYR A 68 -26.47 -10.35 26.65
CA TYR A 68 -26.58 -11.04 25.39
C TYR A 68 -25.15 -11.39 24.96
N ALA A 69 -24.86 -12.67 24.80
CA ALA A 69 -23.47 -13.13 24.55
C ALA A 69 -22.93 -12.52 23.27
N SER A 70 -21.64 -12.21 23.29
CA SER A 70 -20.97 -11.53 22.20
C SER A 70 -21.19 -12.28 20.89
N ASP A 71 -21.10 -13.61 20.95
CA ASP A 71 -21.27 -14.44 19.77
C ASP A 71 -22.67 -14.37 19.22
N ASP A 72 -23.65 -14.32 20.12
CA ASP A 72 -25.06 -14.17 19.72
C ASP A 72 -25.28 -12.81 19.06
N VAL A 73 -24.74 -11.75 19.67
CA VAL A 73 -24.88 -10.40 19.14
C VAL A 73 -24.28 -10.33 17.72
N LYS A 74 -23.05 -10.81 17.52
CA LYS A 74 -22.47 -10.85 16.16
C LYS A 74 -23.33 -11.61 15.16
N LYS A 75 -23.67 -12.86 15.50
CA LYS A 75 -24.45 -13.69 14.59
C LYS A 75 -25.75 -12.98 14.18
N ALA A 76 -26.46 -12.42 15.16
CA ALA A 76 -27.67 -11.68 14.93
C ALA A 76 -27.45 -10.49 13.98
N ILE A 77 -26.42 -9.67 14.23
CA ILE A 77 -26.14 -8.49 13.41
C ILE A 77 -25.82 -8.90 11.97
N ILE A 78 -24.96 -9.90 11.79
CA ILE A 78 -24.67 -10.42 10.43
C ILE A 78 -25.98 -10.75 9.75
N GLU A 79 -26.83 -11.52 10.42
CA GLU A 79 -28.16 -11.83 9.88
C GLU A 79 -28.96 -10.58 9.54
N GLY A 80 -29.11 -9.67 10.51
CA GLY A 80 -29.76 -8.38 10.23
C GLY A 80 -29.25 -7.63 9.00
N THR A 81 -27.93 -7.51 8.88
CA THR A 81 -27.28 -6.76 7.81
C THR A 81 -27.45 -7.47 6.47
N LYS A 82 -27.29 -8.80 6.48
CA LYS A 82 -27.51 -9.60 5.29
C LYS A 82 -28.94 -9.53 4.80
N ALA A 83 -29.90 -9.43 5.71
CA ALA A 83 -31.31 -9.37 5.36
C ALA A 83 -31.63 -8.04 4.71
N TYR A 84 -30.93 -6.98 5.13
CA TYR A 84 -31.05 -5.70 4.45
C TYR A 84 -30.42 -5.77 3.06
N TYR A 85 -29.20 -6.30 2.97
CA TYR A 85 -28.52 -6.45 1.69
C TYR A 85 -27.31 -7.35 1.91
N ASP A 86 -27.37 -8.54 1.33
CA ASP A 86 -26.31 -9.54 1.42
C ASP A 86 -25.27 -9.21 0.38
N ASP A 87 -24.44 -8.23 0.69
CA ASP A 87 -23.42 -7.72 -0.21
C ASP A 87 -22.36 -8.79 -0.53
N PRO A 88 -22.21 -9.18 -1.80
CA PRO A 88 -21.20 -10.22 -2.15
C PRO A 88 -19.74 -9.81 -1.89
N ASN A 89 -19.48 -8.53 -1.65
CA ASN A 89 -18.11 -8.05 -1.38
C ASN A 89 -17.70 -8.20 0.11
N GLY A 90 -18.68 -8.41 1.00
CA GLY A 90 -18.37 -8.49 2.43
C GLY A 90 -19.51 -7.99 3.29
N THR A 91 -19.42 -8.25 4.59
CA THR A 91 -20.54 -7.92 5.46
C THR A 91 -20.20 -6.80 6.43
N ALA A 92 -19.19 -7.01 7.28
CA ALA A 92 -18.84 -6.07 8.34
C ALA A 92 -17.37 -5.87 8.39
N LEU A 93 -16.92 -4.65 8.65
CA LEU A 93 -15.50 -4.42 8.94
C LEU A 93 -15.23 -4.91 10.36
N THR A 94 -14.01 -5.37 10.61
CA THR A 94 -13.62 -5.80 11.96
C THR A 94 -12.98 -4.67 12.76
N GLN A 95 -12.80 -4.92 14.06
CA GLN A 95 -12.22 -3.93 14.94
C GLN A 95 -10.80 -3.62 14.52
N ALA A 96 -10.03 -4.67 14.25
CA ALA A 96 -8.66 -4.51 13.78
C ALA A 96 -8.61 -3.67 12.51
N GLU A 97 -9.57 -3.86 11.60
CA GLU A 97 -9.66 -3.01 10.39
C GLU A 97 -9.90 -1.51 10.66
N VAL A 98 -10.90 -1.21 11.49
CA VAL A 98 -11.21 0.17 11.81
C VAL A 98 -10.07 0.83 12.60
N THR A 99 -9.43 0.07 13.48
CA THR A 99 -8.29 0.59 14.22
C THR A 99 -7.17 0.97 13.25
N GLU A 100 -6.80 0.06 12.34
CA GLU A 100 -5.83 0.38 11.34
C GLU A 100 -6.26 1.60 10.49
N LEU A 101 -7.53 1.69 10.12
CA LEU A 101 -7.99 2.84 9.31
C LEU A 101 -7.84 4.16 10.09
N ILE A 102 -8.12 4.13 11.38
CA ILE A 102 -7.91 5.31 12.22
C ILE A 102 -6.44 5.70 12.32
N GLU A 103 -5.56 4.73 12.55
N GLU A 103 -5.57 4.74 12.53
CA GLU A 103 -4.10 4.99 12.65
CA GLU A 103 -4.14 5.03 12.67
C GLU A 103 -3.61 5.59 11.34
C GLU A 103 -3.54 5.53 11.35
N TYR A 104 -4.00 4.95 10.24
CA TYR A 104 -3.58 5.36 8.92
C TYR A 104 -4.04 6.79 8.59
N ALA A 105 -5.32 7.06 8.82
CA ALA A 105 -5.84 8.38 8.62
C ALA A 105 -5.10 9.39 9.51
N LYS A 106 -4.78 9.02 10.74
CA LYS A 106 -4.03 9.90 11.66
C LYS A 106 -2.64 10.25 11.10
N SER A 107 -1.96 9.26 10.50
CA SER A 107 -0.64 9.46 9.89
C SER A 107 -0.67 10.43 8.74
N LYS A 108 -1.84 10.67 8.18
CA LYS A 108 -1.98 11.60 7.09
C LYS A 108 -2.76 12.87 7.47
N ASP A 109 -2.84 13.16 8.77
CA ASP A 109 -3.62 14.31 9.30
C ASP A 109 -5.07 14.34 8.83
N ILE A 110 -5.70 13.17 8.74
CA ILE A 110 -7.11 13.01 8.40
C ILE A 110 -7.79 12.39 9.62
N GLY A 111 -8.79 13.08 10.16
CA GLY A 111 -9.65 12.48 11.18
C GLY A 111 -10.70 11.55 10.56
N LEU A 112 -11.13 10.56 11.34
CA LEU A 112 -12.26 9.74 10.97
C LEU A 112 -13.46 10.22 11.81
N ILE A 113 -14.63 10.37 11.19
CA ILE A 113 -15.86 10.63 11.95
C ILE A 113 -16.86 9.52 11.72
N PRO A 114 -16.97 8.58 12.65
CA PRO A 114 -17.86 7.45 12.55
C PRO A 114 -19.33 7.81 12.71
N ALA A 115 -20.22 7.08 12.04
CA ALA A 115 -21.68 7.23 12.28
C ALA A 115 -22.36 5.86 12.44
N ILE A 116 -23.19 5.74 13.46
CA ILE A 116 -24.04 4.56 13.72
C ILE A 116 -25.45 5.10 13.87
N ASN A 117 -26.29 4.88 12.87
CA ASN A 117 -27.59 5.52 12.81
C ASN A 117 -28.66 4.84 13.67
N SER A 118 -29.51 5.69 14.27
CA SER A 118 -30.69 5.26 15.01
C SER A 118 -31.41 6.60 15.33
N PRO A 119 -32.74 6.59 15.55
CA PRO A 119 -33.65 5.44 15.55
C PRO A 119 -34.13 5.03 14.16
N GLY A 120 -33.83 5.81 13.13
CA GLY A 120 -34.15 5.41 11.76
C GLY A 120 -32.94 4.74 11.12
N HIS A 121 -33.03 4.42 9.85
CA HIS A 121 -31.93 3.75 9.12
C HIS A 121 -31.24 2.64 9.90
N MET A 122 -32.02 1.75 10.51
CA MET A 122 -31.45 0.67 11.34
C MET A 122 -32.07 -0.70 11.08
N ASP A 123 -32.36 -0.98 9.80
CA ASP A 123 -32.93 -2.25 9.36
C ASP A 123 -32.24 -3.45 10.01
N ALA A 124 -30.91 -3.44 9.94
CA ALA A 124 -30.09 -4.53 10.38
C ALA A 124 -30.19 -4.73 11.88
N MET A 125 -30.21 -3.64 12.64
CA MET A 125 -30.33 -3.71 14.09
C MET A 125 -31.68 -4.26 14.51
N LEU A 126 -32.73 -3.86 13.78
CA LEU A 126 -34.09 -4.33 14.04
C LEU A 126 -34.21 -5.85 13.92
N VAL A 127 -33.68 -6.38 12.82
CA VAL A 127 -33.71 -7.82 12.60
C VAL A 127 -32.88 -8.52 13.66
N ALA A 128 -31.66 -8.00 13.89
CA ALA A 128 -30.80 -8.56 14.93
C ALA A 128 -31.56 -8.62 16.23
N MET A 129 -32.33 -7.59 16.57
CA MET A 129 -33.02 -7.63 17.85
C MET A 129 -34.06 -8.75 17.89
N GLU A 130 -34.74 -8.97 16.76
CA GLU A 130 -35.68 -10.07 16.70
C GLU A 130 -34.98 -11.38 16.95
N LYS A 131 -33.79 -11.54 16.37
CA LYS A 131 -33.08 -12.80 16.45
C LYS A 131 -32.57 -13.07 17.87
N LEU A 132 -32.49 -12.01 18.67
CA LEU A 132 -31.98 -12.09 20.02
C LEU A 132 -33.12 -12.15 20.99
N GLY A 133 -34.34 -12.30 20.45
CA GLY A 133 -35.52 -12.43 21.27
C GLY A 133 -36.17 -11.14 21.74
N ILE A 134 -35.85 -10.00 21.10
CA ILE A 134 -36.56 -8.78 21.33
C ILE A 134 -37.67 -8.66 20.26
N LYS A 135 -38.92 -8.82 20.68
CA LYS A 135 -40.06 -8.90 19.79
C LYS A 135 -40.52 -7.53 19.40
N ASN A 136 -40.92 -7.37 18.14
CA ASN A 136 -41.57 -6.13 17.70
C ASN A 136 -40.75 -4.88 18.05
N PRO A 137 -39.47 -4.87 17.65
CA PRO A 137 -38.69 -3.65 17.92
C PRO A 137 -39.07 -2.47 16.99
N GLN A 138 -39.77 -2.75 15.88
CA GLN A 138 -40.05 -1.75 14.82
C GLN A 138 -41.19 -0.81 15.14
N ALA A 139 -41.03 0.46 14.76
CA ALA A 139 -42.10 1.44 14.79
C ALA A 139 -43.22 1.03 13.85
N HIS A 140 -44.42 1.52 14.17
CA HIS A 140 -45.65 1.04 13.56
C HIS A 140 -46.67 2.14 13.33
N PHE A 141 -46.85 2.51 12.06
CA PHE A 141 -47.79 3.56 11.70
C PHE A 141 -48.86 3.10 10.67
N ASP A 142 -48.80 3.59 9.43
CA ASP A 142 -49.70 3.09 8.37
C ASP A 142 -49.39 1.61 8.10
N LYS A 143 -48.20 1.18 8.51
CA LYS A 143 -47.78 -0.21 8.43
C LYS A 143 -46.57 -0.37 9.33
N VAL A 144 -46.14 -1.62 9.53
CA VAL A 144 -44.92 -1.90 10.32
C VAL A 144 -43.64 -1.44 9.57
N SER A 145 -42.87 -0.58 10.23
CA SER A 145 -41.62 -0.12 9.66
C SER A 145 -40.63 -1.27 9.52
N LYS A 146 -39.84 -1.20 8.46
CA LYS A 146 -38.69 -2.05 8.35
C LYS A 146 -37.41 -1.30 8.69
N THR A 147 -37.50 -0.02 9.06
CA THR A 147 -36.27 0.82 9.13
C THR A 147 -36.02 1.44 10.49
N THR A 148 -37.09 1.61 11.24
CA THR A 148 -37.07 2.50 12.37
C THR A 148 -37.56 1.74 13.60
N MET A 149 -36.92 1.99 14.74
CA MET A 149 -37.30 1.48 16.04
C MET A 149 -38.51 2.21 16.63
N ASP A 150 -39.37 1.43 17.26
CA ASP A 150 -40.49 1.93 18.03
C ASP A 150 -39.97 2.61 19.29
N LEU A 151 -40.22 3.91 19.43
CA LEU A 151 -39.76 4.65 20.59
C LEU A 151 -40.39 4.20 21.90
N LYS A 152 -41.52 3.50 21.83
CA LYS A 152 -42.25 3.07 23.04
C LYS A 152 -41.77 1.73 23.56
N ASN A 153 -41.01 1.00 22.75
CA ASN A 153 -40.48 -0.31 23.13
C ASN A 153 -39.18 -0.17 23.93
N GLU A 154 -39.29 -0.13 25.26
CA GLU A 154 -38.15 -0.06 26.18
C GLU A 154 -37.14 -1.15 25.98
N GLU A 155 -37.59 -2.37 25.74
CA GLU A 155 -36.66 -3.48 25.58
C GLU A 155 -35.71 -3.22 24.40
N ALA A 156 -36.28 -2.87 23.27
CA ALA A 156 -35.52 -2.49 22.08
C ALA A 156 -34.66 -1.27 22.37
N MET A 157 -35.24 -0.26 23.00
CA MET A 157 -34.51 0.98 23.31
C MET A 157 -33.26 0.79 24.20
N ASN A 158 -33.42 0.09 25.33
CA ASN A 158 -32.30 -0.31 26.18
C ASN A 158 -31.23 -1.09 25.39
N PHE A 159 -31.64 -2.04 24.59
CA PHE A 159 -30.65 -2.77 23.82
C PHE A 159 -29.84 -1.86 22.93
N VAL A 160 -30.52 -1.05 22.11
CA VAL A 160 -29.84 -0.20 21.14
C VAL A 160 -28.92 0.83 21.82
N LYS A 161 -29.42 1.45 22.91
CA LYS A 161 -28.66 2.43 23.68
C LYS A 161 -27.38 1.78 24.20
N ALA A 162 -27.50 0.55 24.68
CA ALA A 162 -26.34 -0.14 25.18
C ALA A 162 -25.40 -0.45 24.02
N LEU A 163 -25.93 -0.91 22.88
CA LEU A 163 -25.12 -1.20 21.69
C LEU A 163 -24.38 0.07 21.24
N ILE A 164 -25.07 1.22 21.23
CA ILE A 164 -24.43 2.46 20.79
C ILE A 164 -23.31 2.89 21.73
N GLY A 165 -23.57 2.75 23.04
CA GLY A 165 -22.55 2.79 24.11
C GLY A 165 -21.28 2.01 23.83
N LYS A 166 -21.39 0.74 23.48
CA LYS A 166 -20.19 -0.05 23.24
C LYS A 166 -19.46 0.53 22.04
N TYR A 167 -20.19 0.83 20.95
CA TYR A 167 -19.55 1.53 19.81
C TYR A 167 -18.86 2.83 20.28
N MET A 168 -19.55 3.66 21.06
CA MET A 168 -18.94 4.92 21.54
C MET A 168 -17.73 4.67 22.44
N ASP A 169 -17.75 3.56 23.20
CA ASP A 169 -16.61 3.21 24.06
C ASP A 169 -15.40 2.95 23.21
N PHE A 170 -15.62 2.27 22.09
CA PHE A 170 -14.52 2.02 21.19
C PHE A 170 -13.98 3.32 20.56
N PHE A 171 -14.85 4.22 20.14
CA PHE A 171 -14.35 5.41 19.46
C PHE A 171 -13.75 6.43 20.42
N ALA A 172 -14.07 6.33 21.71
CA ALA A 172 -13.59 7.32 22.69
C ALA A 172 -12.07 7.37 22.69
N GLY A 173 -11.51 8.56 22.52
CA GLY A 173 -10.07 8.72 22.52
C GLY A 173 -9.43 8.26 21.20
N LYS A 174 -10.23 7.88 20.22
CA LYS A 174 -9.72 7.56 18.89
C LYS A 174 -10.18 8.57 17.85
N THR A 175 -11.34 9.15 18.08
CA THR A 175 -11.90 10.10 17.14
C THR A 175 -12.43 11.25 17.99
N LYS A 176 -12.56 12.44 17.43
CA LYS A 176 -13.10 13.53 18.23
C LYS A 176 -14.62 13.55 18.22
N ILE A 177 -15.21 13.07 17.12
CA ILE A 177 -16.64 13.25 16.85
C ILE A 177 -17.34 11.90 16.70
N PHE A 178 -18.61 11.83 17.08
CA PHE A 178 -19.46 10.65 16.84
C PHE A 178 -20.82 11.11 16.33
N ASN A 179 -21.20 10.66 15.14
CA ASN A 179 -22.50 10.96 14.52
C ASN A 179 -23.54 9.87 14.82
N PHE A 180 -24.56 10.21 15.62
CA PHE A 180 -25.62 9.26 15.94
C PHE A 180 -26.86 9.36 15.02
N GLY A 181 -26.84 10.35 14.16
CA GLY A 181 -27.72 10.41 12.99
C GLY A 181 -29.07 11.03 13.27
N THR A 182 -30.05 10.14 13.45
CA THR A 182 -31.44 10.44 13.76
C THR A 182 -32.28 10.98 12.59
N ASP A 183 -31.78 10.87 11.36
CA ASP A 183 -32.59 11.19 10.19
C ASP A 183 -33.71 10.16 9.88
N GLU A 184 -34.79 10.66 9.28
CA GLU A 184 -35.88 9.86 8.70
C GLU A 184 -36.60 8.92 9.71
N TYR A 185 -37.54 9.47 10.48
CA TYR A 185 -38.27 8.62 11.42
C TYR A 185 -39.41 7.85 10.76
N ALA A 186 -39.26 6.54 10.62
CA ALA A 186 -40.26 5.68 9.98
C ALA A 186 -40.84 6.25 8.69
N ASN A 187 -39.99 6.77 7.82
CA ASN A 187 -40.52 7.30 6.56
C ASN A 187 -41.23 6.25 5.69
N ASP A 188 -40.74 5.00 5.75
CA ASP A 188 -41.31 3.88 4.96
C ASP A 188 -42.72 3.53 5.45
N ALA A 189 -43.08 4.01 6.65
CA ALA A 189 -44.33 3.60 7.28
C ALA A 189 -45.35 4.74 7.39
N THR A 190 -44.97 5.92 6.84
CA THR A 190 -45.73 7.15 6.97
C THR A 190 -45.83 7.97 5.66
N SER A 191 -45.50 7.36 4.53
CA SER A 191 -45.28 8.05 3.24
C SER A 191 -44.41 9.29 3.43
N ALA A 192 -43.25 9.06 4.05
CA ALA A 192 -42.22 10.07 4.29
C ALA A 192 -42.78 11.29 5.04
N GLN A 193 -43.44 11.04 6.17
CA GLN A 193 -43.98 12.13 6.98
C GLN A 193 -43.70 11.84 8.46
N GLY A 194 -42.54 11.23 8.74
CA GLY A 194 -42.24 10.74 10.07
C GLY A 194 -42.46 11.73 11.19
N TRP A 195 -41.96 12.94 11.01
CA TRP A 195 -42.01 13.95 12.06
C TRP A 195 -43.43 14.39 12.28
N TYR A 196 -44.20 14.55 11.21
CA TYR A 196 -45.63 14.80 11.36
C TYR A 196 -46.32 13.66 12.12
N TYR A 197 -45.97 12.42 11.81
CA TYR A 197 -46.58 11.29 12.53
C TYR A 197 -46.18 11.29 14.02
N LEU A 198 -44.91 11.62 14.30
CA LEU A 198 -44.44 11.68 15.68
C LEU A 198 -45.23 12.73 16.47
N LYS A 199 -45.39 13.96 15.93
CA LYS A 199 -46.16 15.02 16.61
C LYS A 199 -47.62 14.63 16.75
N TRP A 200 -48.18 14.07 15.68
CA TRP A 200 -49.57 13.63 15.71
C TRP A 200 -49.81 12.69 16.87
N TYR A 201 -48.91 11.74 17.07
CA TYR A 201 -49.08 10.76 18.11
C TYR A 201 -48.48 11.18 19.42
N GLN A 202 -48.01 12.42 19.49
CA GLN A 202 -47.31 12.95 20.67
C GLN A 202 -46.13 12.06 21.09
N LEU A 203 -45.36 11.56 20.12
CA LEU A 203 -44.15 10.81 20.42
C LEU A 203 -42.89 11.65 20.19
N TYR A 204 -43.07 12.89 19.72
CA TYR A 204 -41.95 13.76 19.41
C TYR A 204 -41.09 14.08 20.64
N GLY A 205 -41.74 14.38 21.78
CA GLY A 205 -41.07 14.41 23.07
C GLY A 205 -40.20 13.19 23.39
N LYS A 206 -40.70 11.96 23.12
CA LYS A 206 -39.90 10.74 23.29
C LYS A 206 -38.74 10.70 22.29
N PHE A 207 -38.95 11.21 21.09
CA PHE A 207 -37.85 11.31 20.12
C PHE A 207 -36.70 12.18 20.67
N ALA A 208 -37.02 13.37 21.18
CA ALA A 208 -36.03 14.27 21.73
C ALA A 208 -35.29 13.60 22.92
N GLU A 209 -36.03 12.85 23.75
CA GLU A 209 -35.44 12.21 24.90
C GLU A 209 -34.39 11.24 24.41
N TYR A 210 -34.73 10.44 23.41
CA TYR A 210 -33.77 9.55 22.81
C TYR A 210 -32.55 10.30 22.27
N ALA A 211 -32.78 11.32 21.45
CA ALA A 211 -31.69 12.11 20.90
C ALA A 211 -30.81 12.75 21.99
N ASN A 212 -31.43 13.35 23.00
CA ASN A 212 -30.73 13.99 24.10
C ASN A 212 -29.87 13.01 24.95
N THR A 213 -30.41 11.81 25.16
CA THR A 213 -29.66 10.71 25.78
C THR A 213 -28.39 10.36 24.99
N LEU A 214 -28.54 10.13 23.68
CA LEU A 214 -27.40 9.85 22.82
C LEU A 214 -26.35 10.99 22.83
N ALA A 215 -26.80 12.25 22.90
CA ALA A 215 -25.82 13.34 22.95
C ALA A 215 -25.04 13.33 24.27
N ALA A 216 -25.72 12.99 25.37
CA ALA A 216 -25.11 12.93 26.70
C ALA A 216 -24.15 11.75 26.79
N MET A 217 -24.53 10.63 26.21
CA MET A 217 -23.64 9.46 26.14
C MET A 217 -22.31 9.78 25.45
N ALA A 218 -22.42 10.46 24.29
CA ALA A 218 -21.27 10.90 23.50
C ALA A 218 -20.34 11.79 24.34
N LYS A 219 -20.94 12.80 24.96
CA LYS A 219 -20.21 13.81 25.76
C LYS A 219 -19.52 13.21 26.97
N GLU A 220 -20.19 12.23 27.59
CA GLU A 220 -19.65 11.57 28.75
C GLU A 220 -18.34 10.86 28.46
N ARG A 221 -18.21 10.38 27.23
CA ARG A 221 -17.06 9.63 26.78
C ARG A 221 -16.13 10.46 25.93
N GLY A 222 -16.26 11.79 26.03
CA GLY A 222 -15.35 12.70 25.35
C GLY A 222 -15.47 12.67 23.83
N LEU A 223 -16.68 12.48 23.36
CA LEU A 223 -16.93 12.51 21.94
C LEU A 223 -17.82 13.73 21.69
N GLN A 224 -17.49 14.57 20.71
CA GLN A 224 -18.41 15.60 20.24
C GLN A 224 -19.62 14.93 19.58
N PRO A 225 -20.83 15.17 20.08
CA PRO A 225 -21.95 14.53 19.37
C PRO A 225 -22.31 15.27 18.08
N MET A 226 -22.62 14.50 17.04
CA MET A 226 -23.09 15.02 15.77
C MET A 226 -24.41 14.32 15.49
N ALA A 227 -25.29 15.01 14.74
CA ALA A 227 -26.55 14.40 14.26
C ALA A 227 -27.03 15.19 13.06
N PHE A 228 -27.92 14.60 12.27
CA PHE A 228 -28.45 15.36 11.15
C PHE A 228 -29.54 16.27 11.65
N ASN A 229 -29.88 17.25 10.81
CA ASN A 229 -30.78 18.31 11.21
C ASN A 229 -32.23 17.89 11.35
N ASP A 230 -32.64 16.86 10.59
CA ASP A 230 -34.07 16.57 10.39
C ASP A 230 -34.92 16.65 11.67
N GLY A 231 -34.51 15.92 12.70
CA GLY A 231 -35.30 15.81 13.92
C GLY A 231 -35.37 17.02 14.87
N PHE A 232 -34.47 18.00 14.71
CA PHE A 232 -34.31 19.08 15.68
C PHE A 232 -35.24 20.25 15.44
N TYR A 233 -36.02 20.61 16.48
CA TYR A 233 -36.95 21.73 16.42
C TYR A 233 -37.76 21.73 15.12
N TYR A 234 -38.43 20.63 14.86
CA TYR A 234 -39.15 20.47 13.62
C TYR A 234 -40.21 21.56 13.54
N GLU A 235 -40.36 22.13 12.33
CA GLU A 235 -41.32 23.21 12.01
C GLU A 235 -41.02 24.45 12.84
N ASP A 236 -39.75 24.64 13.21
CA ASP A 236 -39.30 25.75 14.08
C ASP A 236 -40.12 25.92 15.35
N LYS A 237 -40.61 24.82 15.94
CA LYS A 237 -41.32 24.91 17.23
C LYS A 237 -40.35 24.52 18.37
N ASP A 238 -40.50 25.11 19.56
CA ASP A 238 -39.64 24.72 20.67
C ASP A 238 -40.40 24.26 21.91
N ASP A 239 -41.54 23.58 21.69
CA ASP A 239 -42.31 22.96 22.78
C ASP A 239 -41.48 21.82 23.39
N VAL A 240 -40.60 21.25 22.57
CA VAL A 240 -39.76 20.15 22.93
C VAL A 240 -38.30 20.56 22.68
N GLN A 241 -37.49 20.51 23.73
CA GLN A 241 -36.10 20.99 23.70
C GLN A 241 -35.07 19.93 23.34
N PHE A 242 -33.96 20.36 22.73
CA PHE A 242 -32.88 19.44 22.37
C PHE A 242 -31.57 19.95 22.92
N ASP A 243 -30.63 19.02 23.11
CA ASP A 243 -29.26 19.32 23.58
C ASP A 243 -28.66 20.34 22.62
N LYS A 244 -28.09 21.42 23.14
CA LYS A 244 -27.54 22.50 22.29
C LYS A 244 -26.12 22.21 21.83
N ASP A 245 -25.49 21.21 22.41
CA ASP A 245 -24.05 20.95 22.14
C ASP A 245 -23.82 20.11 20.89
N VAL A 246 -24.91 19.67 20.27
CA VAL A 246 -24.84 18.73 19.15
C VAL A 246 -24.40 19.51 17.92
N LEU A 247 -23.42 18.96 17.21
CA LEU A 247 -22.98 19.50 15.94
C LEU A 247 -24.01 19.04 14.93
N ILE A 248 -24.71 19.99 14.35
CA ILE A 248 -25.78 19.69 13.40
C ILE A 248 -25.27 19.55 11.97
N SER A 249 -25.28 18.33 11.43
CA SER A 249 -24.97 18.12 10.00
C SER A 249 -26.23 18.45 9.17
N TYR A 250 -26.21 19.63 8.52
CA TYR A 250 -27.39 20.23 7.85
C TYR A 250 -27.33 20.00 6.35
N TRP A 251 -28.34 19.32 5.83
CA TRP A 251 -28.33 18.94 4.42
C TRP A 251 -29.47 19.49 3.56
N SER A 252 -30.56 19.93 4.20
CA SER A 252 -31.80 20.40 3.52
C SER A 252 -32.83 20.84 4.53
N LYS A 253 -33.73 21.72 4.08
CA LYS A 253 -34.88 22.12 4.92
C LYS A 253 -36.11 21.24 4.64
N GLY A 254 -35.94 20.26 3.76
CA GLY A 254 -37.06 19.39 3.40
C GLY A 254 -37.74 19.88 2.14
N TRP A 255 -39.03 19.58 2.03
CA TRP A 255 -39.82 19.91 0.84
C TRP A 255 -41.23 20.08 1.34
N TRP A 256 -42.19 20.18 0.43
CA TRP A 256 -43.57 20.45 0.77
C TRP A 256 -44.15 19.46 1.76
N GLY A 257 -44.66 19.95 2.89
CA GLY A 257 -45.23 19.07 3.93
C GLY A 257 -44.17 18.33 4.75
N TYR A 258 -42.90 18.67 4.54
CA TYR A 258 -41.82 18.02 5.26
C TYR A 258 -40.98 19.15 5.84
N ASN A 259 -41.44 19.68 6.97
CA ASN A 259 -41.06 21.02 7.43
C ASN A 259 -39.97 21.05 8.47
N LEU A 260 -38.77 20.70 8.03
CA LEU A 260 -37.59 20.72 8.89
C LEU A 260 -37.36 22.16 9.40
N ALA A 261 -36.79 22.32 10.59
CA ALA A 261 -36.29 23.60 11.10
C ALA A 261 -35.39 24.26 10.07
N SER A 262 -35.55 25.57 9.90
CA SER A 262 -34.64 26.30 9.03
C SER A 262 -33.31 26.41 9.73
N PRO A 263 -32.23 26.57 8.94
CA PRO A 263 -30.95 26.77 9.60
C PRO A 263 -30.89 28.07 10.38
N GLN A 264 -31.66 29.06 9.95
CA GLN A 264 -31.82 30.32 10.71
C GLN A 264 -32.35 29.99 12.12
N TYR A 265 -33.35 29.12 12.22
CA TYR A 265 -33.92 28.83 13.51
C TYR A 265 -32.94 28.06 14.38
N LEU A 266 -32.26 27.08 13.81
CA LEU A 266 -31.30 26.32 14.58
C LEU A 266 -30.09 27.20 15.00
N ALA A 267 -29.55 28.01 14.10
CA ALA A 267 -28.54 28.99 14.49
C ALA A 267 -29.03 29.83 15.67
N SER A 268 -30.27 30.28 15.65
CA SER A 268 -30.77 31.13 16.73
C SER A 268 -30.86 30.33 18.03
N LYS A 269 -30.88 29.00 17.93
CA LYS A 269 -30.90 28.17 19.13
C LYS A 269 -29.48 27.88 19.63
N GLY A 270 -28.46 28.33 18.89
CA GLY A 270 -27.07 28.22 19.32
C GLY A 270 -26.27 27.12 18.62
N TYR A 271 -26.84 26.47 17.61
CA TYR A 271 -26.17 25.30 17.02
C TYR A 271 -25.04 25.65 16.11
N LYS A 272 -24.00 24.83 16.10
CA LYS A 272 -22.95 24.97 15.08
C LYS A 272 -23.33 23.98 13.97
N PHE A 273 -23.00 24.32 12.72
CA PHE A 273 -23.31 23.44 11.62
C PHE A 273 -22.07 22.83 10.97
N LEU A 274 -22.21 21.60 10.56
CA LEU A 274 -21.32 21.06 9.54
C LEU A 274 -22.16 21.11 8.28
N ASN A 275 -21.82 22.01 7.36
CA ASN A 275 -22.60 22.20 6.14
C ASN A 275 -22.55 20.97 5.21
N THR A 276 -23.60 20.17 5.25
CA THR A 276 -23.71 18.91 4.51
C THR A 276 -24.78 19.04 3.40
N ASN A 277 -24.65 20.12 2.64
CA ASN A 277 -25.60 20.51 1.61
C ASN A 277 -25.99 19.37 0.67
N GLY A 278 -27.30 19.10 0.62
CA GLY A 278 -27.90 18.18 -0.31
C GLY A 278 -27.43 18.37 -1.76
N ASP A 279 -27.02 19.58 -2.15
CA ASP A 279 -26.58 19.86 -3.53
C ASP A 279 -25.38 18.98 -3.93
N TRP A 280 -24.57 18.61 -2.96
CA TRP A 280 -23.34 17.92 -3.22
C TRP A 280 -23.49 16.42 -3.17
N TYR A 281 -24.70 15.89 -2.98
CA TYR A 281 -24.93 14.45 -2.80
C TYR A 281 -24.69 13.68 -4.13
N TYR A 282 -23.95 12.59 -4.06
CA TYR A 282 -23.97 11.63 -5.14
C TYR A 282 -24.40 10.27 -4.60
N ILE A 283 -25.40 9.68 -5.26
CA ILE A 283 -25.88 8.36 -4.94
C ILE A 283 -25.27 7.42 -6.00
N LEU A 284 -24.52 6.41 -5.55
CA LEU A 284 -23.81 5.50 -6.44
C LEU A 284 -24.76 4.99 -7.51
N GLY A 285 -24.37 5.21 -8.77
CA GLY A 285 -25.14 4.70 -9.91
C GLY A 285 -26.27 5.58 -10.42
N GLN A 286 -26.54 6.70 -9.75
CA GLN A 286 -27.67 7.58 -10.14
C GLN A 286 -27.42 8.13 -11.52
N LYS A 287 -28.45 8.17 -12.34
CA LYS A 287 -28.30 8.68 -13.69
C LYS A 287 -29.09 9.99 -13.88
N PRO A 288 -28.65 10.84 -14.84
CA PRO A 288 -29.38 12.09 -15.13
C PRO A 288 -30.89 11.84 -15.17
N GLU A 289 -31.27 10.79 -15.89
CA GLU A 289 -32.66 10.41 -16.11
C GLU A 289 -33.39 10.07 -14.81
N ASP A 290 -32.66 9.78 -13.73
CA ASP A 290 -33.27 9.51 -12.44
C ASP A 290 -33.57 10.78 -11.65
N GLY A 291 -32.97 11.90 -12.04
CA GLY A 291 -33.06 13.12 -11.23
C GLY A 291 -32.27 12.95 -9.93
N GLY A 292 -32.41 13.90 -9.00
CA GLY A 292 -31.68 13.85 -7.72
C GLY A 292 -30.17 13.94 -7.89
N GLY A 293 -29.42 13.28 -7.00
CA GLY A 293 -27.97 13.40 -6.99
C GLY A 293 -27.25 12.47 -7.94
N PHE A 294 -27.29 12.75 -9.24
CA PHE A 294 -26.45 12.04 -10.16
C PHE A 294 -25.14 12.78 -10.13
N LEU A 295 -24.11 12.15 -10.68
CA LEU A 295 -22.70 12.61 -10.54
C LEU A 295 -22.44 13.99 -11.16
N LYS A 296 -22.93 14.20 -12.39
CA LYS A 296 -22.73 15.46 -13.11
C LYS A 296 -23.48 16.65 -12.45
N LYS A 297 -24.56 16.39 -11.76
CA LYS A 297 -25.16 17.48 -11.02
C LYS A 297 -24.33 17.78 -9.76
N ALA A 298 -23.85 16.72 -9.12
CA ALA A 298 -23.09 16.89 -7.91
C ALA A 298 -21.83 17.69 -8.26
N ILE A 299 -21.14 17.30 -9.33
CA ILE A 299 -19.95 17.99 -9.80
C ILE A 299 -20.21 19.47 -10.16
N GLU A 300 -21.30 19.73 -10.84
CA GLU A 300 -21.69 21.10 -11.17
C GLU A 300 -21.97 21.91 -9.87
N ASN A 301 -22.60 21.27 -8.90
CA ASN A 301 -22.94 21.96 -7.67
C ASN A 301 -21.74 22.29 -6.77
N THR A 302 -20.64 21.54 -6.92
CA THR A 302 -19.39 21.86 -6.19
C THR A 302 -18.88 23.24 -6.58
N GLY A 303 -19.34 23.76 -7.72
CA GLY A 303 -19.00 25.10 -8.21
C GLY A 303 -20.10 26.10 -7.90
N LYS A 304 -21.34 25.70 -8.13
CA LYS A 304 -22.48 26.59 -8.01
C LYS A 304 -22.90 26.86 -6.58
N THR A 305 -22.81 25.89 -5.69
CA THR A 305 -23.26 26.14 -4.35
C THR A 305 -22.05 26.55 -3.51
N PRO A 306 -22.06 27.79 -2.97
CA PRO A 306 -20.89 28.18 -2.18
C PRO A 306 -20.53 27.20 -1.01
N PHE A 307 -19.21 27.05 -0.79
CA PHE A 307 -18.70 26.33 0.37
C PHE A 307 -19.51 26.56 1.65
N ASN A 308 -19.81 27.81 1.98
CA ASN A 308 -20.54 28.12 3.25
C ASN A 308 -22.04 28.25 3.11
N GLN A 309 -22.57 27.94 1.93
CA GLN A 309 -24.01 28.03 1.80
C GLN A 309 -24.77 26.83 2.39
N LEU A 310 -25.55 27.10 3.45
CA LEU A 310 -26.44 26.07 4.01
C LEU A 310 -27.65 25.92 3.12
N ALA A 311 -28.15 24.69 3.01
CA ALA A 311 -29.32 24.43 2.17
C ALA A 311 -30.50 25.27 2.63
N SER A 312 -31.26 25.74 1.64
CA SER A 312 -32.38 26.67 1.78
C SER A 312 -32.02 28.13 2.02
N THR A 313 -30.75 28.50 1.86
CA THR A 313 -30.39 29.88 2.16
C THR A 313 -29.52 30.36 1.03
N LYS A 314 -29.50 31.67 0.85
CA LYS A 314 -28.74 32.29 -0.22
C LYS A 314 -27.53 32.99 0.42
N TYR A 315 -26.32 32.51 0.11
CA TYR A 315 -25.11 33.04 0.77
C TYR A 315 -24.48 34.01 -0.22
N PRO A 316 -23.92 35.13 0.24
CA PRO A 316 -23.70 35.53 1.62
C PRO A 316 -24.83 36.38 2.26
N GLU A 317 -25.95 36.58 1.57
CA GLU A 317 -27.08 37.31 2.15
C GLU A 317 -27.48 36.73 3.50
N VAL A 318 -27.52 35.39 3.58
CA VAL A 318 -27.60 34.69 4.84
C VAL A 318 -26.24 34.05 5.05
N ASP A 319 -25.63 34.35 6.20
CA ASP A 319 -24.28 33.94 6.53
C ASP A 319 -24.34 33.39 7.94
N LEU A 320 -24.48 32.08 8.04
CA LEU A 320 -24.49 31.41 9.34
C LEU A 320 -23.14 30.75 9.60
N PRO A 321 -22.65 30.84 10.85
CA PRO A 321 -21.42 30.18 11.24
C PRO A 321 -21.46 28.68 10.99
N THR A 322 -20.46 28.20 10.27
CA THR A 322 -20.28 26.77 10.15
C THR A 322 -18.90 26.41 10.62
N VAL A 323 -18.74 25.15 11.04
CA VAL A 323 -17.40 24.64 11.37
C VAL A 323 -16.70 24.10 10.12
N GLY A 324 -17.40 24.08 8.99
CA GLY A 324 -16.84 23.43 7.79
C GLY A 324 -17.95 22.84 6.96
N SER A 325 -17.58 22.08 5.93
CA SER A 325 -18.53 21.54 4.97
C SER A 325 -18.23 20.07 4.67
N MET A 326 -19.30 19.33 4.35
CA MET A 326 -19.18 17.90 4.06
C MET A 326 -19.87 17.51 2.73
N LEU A 327 -19.11 16.86 1.85
CA LEU A 327 -19.62 16.28 0.61
C LEU A 327 -19.98 14.79 0.82
N SER A 328 -21.13 14.35 0.32
CA SER A 328 -21.63 13.02 0.74
C SER A 328 -21.87 12.04 -0.40
N ILE A 329 -21.32 10.83 -0.25
CA ILE A 329 -21.56 9.75 -1.18
C ILE A 329 -22.49 8.73 -0.53
N TRP A 330 -23.60 8.45 -1.17
CA TRP A 330 -24.60 7.58 -0.59
C TRP A 330 -24.77 6.36 -1.45
N ALA A 331 -25.30 5.30 -0.85
CA ALA A 331 -25.45 4.02 -1.56
C ALA A 331 -26.88 3.47 -1.47
N ASP A 332 -27.85 4.31 -1.83
CA ASP A 332 -29.31 4.02 -1.66
C ASP A 332 -29.70 2.70 -2.32
N ARG A 333 -29.02 2.42 -3.44
N ARG A 333 -29.05 2.42 -3.47
CA ARG A 333 -29.13 1.15 -4.11
CA ARG A 333 -29.15 1.11 -4.10
C ARG A 333 -27.75 0.53 -3.94
C ARG A 333 -27.77 0.52 -3.94
N PRO A 334 -27.55 -0.27 -2.87
CA PRO A 334 -26.17 -0.66 -2.52
C PRO A 334 -25.56 -1.68 -3.46
N SER A 335 -26.36 -2.22 -4.38
CA SER A 335 -25.80 -3.12 -5.39
C SER A 335 -25.25 -2.37 -6.59
N ALA A 336 -25.44 -1.04 -6.62
CA ALA A 336 -24.73 -0.21 -7.59
C ALA A 336 -23.23 -0.41 -7.46
N GLU A 337 -22.51 -0.26 -8.57
CA GLU A 337 -21.07 -0.43 -8.53
C GLU A 337 -20.38 0.78 -7.92
N TYR A 338 -19.46 0.56 -6.99
CA TYR A 338 -18.72 1.69 -6.47
C TYR A 338 -17.52 1.90 -7.37
N LYS A 339 -17.47 3.07 -8.02
CA LYS A 339 -16.41 3.39 -8.98
C LYS A 339 -15.55 4.50 -8.42
N GLU A 340 -14.45 4.09 -7.79
CA GLU A 340 -13.51 4.97 -7.13
C GLU A 340 -13.37 6.31 -7.82
N GLU A 341 -13.08 6.24 -9.11
CA GLU A 341 -12.75 7.43 -9.86
C GLU A 341 -13.87 8.45 -9.90
N GLU A 342 -15.13 8.01 -9.82
CA GLU A 342 -16.24 8.96 -9.83
C GLU A 342 -16.18 9.78 -8.55
N ILE A 343 -16.01 9.08 -7.44
CA ILE A 343 -15.87 9.69 -6.13
C ILE A 343 -14.68 10.66 -6.11
N PHE A 344 -13.55 10.22 -6.69
CA PHE A 344 -12.32 11.03 -6.73
C PHE A 344 -12.50 12.28 -7.54
N GLU A 345 -13.18 12.12 -8.67
CA GLU A 345 -13.44 13.24 -9.53
C GLU A 345 -14.32 14.20 -8.78
N LEU A 346 -15.27 13.69 -8.03
CA LEU A 346 -16.18 14.56 -7.31
C LEU A 346 -15.46 15.23 -6.15
N MET A 347 -14.70 14.49 -5.37
CA MET A 347 -13.87 15.12 -4.32
C MET A 347 -12.93 16.18 -4.88
N THR A 348 -12.24 15.86 -5.98
CA THR A 348 -11.34 16.83 -6.62
C THR A 348 -12.05 18.12 -7.01
N ALA A 349 -13.30 18.02 -7.46
CA ALA A 349 -13.99 19.18 -8.01
C ALA A 349 -14.37 20.11 -6.85
N PHE A 350 -14.90 19.53 -5.78
CA PHE A 350 -15.12 20.30 -4.55
C PHE A 350 -13.86 21.04 -4.09
N ALA A 351 -12.72 20.33 -4.06
CA ALA A 351 -11.45 20.93 -3.58
C ALA A 351 -10.93 22.01 -4.55
N ASP A 352 -11.06 21.78 -5.87
CA ASP A 352 -10.62 22.75 -6.88
C ASP A 352 -11.35 24.08 -6.90
N HIS A 353 -12.63 24.04 -6.55
CA HIS A 353 -13.48 25.23 -6.47
C HIS A 353 -13.31 25.91 -5.15
N ASN A 354 -12.52 25.34 -4.24
CA ASN A 354 -12.39 25.90 -2.91
C ASN A 354 -10.97 25.85 -2.41
N LYS A 355 -10.03 26.14 -3.32
CA LYS A 355 -8.59 26.01 -3.01
C LYS A 355 -8.13 26.74 -1.74
N ASP A 356 -8.82 27.82 -1.39
N ASP A 356 -8.79 27.85 -1.39
CA ASP A 356 -8.53 28.59 -0.16
CA ASP A 356 -8.48 28.59 -0.13
C ASP A 356 -8.92 27.87 1.15
C ASP A 356 -8.82 27.78 1.15
N TYR A 357 -9.74 26.82 1.05
CA TYR A 357 -10.22 26.06 2.21
C TYR A 357 -9.46 24.76 2.45
N PHE A 358 -9.04 24.13 1.35
CA PHE A 358 -8.28 22.89 1.33
C PHE A 358 -6.77 23.11 1.46
N ARG A 359 -6.11 22.20 2.17
CA ARG A 359 -4.64 22.22 2.30
C ARG A 359 -4.04 21.82 0.96
N ALA A 360 -2.78 22.20 0.75
CA ALA A 360 -1.95 21.65 -0.28
C ALA A 360 -1.76 20.16 -0.01
N ASN A 361 -1.11 19.49 -0.96
CA ASN A 361 -0.79 18.07 -0.87
C ASN A 361 0.55 17.85 -0.16
N TYR A 362 0.52 17.34 1.08
CA TYR A 362 1.71 17.09 1.92
C TYR A 362 2.29 15.68 1.81
N ASN A 363 1.73 14.83 0.95
CA ASN A 363 2.18 13.43 0.89
C ASN A 363 3.63 13.30 0.43
N ALA A 364 4.02 14.05 -0.59
CA ALA A 364 5.43 14.09 -1.04
C ALA A 364 6.42 14.53 0.07
N LEU A 365 6.09 15.62 0.77
CA LEU A 365 6.82 16.04 1.96
C LEU A 365 6.98 14.92 2.99
N ARG A 366 5.91 14.21 3.27
CA ARG A 366 5.99 13.12 4.21
C ARG A 366 6.90 12.00 3.71
N GLU A 367 6.82 11.70 2.41
CA GLU A 367 7.69 10.70 1.80
C GLU A 367 9.15 11.10 2.03
N GLU A 368 9.47 12.36 1.75
CA GLU A 368 10.84 12.86 1.90
C GLU A 368 11.36 12.88 3.34
N LEU A 369 10.56 13.41 4.28
CA LEU A 369 10.92 13.39 5.70
C LEU A 369 11.25 11.99 6.21
N ALA A 370 10.61 10.97 5.64
CA ALA A 370 10.87 9.57 6.03
C ALA A 370 12.27 9.09 5.56
N LYS A 371 12.77 9.67 4.48
CA LYS A 371 14.11 9.37 3.97
C LYS A 371 15.25 10.02 4.77
N ILE A 372 14.91 10.79 5.82
CA ILE A 372 15.89 11.34 6.76
C ILE A 372 16.53 10.20 7.56
N PRO A 373 17.87 10.03 7.49
CA PRO A 373 18.60 9.08 8.35
C PRO A 373 18.39 9.27 9.86
N THR A 374 18.17 8.16 10.56
CA THR A 374 17.73 8.11 11.97
C THR A 374 18.73 8.68 12.97
N ASN A 375 20.02 8.31 12.82
CA ASN A 375 21.11 8.77 13.68
C ASN A 375 21.77 10.07 13.20
N LEU A 376 22.27 10.05 11.97
CA LEU A 376 22.87 11.22 11.28
C LEU A 376 23.89 11.99 12.13
N GLU A 377 24.85 11.27 12.71
CA GLU A 377 25.92 11.88 13.51
C GLU A 377 27.29 11.80 12.82
N GLY A 378 27.37 11.08 11.70
CA GLY A 378 28.63 10.93 10.94
C GLY A 378 28.76 11.73 9.65
N TYR A 379 28.00 12.81 9.51
CA TYR A 379 27.99 13.65 8.29
C TYR A 379 28.68 14.99 8.55
N SER A 380 29.11 15.66 7.47
CA SER A 380 29.78 16.96 7.61
C SER A 380 28.86 18.02 8.22
N LYS A 381 29.44 19.15 8.64
CA LYS A 381 28.64 20.27 9.16
C LYS A 381 28.07 21.08 7.98
N GLU A 382 28.74 21.05 6.84
CA GLU A 382 28.25 21.69 5.59
C GLU A 382 26.97 21.00 5.07
N SER A 383 27.00 19.66 5.06
CA SER A 383 25.86 18.81 4.72
C SER A 383 24.64 19.03 5.62
N LEU A 384 24.88 19.17 6.93
CA LEU A 384 23.80 19.25 7.92
C LEU A 384 23.22 20.64 8.09
N GLU A 385 24.04 21.66 7.89
CA GLU A 385 23.55 23.05 7.88
C GLU A 385 22.53 23.24 6.75
N ALA A 386 22.80 22.62 5.60
CA ALA A 386 21.91 22.70 4.42
C ALA A 386 20.59 21.96 4.65
N LEU A 387 20.64 20.83 5.34
CA LEU A 387 19.46 20.07 5.74
C LEU A 387 18.67 20.77 6.85
N ASP A 388 19.38 21.41 7.77
CA ASP A 388 18.72 22.20 8.80
C ASP A 388 17.90 23.31 8.15
N ALA A 389 18.51 24.04 7.22
CA ALA A 389 17.88 25.22 6.60
C ALA A 389 16.63 24.90 5.76
N ALA A 390 16.62 23.69 5.19
CA ALA A 390 15.57 23.22 4.30
C ALA A 390 14.39 22.75 5.14
N LYS A 391 14.72 22.02 6.20
CA LYS A 391 13.75 21.57 7.18
C LYS A 391 13.07 22.77 7.86
N THR A 392 13.81 23.84 8.15
CA THR A 392 13.28 25.04 8.80
C THR A 392 12.36 25.86 7.88
N ALA A 393 12.66 25.80 6.59
CA ALA A 393 11.93 26.58 5.59
C ALA A 393 10.60 25.89 5.18
N LEU A 394 10.40 24.65 5.62
CA LEU A 394 9.14 23.94 5.37
C LEU A 394 7.97 24.72 5.95
N ASN A 395 6.89 24.77 5.16
CA ASN A 395 5.66 25.46 5.51
C ASN A 395 4.49 24.46 5.51
N TYR A 396 3.91 24.20 6.69
CA TYR A 396 2.80 23.24 6.83
C TYR A 396 1.45 23.90 6.68
N ASN A 397 1.44 25.22 6.54
CA ASN A 397 0.21 25.99 6.48
C ASN A 397 -0.31 26.28 5.07
N LEU A 398 0.20 25.60 4.05
CA LEU A 398 -0.17 26.00 2.67
C LEU A 398 -1.52 25.43 2.22
N ASN A 399 -2.31 26.28 1.56
CA ASN A 399 -3.58 25.84 0.99
C ASN A 399 -3.39 25.38 -0.47
N ARG A 400 -4.44 24.84 -1.06
CA ARG A 400 -4.36 24.19 -2.37
C ARG A 400 -3.90 25.10 -3.56
N ASN A 401 -3.88 26.43 -3.36
CA ASN A 401 -3.41 27.39 -4.36
C ASN A 401 -1.89 27.45 -4.45
N LYS A 402 -1.22 26.82 -3.49
CA LYS A 402 0.25 26.90 -3.38
C LYS A 402 0.94 25.56 -3.48
N GLN A 403 0.49 24.70 -4.36
CA GLN A 403 1.18 23.44 -4.53
C GLN A 403 2.61 23.68 -4.99
N ALA A 404 2.78 24.58 -5.96
CA ALA A 404 4.10 24.90 -6.53
C ALA A 404 5.05 25.37 -5.44
N GLU A 405 4.57 26.35 -4.66
CA GLU A 405 5.32 26.91 -3.53
C GLU A 405 5.74 25.80 -2.58
N LEU A 406 4.90 24.80 -2.40
CA LEU A 406 5.23 23.67 -1.53
C LEU A 406 6.20 22.71 -2.19
N ASP A 407 6.00 22.47 -3.48
CA ASP A 407 6.83 21.51 -4.21
C ASP A 407 8.28 21.98 -4.22
N THR A 408 8.49 23.27 -4.47
CA THR A 408 9.83 23.88 -4.39
C THR A 408 10.47 23.61 -3.03
N LEU A 409 9.75 23.86 -1.95
CA LEU A 409 10.23 23.62 -0.59
C LEU A 409 10.63 22.16 -0.41
N VAL A 410 9.85 21.23 -0.95
CA VAL A 410 10.19 19.82 -0.81
C VAL A 410 11.36 19.42 -1.72
N ALA A 411 11.45 20.07 -2.88
CA ALA A 411 12.56 19.87 -3.80
C ALA A 411 13.88 20.16 -3.07
N ASN A 412 13.93 21.29 -2.35
CA ASN A 412 15.13 21.71 -1.61
C ASN A 412 15.46 20.72 -0.49
N LEU A 413 14.44 20.19 0.18
CA LEU A 413 14.65 19.14 1.17
C LEU A 413 15.27 17.89 0.55
N LYS A 414 14.87 17.56 -0.66
CA LYS A 414 15.40 16.40 -1.37
C LYS A 414 16.85 16.67 -1.68
N ALA A 415 17.12 17.84 -2.28
CA ALA A 415 18.46 18.23 -2.66
C ALA A 415 19.41 18.25 -1.46
N ALA A 416 18.95 18.71 -0.31
CA ALA A 416 19.78 18.72 0.89
C ALA A 416 20.04 17.31 1.40
N LEU A 417 19.04 16.44 1.27
CA LEU A 417 19.18 15.04 1.68
C LEU A 417 20.12 14.28 0.73
N GLN A 418 19.95 14.51 -0.58
CA GLN A 418 20.87 14.02 -1.61
C GLN A 418 22.25 14.66 -1.48
N GLY A 419 22.34 15.77 -0.75
CA GLY A 419 23.59 16.53 -0.59
C GLY A 419 24.48 16.15 0.59
N LEU A 420 24.00 15.28 1.47
CA LEU A 420 24.76 14.82 2.64
C LEU A 420 26.01 14.02 2.27
N LYS A 421 26.99 14.00 3.17
CA LYS A 421 28.28 13.29 2.98
C LYS A 421 29.15 13.26 4.25
N PRO A 422 29.88 12.14 4.46
CA PRO A 422 30.72 11.96 5.67
C PRO A 422 31.77 13.05 5.85
N GLY B 2 -7.84 -32.96 -21.93
CA GLY B 2 -9.06 -32.13 -22.00
C GLY B 2 -9.25 -31.33 -23.29
N SER B 3 -10.42 -31.46 -23.89
CA SER B 3 -10.91 -30.42 -24.78
C SER B 3 -11.31 -29.24 -23.87
N HIS B 4 -11.73 -29.57 -22.65
CA HIS B 4 -11.89 -28.60 -21.56
C HIS B 4 -10.65 -27.74 -21.42
N MET B 5 -9.48 -28.39 -21.45
CA MET B 5 -8.23 -27.68 -21.32
C MET B 5 -7.94 -26.79 -22.55
N GLU B 6 -8.23 -27.32 -23.74
CA GLU B 6 -7.97 -26.64 -25.01
C GLU B 6 -8.78 -25.36 -25.17
N LYS B 7 -10.01 -25.40 -24.72
CA LYS B 7 -10.90 -24.27 -24.84
C LYS B 7 -10.38 -23.15 -23.98
N LEU B 8 -10.04 -23.44 -22.73
CA LEU B 8 -9.55 -22.41 -21.80
C LEU B 8 -8.19 -21.88 -22.21
N ALA B 9 -7.45 -22.66 -23.00
CA ALA B 9 -6.16 -22.22 -23.49
C ALA B 9 -6.25 -21.22 -24.66
N LYS B 10 -7.42 -21.12 -25.28
CA LYS B 10 -7.57 -20.19 -26.40
C LYS B 10 -7.52 -18.77 -25.92
N ASN B 11 -7.13 -17.86 -26.78
CA ASN B 11 -7.18 -16.43 -26.43
C ASN B 11 -8.59 -15.89 -26.48
N LYS B 12 -8.97 -15.08 -25.50
CA LYS B 12 -10.25 -14.36 -25.57
C LYS B 12 -9.87 -12.91 -25.42
N VAL B 13 -9.97 -12.17 -26.52
CA VAL B 13 -9.44 -10.81 -26.56
C VAL B 13 -10.51 -9.74 -26.71
N ILE B 14 -10.44 -8.70 -25.89
CA ILE B 14 -11.20 -7.49 -26.11
C ILE B 14 -10.26 -6.45 -26.75
N SER B 15 -10.64 -5.94 -27.93
CA SER B 15 -9.81 -4.94 -28.62
C SER B 15 -10.33 -3.54 -28.43
N ILE B 16 -9.45 -2.59 -28.09
CA ILE B 16 -9.82 -1.18 -27.86
C ILE B 16 -9.02 -0.24 -28.74
N ASP B 17 -9.73 0.51 -29.57
CA ASP B 17 -9.15 1.44 -30.51
C ASP B 17 -8.81 2.69 -29.73
N ALA B 18 -7.64 2.69 -29.09
CA ALA B 18 -7.21 3.88 -28.35
C ALA B 18 -6.16 4.61 -29.16
N GLY B 19 -6.29 4.52 -30.46
CA GLY B 19 -5.44 5.31 -31.32
C GLY B 19 -6.21 6.48 -31.90
N ARG B 20 -7.41 6.19 -32.42
CA ARG B 20 -8.27 7.23 -32.91
C ARG B 20 -8.72 8.14 -31.76
N LYS B 21 -8.91 7.57 -30.58
CA LYS B 21 -9.58 8.23 -29.47
C LYS B 21 -8.79 7.99 -28.17
N TYR B 22 -8.64 9.02 -27.34
CA TYR B 22 -7.86 8.88 -26.10
C TYR B 22 -8.69 8.10 -25.07
N PHE B 23 -8.04 7.18 -24.37
CA PHE B 23 -8.61 6.56 -23.16
C PHE B 23 -7.66 6.85 -21.99
N THR B 24 -8.21 7.17 -20.80
CA THR B 24 -7.35 7.39 -19.63
C THR B 24 -6.74 6.06 -19.21
N LEU B 25 -5.65 6.11 -18.45
CA LEU B 25 -5.09 4.94 -17.84
C LEU B 25 -6.16 4.25 -17.02
N ASN B 26 -6.96 5.02 -16.28
CA ASN B 26 -8.00 4.46 -15.46
C ASN B 26 -9.12 3.78 -16.25
N GLN B 27 -9.50 4.34 -17.39
CA GLN B 27 -10.49 3.66 -18.26
C GLN B 27 -9.92 2.36 -18.78
N LEU B 28 -8.65 2.35 -19.11
CA LEU B 28 -8.06 1.10 -19.60
C LEU B 28 -7.93 0.09 -18.46
N LYS B 29 -7.54 0.56 -17.27
CA LYS B 29 -7.47 -0.31 -16.11
C LYS B 29 -8.85 -0.97 -15.85
N ARG B 30 -9.93 -0.22 -16.02
CA ARG B 30 -11.25 -0.79 -15.77
C ARG B 30 -11.62 -1.86 -16.81
N ILE B 31 -11.39 -1.56 -18.08
CA ILE B 31 -11.49 -2.59 -19.13
C ILE B 31 -10.68 -3.84 -18.78
N VAL B 32 -9.43 -3.68 -18.36
CA VAL B 32 -8.59 -4.82 -17.90
C VAL B 32 -9.22 -5.62 -16.75
N ASP B 33 -9.71 -4.90 -15.75
CA ASP B 33 -10.42 -5.49 -14.61
C ASP B 33 -11.68 -6.27 -15.07
N LYS B 34 -12.53 -5.66 -15.89
CA LYS B 34 -13.72 -6.36 -16.41
C LYS B 34 -13.37 -7.57 -17.29
N ALA B 35 -12.40 -7.39 -18.18
CA ALA B 35 -11.82 -8.50 -18.94
C ALA B 35 -11.40 -9.70 -18.07
N SER B 36 -10.69 -9.40 -16.96
CA SER B 36 -10.25 -10.42 -16.01
C SER B 36 -11.45 -11.17 -15.41
N GLU B 37 -12.42 -10.39 -14.91
CA GLU B 37 -13.58 -10.94 -14.25
C GLU B 37 -14.40 -11.80 -15.18
N LEU B 38 -14.59 -11.33 -16.41
CA LEU B 38 -15.44 -12.05 -17.37
C LEU B 38 -14.75 -13.27 -17.96
N GLY B 39 -13.43 -13.39 -17.74
CA GLY B 39 -12.67 -14.59 -18.13
C GLY B 39 -11.92 -14.54 -19.46
N TYR B 40 -11.68 -13.33 -19.96
CA TYR B 40 -10.82 -13.03 -21.11
C TYR B 40 -9.39 -13.30 -20.75
N SER B 41 -8.53 -13.39 -21.76
CA SER B 41 -7.10 -13.61 -21.58
C SER B 41 -6.22 -12.38 -21.92
N ASP B 42 -6.71 -11.51 -22.81
CA ASP B 42 -5.91 -10.35 -23.25
C ASP B 42 -6.74 -9.12 -23.58
N VAL B 43 -6.10 -7.96 -23.47
CA VAL B 43 -6.63 -6.76 -24.02
C VAL B 43 -5.73 -6.36 -25.18
N HIS B 44 -6.35 -6.15 -26.33
CA HIS B 44 -5.67 -5.68 -27.53
C HIS B 44 -5.86 -4.20 -27.60
N LEU B 45 -4.74 -3.49 -27.61
CA LEU B 45 -4.78 -2.09 -27.46
C LEU B 45 -4.13 -1.38 -28.62
N LEU B 46 -4.95 -0.81 -29.51
CA LEU B 46 -4.43 -0.03 -30.63
C LEU B 46 -3.96 1.28 -30.05
N LEU B 47 -2.67 1.58 -30.28
CA LEU B 47 -2.06 2.78 -29.75
C LEU B 47 -1.68 3.72 -30.89
N GLY B 48 -1.34 3.15 -32.04
CA GLY B 48 -1.27 3.87 -33.30
C GLY B 48 -2.32 3.31 -34.23
N ASN B 49 -3.29 4.14 -34.55
CA ASN B 49 -4.39 3.81 -35.46
C ASN B 49 -5.06 5.15 -35.79
N ASP B 50 -4.68 5.72 -36.94
CA ASP B 50 -4.95 7.12 -37.33
C ASP B 50 -4.15 8.10 -36.46
N GLY B 51 -4.64 8.38 -35.25
CA GLY B 51 -3.83 9.12 -34.26
C GLY B 51 -2.75 8.22 -33.61
N LEU B 52 -1.68 8.85 -33.13
CA LEU B 52 -0.63 8.14 -32.41
C LEU B 52 -0.59 8.63 -30.97
N ARG B 53 -0.99 7.74 -30.07
CA ARG B 53 -1.42 8.07 -28.70
C ARG B 53 -0.58 7.40 -27.62
N PHE B 54 0.72 7.30 -27.88
CA PHE B 54 1.66 6.68 -26.99
C PHE B 54 3.01 7.30 -27.25
N LEU B 55 3.60 7.91 -26.24
CA LEU B 55 4.96 8.43 -26.36
C LEU B 55 5.88 7.69 -25.40
N LEU B 56 7.01 7.21 -25.93
CA LEU B 56 8.07 6.70 -25.08
C LEU B 56 8.72 7.87 -24.33
N ASP B 57 9.37 7.58 -23.20
CA ASP B 57 10.18 8.62 -22.53
C ASP B 57 11.23 9.17 -23.46
N ASP B 58 11.92 8.29 -24.19
CA ASP B 58 12.94 8.72 -25.11
C ASP B 58 12.54 8.43 -26.55
N MET B 59 12.14 9.48 -27.25
CA MET B 59 11.68 9.33 -28.64
C MET B 59 12.73 9.66 -29.69
N THR B 60 14.00 9.70 -29.28
CA THR B 60 15.11 9.84 -30.25
C THR B 60 15.06 8.78 -31.38
N ILE B 61 15.17 9.20 -32.65
CA ILE B 61 15.15 8.27 -33.80
C ILE B 61 16.35 8.54 -34.72
N THR B 62 16.95 7.46 -35.20
CA THR B 62 18.04 7.55 -36.17
C THR B 62 17.64 6.86 -37.45
N ALA B 63 17.67 7.61 -38.54
CA ALA B 63 17.20 7.20 -39.86
C ALA B 63 17.67 8.20 -40.89
N ASN B 64 17.89 7.72 -42.11
CA ASN B 64 18.25 8.56 -43.22
C ASN B 64 19.59 9.28 -42.99
N GLY B 65 20.48 8.61 -42.25
CA GLY B 65 21.81 9.12 -41.98
C GLY B 65 21.82 10.34 -41.04
N LYS B 66 20.72 10.54 -40.32
N LYS B 66 20.73 10.55 -40.33
CA LYS B 66 20.61 11.64 -39.39
CA LYS B 66 20.67 11.61 -39.34
C LYS B 66 19.83 11.21 -38.15
C LYS B 66 19.90 11.17 -38.10
N THR B 67 19.82 12.05 -37.13
CA THR B 67 19.15 11.75 -35.90
C THR B 67 18.07 12.78 -35.70
N TYR B 68 16.91 12.35 -35.20
CA TYR B 68 15.82 13.26 -34.92
C TYR B 68 15.66 13.31 -33.41
N ALA B 69 15.79 14.50 -32.83
CA ALA B 69 15.81 14.63 -31.37
C ALA B 69 14.47 14.31 -30.69
N SER B 70 14.57 13.65 -29.56
CA SER B 70 13.42 13.17 -28.80
C SER B 70 12.34 14.22 -28.65
N ASP B 71 12.69 15.40 -28.18
CA ASP B 71 11.71 16.48 -27.99
C ASP B 71 11.05 16.91 -29.30
N ASP B 72 11.80 16.84 -30.39
CA ASP B 72 11.30 17.21 -31.73
C ASP B 72 10.31 16.16 -32.24
N VAL B 73 10.68 14.88 -32.06
CA VAL B 73 9.79 13.75 -32.38
C VAL B 73 8.50 13.78 -31.56
N LYS B 74 8.58 14.05 -30.26
CA LYS B 74 7.36 14.10 -29.42
C LYS B 74 6.41 15.23 -29.81
N LYS B 75 6.98 16.39 -30.13
CA LYS B 75 6.22 17.59 -30.53
C LYS B 75 5.50 17.38 -31.85
N ALA B 76 6.24 16.87 -32.83
CA ALA B 76 5.72 16.49 -34.12
C ALA B 76 4.57 15.48 -34.00
N ILE B 77 4.75 14.41 -33.21
CA ILE B 77 3.69 13.39 -33.03
C ILE B 77 2.46 14.00 -32.37
N ILE B 78 2.64 14.84 -31.35
CA ILE B 78 1.47 15.47 -30.71
C ILE B 78 0.75 16.31 -31.74
N GLU B 79 1.52 17.00 -32.59
CA GLU B 79 0.90 17.78 -33.66
C GLU B 79 0.14 16.90 -34.65
N GLY B 80 0.78 15.84 -35.14
CA GLY B 80 0.09 14.87 -35.99
C GLY B 80 -1.25 14.39 -35.42
N THR B 81 -1.22 13.95 -34.17
CA THR B 81 -2.38 13.36 -33.51
C THR B 81 -3.48 14.40 -33.30
N LYS B 82 -3.09 15.63 -32.96
CA LYS B 82 -4.10 16.69 -32.80
C LYS B 82 -4.69 17.04 -34.13
N ALA B 83 -3.89 16.99 -35.21
CA ALA B 83 -4.43 17.26 -36.55
C ALA B 83 -5.42 16.21 -36.93
N TYR B 84 -5.18 14.96 -36.54
CA TYR B 84 -6.17 13.94 -36.80
C TYR B 84 -7.45 14.21 -35.99
N TYR B 85 -7.30 14.45 -34.70
CA TYR B 85 -8.42 14.68 -33.82
C TYR B 85 -7.92 15.17 -32.47
N ASP B 86 -8.04 16.48 -32.25
CA ASP B 86 -7.64 17.13 -31.00
C ASP B 86 -8.59 16.78 -29.86
N ASP B 87 -8.39 15.60 -29.28
CA ASP B 87 -9.30 15.05 -28.28
C ASP B 87 -9.26 15.86 -26.99
N PRO B 88 -10.41 16.39 -26.52
CA PRO B 88 -10.40 17.14 -25.22
C PRO B 88 -10.06 16.29 -23.97
N ASN B 89 -10.28 14.98 -24.03
CA ASN B 89 -9.97 14.08 -22.90
C ASN B 89 -8.47 13.81 -22.69
N GLY B 90 -7.66 14.00 -23.74
CA GLY B 90 -6.19 13.83 -23.69
C GLY B 90 -5.57 13.48 -25.05
N THR B 91 -4.25 13.51 -25.13
CA THR B 91 -3.56 13.29 -26.40
C THR B 91 -2.93 11.90 -26.51
N ALA B 92 -2.00 11.57 -25.62
CA ALA B 92 -1.18 10.33 -25.68
C ALA B 92 -0.92 9.78 -24.30
N LEU B 93 -0.78 8.47 -24.20
CA LEU B 93 -0.42 7.84 -22.95
C LEU B 93 1.09 7.93 -22.83
N THR B 94 1.59 7.97 -21.60
CA THR B 94 3.03 8.04 -21.35
C THR B 94 3.58 6.63 -21.17
N GLN B 95 4.91 6.52 -21.21
CA GLN B 95 5.59 5.28 -20.95
C GLN B 95 5.19 4.73 -19.58
N ALA B 96 5.22 5.60 -18.57
CA ALA B 96 4.86 5.23 -17.22
C ALA B 96 3.45 4.66 -17.12
N GLU B 97 2.51 5.28 -17.82
CA GLU B 97 1.12 4.75 -17.79
C GLU B 97 1.00 3.37 -18.43
N VAL B 98 1.62 3.19 -19.59
CA VAL B 98 1.55 1.90 -20.27
C VAL B 98 2.25 0.81 -19.46
N THR B 99 3.40 1.16 -18.89
CA THR B 99 4.14 0.24 -17.97
C THR B 99 3.29 -0.17 -16.79
N GLU B 100 2.63 0.79 -16.15
CA GLU B 100 1.68 0.50 -15.08
C GLU B 100 0.56 -0.41 -15.57
N LEU B 101 0.00 -0.13 -16.74
CA LEU B 101 -1.11 -0.94 -17.29
C LEU B 101 -0.66 -2.37 -17.52
N ILE B 102 0.52 -2.54 -18.12
CA ILE B 102 1.06 -3.89 -18.35
C ILE B 102 1.19 -4.66 -17.04
N GLU B 103 1.68 -4.00 -15.99
CA GLU B 103 1.88 -4.71 -14.74
C GLU B 103 0.53 -4.98 -14.09
N TYR B 104 -0.36 -4.00 -14.14
CA TYR B 104 -1.69 -4.18 -13.62
C TYR B 104 -2.40 -5.37 -14.29
N ALA B 105 -2.41 -5.37 -15.63
CA ALA B 105 -2.95 -6.48 -16.39
C ALA B 105 -2.28 -7.80 -16.04
N LYS B 106 -0.95 -7.80 -15.97
CA LYS B 106 -0.19 -9.04 -15.59
C LYS B 106 -0.63 -9.65 -14.25
N SER B 107 -0.88 -8.77 -13.28
CA SER B 107 -1.35 -9.18 -11.97
C SER B 107 -2.75 -9.80 -11.99
N LYS B 108 -3.46 -9.64 -13.12
CA LYS B 108 -4.79 -10.21 -13.28
C LYS B 108 -4.90 -11.35 -14.29
N ASP B 109 -3.74 -11.96 -14.61
CA ASP B 109 -3.60 -12.91 -15.73
C ASP B 109 -4.22 -12.41 -17.04
N ILE B 110 -4.06 -11.12 -17.29
CA ILE B 110 -4.46 -10.49 -18.55
C ILE B 110 -3.21 -10.03 -19.25
N GLY B 111 -3.03 -10.49 -20.48
CA GLY B 111 -1.98 -9.97 -21.34
C GLY B 111 -2.41 -8.70 -22.11
N LEU B 112 -1.44 -7.84 -22.41
CA LEU B 112 -1.70 -6.70 -23.26
C LEU B 112 -1.14 -7.00 -24.64
N ILE B 113 -1.91 -6.74 -25.70
CA ILE B 113 -1.40 -6.85 -27.07
C ILE B 113 -1.44 -5.47 -27.73
N PRO B 114 -0.31 -4.75 -27.80
CA PRO B 114 -0.31 -3.44 -28.43
C PRO B 114 -0.35 -3.49 -29.95
N ALA B 115 -0.90 -2.43 -30.54
CA ALA B 115 -0.96 -2.25 -32.00
C ALA B 115 -0.50 -0.85 -32.43
N ILE B 116 0.48 -0.79 -33.34
CA ILE B 116 0.91 0.48 -33.95
C ILE B 116 0.73 0.27 -35.43
N ASN B 117 -0.24 0.97 -36.01
CA ASN B 117 -0.61 0.70 -37.40
C ASN B 117 0.27 1.40 -38.44
N SER B 118 0.53 0.68 -39.55
CA SER B 118 1.16 1.21 -40.76
C SER B 118 1.07 0.07 -41.82
N PRO B 119 1.22 0.39 -43.14
CA PRO B 119 1.40 1.72 -43.74
C PRO B 119 0.10 2.50 -43.87
N GLY B 120 -1.03 1.91 -43.48
CA GLY B 120 -2.30 2.61 -43.54
C GLY B 120 -2.56 3.16 -42.14
N HIS B 121 -3.71 3.78 -41.98
CA HIS B 121 -4.15 4.30 -40.67
C HIS B 121 -3.05 5.02 -39.89
N MET B 122 -2.40 5.99 -40.54
CA MET B 122 -1.25 6.64 -39.91
C MET B 122 -1.19 8.13 -40.20
N ASP B 123 -2.38 8.76 -40.30
CA ASP B 123 -2.56 10.21 -40.31
C ASP B 123 -1.57 10.95 -39.43
N ALA B 124 -1.48 10.55 -38.16
CA ALA B 124 -0.66 11.29 -37.21
C ALA B 124 0.83 11.19 -37.57
N MET B 125 1.30 9.99 -37.91
CA MET B 125 2.70 9.84 -38.33
C MET B 125 3.05 10.58 -39.63
N LEU B 126 2.12 10.63 -40.59
CA LEU B 126 2.33 11.37 -41.82
C LEU B 126 2.60 12.83 -41.53
N VAL B 127 1.71 13.46 -40.74
CA VAL B 127 1.85 14.85 -40.40
C VAL B 127 3.12 15.08 -39.57
N ALA B 128 3.33 14.24 -38.55
CA ALA B 128 4.56 14.31 -37.77
C ALA B 128 5.79 14.25 -38.68
N MET B 129 5.78 13.39 -39.70
CA MET B 129 6.96 13.35 -40.59
C MET B 129 7.12 14.64 -41.41
N GLU B 130 6.01 15.30 -41.75
CA GLU B 130 6.12 16.55 -42.44
C GLU B 130 6.78 17.56 -41.51
N LYS B 131 6.30 17.63 -40.26
CA LYS B 131 6.86 18.55 -39.27
C LYS B 131 8.36 18.34 -38.99
N LEU B 132 8.82 17.10 -39.13
CA LEU B 132 10.25 16.79 -38.96
C LEU B 132 11.07 17.02 -40.23
N GLY B 133 10.42 17.50 -41.30
CA GLY B 133 11.12 17.81 -42.56
C GLY B 133 11.17 16.69 -43.57
N ILE B 134 10.44 15.59 -43.33
CA ILE B 134 10.25 14.56 -44.35
C ILE B 134 9.06 14.98 -45.24
N LYS B 135 9.34 15.35 -46.49
CA LYS B 135 8.32 15.92 -47.41
C LYS B 135 7.55 14.81 -48.06
N ASN B 136 6.26 15.02 -48.31
CA ASN B 136 5.44 14.11 -49.12
C ASN B 136 5.52 12.64 -48.68
N PRO B 137 5.24 12.37 -47.40
CA PRO B 137 5.30 10.96 -47.01
C PRO B 137 4.07 10.15 -47.48
N GLN B 138 3.01 10.83 -47.91
CA GLN B 138 1.71 10.21 -48.20
C GLN B 138 1.65 9.55 -49.57
N ALA B 139 0.98 8.40 -49.62
CA ALA B 139 0.67 7.71 -50.86
C ALA B 139 -0.15 8.63 -51.75
N HIS B 140 -0.12 8.36 -53.06
CA HIS B 140 -0.73 9.25 -54.03
C HIS B 140 -1.35 8.48 -55.17
N PHE B 141 -2.68 8.42 -55.19
CA PHE B 141 -3.40 7.75 -56.27
C PHE B 141 -4.39 8.71 -56.97
N ASP B 142 -5.70 8.48 -56.90
CA ASP B 142 -6.65 9.47 -57.45
C ASP B 142 -6.56 10.81 -56.71
N LYS B 143 -5.88 10.81 -55.57
CA LYS B 143 -5.59 12.03 -54.82
C LYS B 143 -4.53 11.71 -53.78
N VAL B 144 -3.95 12.75 -53.16
CA VAL B 144 -2.97 12.54 -52.08
C VAL B 144 -3.68 11.96 -50.85
N SER B 145 -3.20 10.80 -50.37
CA SER B 145 -3.78 10.18 -49.17
C SER B 145 -3.58 11.04 -47.94
N LYS B 146 -4.47 10.88 -46.97
CA LYS B 146 -4.22 11.45 -45.67
C LYS B 146 -3.92 10.37 -44.64
N THR B 147 -4.06 9.12 -45.03
CA THR B 147 -4.03 8.06 -44.04
C THR B 147 -2.83 7.17 -44.17
N THR B 148 -2.24 7.15 -45.37
CA THR B 148 -1.35 6.08 -45.78
C THR B 148 -0.01 6.59 -46.30
N MET B 149 1.07 5.90 -45.92
CA MET B 149 2.43 6.15 -46.43
C MET B 149 2.69 5.66 -47.86
N ASP B 150 3.49 6.46 -48.58
CA ASP B 150 4.00 6.14 -49.92
C ASP B 150 5.12 5.09 -49.83
N LEU B 151 4.88 3.90 -50.36
CA LEU B 151 5.87 2.82 -50.26
C LEU B 151 7.16 3.11 -51.04
N LYS B 152 7.10 4.09 -51.93
CA LYS B 152 8.24 4.49 -52.75
C LYS B 152 9.08 5.58 -52.09
N ASN B 153 8.57 6.17 -51.02
CA ASN B 153 9.30 7.20 -50.33
C ASN B 153 10.23 6.62 -49.26
N GLU B 154 11.50 6.46 -49.60
CA GLU B 154 12.50 5.87 -48.70
C GLU B 154 12.62 6.62 -47.38
N GLU B 155 12.73 7.94 -47.47
CA GLU B 155 12.94 8.74 -46.31
C GLU B 155 11.80 8.57 -45.26
N ALA B 156 10.57 8.49 -45.74
CA ALA B 156 9.42 8.27 -44.86
C ALA B 156 9.44 6.84 -44.32
N MET B 157 9.79 5.90 -45.19
CA MET B 157 9.81 4.50 -44.82
C MET B 157 10.89 4.19 -43.78
N ASN B 158 12.07 4.76 -43.96
CA ASN B 158 13.13 4.59 -42.97
C ASN B 158 12.69 5.15 -41.63
N PHE B 159 12.16 6.36 -41.61
CA PHE B 159 11.75 6.95 -40.35
C PHE B 159 10.76 6.05 -39.65
N VAL B 160 9.69 5.66 -40.36
CA VAL B 160 8.61 4.86 -39.77
C VAL B 160 9.12 3.51 -39.24
N LYS B 161 9.89 2.80 -40.06
CA LYS B 161 10.49 1.57 -39.60
C LYS B 161 11.27 1.72 -38.29
N ALA B 162 12.05 2.79 -38.15
CA ALA B 162 12.79 3.00 -36.92
C ALA B 162 11.87 3.34 -35.77
N LEU B 163 10.87 4.17 -36.03
CA LEU B 163 9.90 4.51 -35.02
C LEU B 163 9.13 3.26 -34.54
N ILE B 164 8.81 2.33 -35.44
CA ILE B 164 8.11 1.12 -35.02
C ILE B 164 9.03 0.22 -34.19
N GLY B 165 10.31 0.17 -34.56
CA GLY B 165 11.35 -0.54 -33.81
C GLY B 165 11.55 -0.03 -32.38
N LYS B 166 11.55 1.29 -32.21
CA LYS B 166 11.58 1.85 -30.86
C LYS B 166 10.39 1.38 -30.07
N TYR B 167 9.21 1.37 -30.67
CA TYR B 167 8.04 0.87 -29.93
C TYR B 167 8.24 -0.59 -29.57
N MET B 168 8.67 -1.38 -30.55
CA MET B 168 8.91 -2.79 -30.36
C MET B 168 9.95 -3.03 -29.27
N ASP B 169 11.01 -2.22 -29.25
CA ASP B 169 12.01 -2.31 -28.20
C ASP B 169 11.34 -2.12 -26.86
N PHE B 170 10.42 -1.15 -26.75
CA PHE B 170 9.76 -0.95 -25.46
C PHE B 170 8.90 -2.16 -25.05
N PHE B 171 8.14 -2.76 -25.98
CA PHE B 171 7.30 -3.92 -25.64
C PHE B 171 8.06 -5.26 -25.51
N ALA B 172 9.28 -5.33 -26.01
CA ALA B 172 10.04 -6.59 -25.92
C ALA B 172 10.18 -7.05 -24.45
N GLY B 173 9.86 -8.31 -24.18
CA GLY B 173 9.88 -8.81 -22.82
C GLY B 173 8.77 -8.25 -21.93
N LYS B 174 7.83 -7.49 -22.48
CA LYS B 174 6.71 -7.04 -21.67
C LYS B 174 5.41 -7.65 -22.15
N THR B 175 5.32 -7.89 -23.45
CA THR B 175 4.13 -8.47 -24.02
C THR B 175 4.62 -9.58 -24.98
N LYS B 176 3.79 -10.58 -25.24
CA LYS B 176 4.14 -11.63 -26.20
C LYS B 176 3.92 -11.22 -27.66
N ILE B 177 2.87 -10.45 -27.92
CA ILE B 177 2.44 -10.18 -29.30
C ILE B 177 2.62 -8.70 -29.62
N PHE B 178 2.85 -8.36 -30.88
CA PHE B 178 2.87 -6.97 -31.36
C PHE B 178 2.14 -6.90 -32.68
N ASN B 179 1.04 -6.15 -32.72
CA ASN B 179 0.23 -6.06 -33.93
C ASN B 179 0.65 -4.83 -34.75
N PHE B 180 1.22 -5.08 -35.92
CA PHE B 180 1.64 -3.99 -36.77
C PHE B 180 0.65 -3.59 -37.89
N GLY B 181 -0.51 -4.24 -37.87
CA GLY B 181 -1.70 -3.79 -38.61
C GLY B 181 -1.71 -4.13 -40.08
N THR B 182 -1.39 -3.14 -40.90
CA THR B 182 -1.35 -3.24 -42.35
C THR B 182 -2.70 -3.33 -43.06
N ASP B 183 -3.80 -3.02 -42.38
CA ASP B 183 -5.13 -2.94 -43.03
C ASP B 183 -5.28 -1.66 -43.87
N GLU B 184 -6.09 -1.75 -44.92
CA GLU B 184 -6.53 -0.59 -45.71
C GLU B 184 -5.40 0.28 -46.29
N TYR B 185 -4.83 -0.13 -47.42
CA TYR B 185 -3.83 0.70 -48.08
C TYR B 185 -4.45 1.88 -48.89
N ALA B 186 -4.36 3.11 -48.38
CA ALA B 186 -4.79 4.27 -49.13
C ALA B 186 -6.24 4.18 -49.66
N ASN B 187 -7.14 3.57 -48.88
CA ASN B 187 -8.54 3.51 -49.29
C ASN B 187 -9.20 4.87 -49.61
N ASP B 188 -8.83 5.90 -48.84
CA ASP B 188 -9.34 7.27 -49.00
C ASP B 188 -8.86 7.89 -50.32
N ALA B 189 -7.83 7.31 -50.90
CA ALA B 189 -7.24 7.86 -52.12
C ALA B 189 -7.58 7.05 -53.35
N THR B 190 -8.28 5.91 -53.18
CA THR B 190 -8.58 4.96 -54.25
C THR B 190 -10.03 4.49 -54.30
N SER B 191 -10.93 5.23 -53.65
CA SER B 191 -12.31 4.81 -53.44
C SER B 191 -12.40 3.41 -52.86
N ALA B 192 -11.57 3.12 -51.85
CA ALA B 192 -11.56 1.82 -51.18
C ALA B 192 -11.18 0.61 -52.08
N GLN B 193 -10.18 0.78 -52.92
CA GLN B 193 -9.70 -0.27 -53.79
C GLN B 193 -8.16 -0.33 -53.66
N GLY B 194 -7.66 -0.12 -52.45
CA GLY B 194 -6.22 0.01 -52.21
C GLY B 194 -5.40 -1.12 -52.82
N TRP B 195 -5.78 -2.35 -52.51
CA TRP B 195 -5.04 -3.52 -53.00
C TRP B 195 -5.08 -3.62 -54.47
N TYR B 196 -6.24 -3.43 -55.06
CA TYR B 196 -6.36 -3.33 -56.52
C TYR B 196 -5.40 -2.26 -57.09
N TYR B 197 -5.32 -1.09 -56.46
CA TYR B 197 -4.38 -0.08 -56.97
C TYR B 197 -2.91 -0.49 -56.80
N LEU B 198 -2.57 -1.19 -55.71
CA LEU B 198 -1.19 -1.63 -55.51
C LEU B 198 -0.83 -2.63 -56.62
N LYS B 199 -1.72 -3.60 -56.86
CA LYS B 199 -1.54 -4.52 -57.98
C LYS B 199 -1.41 -3.75 -59.28
N TRP B 200 -2.33 -2.80 -59.49
CA TRP B 200 -2.36 -2.05 -60.77
C TRP B 200 -1.04 -1.40 -61.04
N TYR B 201 -0.47 -0.76 -60.03
CA TYR B 201 0.78 -0.03 -60.23
C TYR B 201 2.00 -0.88 -59.92
N GLN B 202 1.79 -2.18 -59.79
CA GLN B 202 2.90 -3.11 -59.51
C GLN B 202 3.69 -2.72 -58.27
N LEU B 203 2.97 -2.28 -57.23
CA LEU B 203 3.58 -1.83 -55.98
C LEU B 203 3.23 -2.81 -54.86
N TYR B 204 2.51 -3.87 -55.20
CA TYR B 204 2.10 -4.87 -54.19
C TYR B 204 3.28 -5.68 -53.62
N GLY B 205 4.25 -6.05 -54.46
CA GLY B 205 5.53 -6.64 -54.03
C GLY B 205 6.25 -5.76 -52.98
N LYS B 206 6.30 -4.45 -53.25
CA LYS B 206 6.80 -3.46 -52.25
C LYS B 206 5.99 -3.42 -50.97
N PHE B 207 4.67 -3.61 -51.03
CA PHE B 207 3.87 -3.75 -49.82
C PHE B 207 4.27 -4.99 -49.00
N ALA B 208 4.43 -6.13 -49.67
CA ALA B 208 4.84 -7.38 -48.98
C ALA B 208 6.23 -7.26 -48.32
N GLU B 209 7.16 -6.63 -49.04
CA GLU B 209 8.50 -6.36 -48.53
C GLU B 209 8.42 -5.55 -47.22
N TYR B 210 7.60 -4.52 -47.20
CA TYR B 210 7.33 -3.75 -45.98
C TYR B 210 6.71 -4.60 -44.84
N ALA B 211 5.61 -5.30 -45.10
CA ALA B 211 5.05 -6.21 -44.10
C ALA B 211 6.03 -7.31 -43.63
N ASN B 212 6.79 -7.88 -44.54
CA ASN B 212 7.77 -8.92 -44.16
C ASN B 212 8.89 -8.38 -43.25
N THR B 213 9.35 -7.15 -43.54
CA THR B 213 10.29 -6.44 -42.66
C THR B 213 9.74 -6.23 -41.24
N LEU B 214 8.48 -5.81 -41.15
CA LEU B 214 7.81 -5.63 -39.86
C LEU B 214 7.72 -6.96 -39.10
N ALA B 215 7.37 -8.04 -39.80
CA ALA B 215 7.26 -9.34 -39.11
C ALA B 215 8.62 -9.78 -38.55
N ALA B 216 9.68 -9.51 -39.34
CA ALA B 216 11.05 -9.85 -38.97
C ALA B 216 11.54 -9.00 -37.79
N MET B 217 11.17 -7.73 -37.77
CA MET B 217 11.53 -6.85 -36.67
C MET B 217 10.98 -7.33 -35.33
N ALA B 218 9.69 -7.69 -35.34
CA ALA B 218 8.96 -8.30 -34.24
C ALA B 218 9.69 -9.56 -33.77
N LYS B 219 9.96 -10.45 -34.72
CA LYS B 219 10.64 -11.72 -34.45
C LYS B 219 12.01 -11.57 -33.85
N GLU B 220 12.86 -10.69 -34.37
CA GLU B 220 14.18 -10.55 -33.78
C GLU B 220 14.13 -9.99 -32.35
N ARG B 221 13.05 -9.31 -31.96
CA ARG B 221 12.92 -8.75 -30.62
C ARG B 221 12.03 -9.60 -29.72
N GLY B 222 11.88 -10.87 -30.08
CA GLY B 222 11.08 -11.81 -29.28
C GLY B 222 9.61 -11.46 -29.13
N LEU B 223 9.01 -10.91 -30.19
CA LEU B 223 7.59 -10.60 -30.21
C LEU B 223 6.91 -11.42 -31.28
N GLN B 224 5.72 -11.95 -30.98
CA GLN B 224 4.91 -12.64 -31.97
C GLN B 224 4.33 -11.60 -32.89
N PRO B 225 4.68 -11.64 -34.18
CA PRO B 225 4.02 -10.68 -35.06
C PRO B 225 2.57 -11.06 -35.35
N MET B 226 1.72 -10.04 -35.36
CA MET B 226 0.30 -10.13 -35.68
C MET B 226 0.06 -9.02 -36.72
N ALA B 227 -0.84 -9.29 -37.66
CA ALA B 227 -1.29 -8.31 -38.64
C ALA B 227 -2.69 -8.68 -39.04
N PHE B 228 -3.47 -7.69 -39.52
CA PHE B 228 -4.78 -7.99 -40.07
C PHE B 228 -4.64 -8.72 -41.40
N ASN B 229 -5.68 -9.47 -41.79
CA ASN B 229 -5.65 -10.27 -43.04
C ASN B 229 -5.59 -9.49 -44.34
N ASP B 230 -6.12 -8.27 -44.33
CA ASP B 230 -6.44 -7.57 -45.58
C ASP B 230 -5.36 -7.71 -46.64
N GLY B 231 -4.13 -7.36 -46.28
CA GLY B 231 -3.09 -7.19 -47.26
C GLY B 231 -2.40 -8.48 -47.71
N PHE B 232 -2.75 -9.61 -47.09
CA PHE B 232 -2.04 -10.89 -47.24
C PHE B 232 -2.63 -11.79 -48.33
N TYR B 233 -1.80 -12.14 -49.32
CA TYR B 233 -2.18 -13.01 -50.45
C TYR B 233 -3.51 -12.56 -51.07
N TYR B 234 -3.59 -11.29 -51.43
CA TYR B 234 -4.82 -10.70 -51.93
C TYR B 234 -5.34 -11.42 -53.18
N GLU B 235 -6.64 -11.73 -53.15
CA GLU B 235 -7.38 -12.43 -54.21
C GLU B 235 -6.86 -13.84 -54.37
N ASP B 236 -6.41 -14.45 -53.29
CA ASP B 236 -5.85 -15.83 -53.30
C ASP B 236 -4.79 -16.06 -54.38
N LYS B 237 -4.00 -15.03 -54.64
CA LYS B 237 -2.87 -15.14 -55.54
C LYS B 237 -1.56 -15.21 -54.74
N ASP B 238 -0.62 -16.03 -55.19
CA ASP B 238 0.63 -16.19 -54.47
C ASP B 238 1.85 -15.86 -55.32
N ASP B 239 1.71 -14.88 -56.22
CA ASP B 239 2.85 -14.35 -56.99
C ASP B 239 3.81 -13.54 -56.10
N VAL B 240 3.33 -13.14 -54.93
CA VAL B 240 4.11 -12.34 -53.97
C VAL B 240 3.97 -12.99 -52.60
N GLN B 241 5.06 -13.51 -52.07
CA GLN B 241 5.05 -14.28 -50.82
C GLN B 241 5.05 -13.37 -49.58
N PHE B 242 4.45 -13.85 -48.49
CA PHE B 242 4.43 -13.14 -47.20
C PHE B 242 4.97 -14.08 -46.13
N ASP B 243 5.60 -13.50 -45.10
CA ASP B 243 6.14 -14.24 -43.95
C ASP B 243 5.02 -15.10 -43.35
N LYS B 244 5.33 -16.37 -43.09
CA LYS B 244 4.35 -17.39 -42.61
C LYS B 244 4.11 -17.39 -41.10
N ASP B 245 4.94 -16.67 -40.36
CA ASP B 245 4.87 -16.68 -38.88
C ASP B 245 3.89 -15.66 -38.29
N VAL B 246 3.32 -14.82 -39.15
CA VAL B 246 2.48 -13.75 -38.69
C VAL B 246 1.16 -14.38 -38.22
N LEU B 247 0.76 -14.03 -37.01
CA LEU B 247 -0.58 -14.36 -36.51
C LEU B 247 -1.57 -13.48 -37.22
N ILE B 248 -2.48 -14.08 -37.99
CA ILE B 248 -3.42 -13.30 -38.80
C ILE B 248 -4.71 -13.01 -38.04
N SER B 249 -4.93 -11.74 -37.71
CA SER B 249 -6.20 -11.32 -37.15
C SER B 249 -7.24 -11.17 -38.29
N TYR B 250 -8.13 -12.14 -38.43
CA TYR B 250 -8.97 -12.24 -39.63
C TYR B 250 -10.37 -11.67 -39.30
N TRP B 251 -10.78 -10.62 -40.01
CA TRP B 251 -12.02 -9.92 -39.70
C TRP B 251 -13.08 -10.00 -40.77
N SER B 252 -12.71 -10.28 -42.02
CA SER B 252 -13.67 -10.35 -43.12
C SER B 252 -12.97 -10.71 -44.39
N LYS B 253 -13.73 -11.18 -45.37
CA LYS B 253 -13.16 -11.44 -46.69
C LYS B 253 -13.34 -10.24 -47.65
N GLY B 254 -13.94 -9.15 -47.15
CA GLY B 254 -14.20 -8.01 -48.00
C GLY B 254 -15.62 -7.98 -48.56
N TRP B 255 -15.79 -7.27 -49.67
CA TRP B 255 -17.08 -7.10 -50.29
C TRP B 255 -16.82 -7.12 -51.76
N TRP B 256 -17.79 -6.65 -52.55
CA TRP B 256 -17.73 -6.77 -53.99
C TRP B 256 -16.62 -5.92 -54.56
N GLY B 257 -15.71 -6.53 -55.32
CA GLY B 257 -14.52 -5.81 -55.82
C GLY B 257 -13.45 -5.46 -54.78
N TYR B 258 -13.57 -6.03 -53.58
CA TYR B 258 -12.58 -5.85 -52.52
C TYR B 258 -12.26 -7.25 -52.08
N ASN B 259 -11.38 -7.90 -52.82
CA ASN B 259 -11.26 -9.34 -52.81
C ASN B 259 -10.12 -9.86 -51.92
N LEU B 260 -10.29 -9.69 -50.61
CA LEU B 260 -9.32 -10.17 -49.64
C LEU B 260 -9.19 -11.71 -49.77
N ALA B 261 -7.99 -12.24 -49.49
CA ALA B 261 -7.83 -13.68 -49.36
C ALA B 261 -8.88 -14.33 -48.46
N SER B 262 -9.37 -15.50 -48.88
CA SER B 262 -10.26 -16.28 -48.02
C SER B 262 -9.50 -16.91 -46.83
N PRO B 263 -10.22 -17.27 -45.76
CA PRO B 263 -9.58 -17.95 -44.62
C PRO B 263 -9.04 -19.32 -45.02
N GLN B 264 -9.78 -20.01 -45.89
CA GLN B 264 -9.33 -21.31 -46.47
C GLN B 264 -7.97 -21.15 -47.14
N TYR B 265 -7.79 -20.10 -47.92
CA TYR B 265 -6.56 -19.96 -48.67
C TYR B 265 -5.37 -19.66 -47.76
N LEU B 266 -5.56 -18.78 -46.79
CA LEU B 266 -4.52 -18.42 -45.87
C LEU B 266 -4.19 -19.60 -44.96
N ALA B 267 -5.21 -20.32 -44.49
CA ALA B 267 -4.94 -21.52 -43.71
C ALA B 267 -4.12 -22.53 -44.52
N SER B 268 -4.35 -22.60 -45.84
CA SER B 268 -3.57 -23.49 -46.68
C SER B 268 -2.12 -22.97 -46.82
N LYS B 269 -1.92 -21.68 -46.58
CA LYS B 269 -0.55 -21.20 -46.54
C LYS B 269 0.09 -21.41 -45.15
N GLY B 270 -0.61 -22.09 -44.24
CA GLY B 270 -0.07 -22.37 -42.89
C GLY B 270 -0.34 -21.37 -41.77
N TYR B 271 -1.15 -20.33 -42.03
CA TYR B 271 -1.40 -19.27 -41.06
C TYR B 271 -2.27 -19.71 -39.91
N LYS B 272 -1.94 -19.23 -38.71
CA LYS B 272 -2.80 -19.26 -37.54
C LYS B 272 -3.68 -18.01 -37.56
N PHE B 273 -4.89 -18.14 -37.05
CA PHE B 273 -5.82 -17.03 -37.01
C PHE B 273 -6.14 -16.64 -35.59
N LEU B 274 -6.25 -15.34 -35.37
CA LEU B 274 -7.03 -14.83 -34.25
C LEU B 274 -8.35 -14.39 -34.86
N ASN B 275 -9.41 -15.18 -34.63
CA ASN B 275 -10.76 -14.86 -35.07
C ASN B 275 -11.20 -13.48 -34.59
N THR B 276 -11.11 -12.51 -35.50
CA THR B 276 -11.49 -11.13 -35.22
C THR B 276 -12.72 -10.75 -36.07
N ASN B 277 -13.71 -11.64 -36.04
CA ASN B 277 -14.89 -11.55 -36.86
C ASN B 277 -15.59 -10.18 -36.86
N GLY B 278 -15.72 -9.58 -38.05
CA GLY B 278 -16.43 -8.31 -38.24
C GLY B 278 -17.82 -8.29 -37.62
N ASP B 279 -18.44 -9.45 -37.46
CA ASP B 279 -19.75 -9.55 -36.83
C ASP B 279 -19.82 -8.97 -35.42
N TRP B 280 -18.67 -8.98 -34.73
CA TRP B 280 -18.59 -8.63 -33.33
C TRP B 280 -18.22 -7.19 -33.12
N TYR B 281 -17.87 -6.46 -34.19
CA TYR B 281 -17.50 -5.04 -34.14
C TYR B 281 -18.57 -4.09 -33.54
N TYR B 282 -18.16 -3.19 -32.66
CA TYR B 282 -19.01 -2.07 -32.26
C TYR B 282 -18.21 -0.78 -32.38
N ILE B 283 -18.75 0.16 -33.14
CA ILE B 283 -18.15 1.45 -33.39
C ILE B 283 -18.84 2.40 -32.41
N LEU B 284 -18.05 3.06 -31.56
CA LEU B 284 -18.62 3.98 -30.58
C LEU B 284 -19.68 4.84 -31.26
N GLY B 285 -20.88 4.86 -30.70
CA GLY B 285 -21.94 5.76 -31.12
C GLY B 285 -22.74 5.34 -32.34
N GLN B 286 -22.36 4.24 -32.99
CA GLN B 286 -23.10 3.79 -34.18
C GLN B 286 -24.53 3.43 -33.80
N LYS B 287 -25.48 3.85 -34.64
CA LYS B 287 -26.89 3.61 -34.37
C LYS B 287 -27.52 2.63 -35.37
N PRO B 288 -28.65 1.97 -35.00
CA PRO B 288 -29.27 1.01 -35.91
C PRO B 288 -29.45 1.56 -37.33
N GLU B 289 -29.88 2.81 -37.41
CA GLU B 289 -30.16 3.48 -38.70
C GLU B 289 -28.92 3.74 -39.55
N ASP B 290 -27.74 3.67 -38.93
CA ASP B 290 -26.48 3.79 -39.66
C ASP B 290 -26.06 2.47 -40.34
N GLY B 291 -26.77 1.37 -40.06
CA GLY B 291 -26.30 0.03 -40.46
C GLY B 291 -24.98 -0.25 -39.74
N GLY B 292 -24.17 -1.17 -40.26
CA GLY B 292 -22.85 -1.44 -39.69
C GLY B 292 -22.83 -1.99 -38.28
N GLY B 293 -21.73 -1.81 -37.57
CA GLY B 293 -21.60 -2.35 -36.22
C GLY B 293 -22.20 -1.48 -35.13
N PHE B 294 -23.53 -1.43 -35.06
CA PHE B 294 -24.21 -0.78 -33.94
C PHE B 294 -24.30 -1.81 -32.84
N LEU B 295 -24.56 -1.35 -31.61
CA LEU B 295 -24.40 -2.17 -30.41
C LEU B 295 -25.28 -3.45 -30.39
N LYS B 296 -26.57 -3.26 -30.68
CA LYS B 296 -27.54 -4.35 -30.73
C LYS B 296 -27.15 -5.42 -31.77
N LYS B 297 -26.61 -5.02 -32.92
CA LYS B 297 -26.15 -6.02 -33.88
C LYS B 297 -25.00 -6.83 -33.26
N ALA B 298 -24.00 -6.13 -32.75
CA ALA B 298 -22.83 -6.73 -32.12
C ALA B 298 -23.25 -7.68 -30.98
N ILE B 299 -24.08 -7.20 -30.06
CA ILE B 299 -24.60 -8.05 -28.98
C ILE B 299 -25.31 -9.30 -29.51
N GLU B 300 -26.20 -9.14 -30.49
CA GLU B 300 -26.90 -10.28 -31.09
C GLU B 300 -25.91 -11.26 -31.73
N ASN B 301 -24.83 -10.73 -32.33
CA ASN B 301 -23.86 -11.58 -33.01
C ASN B 301 -22.94 -12.37 -32.08
N THR B 302 -22.79 -11.92 -30.84
CA THR B 302 -21.97 -12.69 -29.86
C THR B 302 -22.63 -14.04 -29.61
N GLY B 303 -23.91 -14.11 -29.96
CA GLY B 303 -24.71 -15.34 -29.87
C GLY B 303 -24.90 -16.02 -31.20
N LYS B 304 -25.18 -15.28 -32.28
CA LYS B 304 -25.43 -15.88 -33.60
C LYS B 304 -24.18 -16.44 -34.28
N THR B 305 -23.05 -15.74 -34.18
CA THR B 305 -21.81 -16.18 -34.80
C THR B 305 -21.01 -17.01 -33.80
N PRO B 306 -20.73 -18.30 -34.13
CA PRO B 306 -19.99 -19.15 -33.20
C PRO B 306 -18.57 -18.61 -32.91
N PHE B 307 -18.10 -18.87 -31.66
CA PHE B 307 -16.78 -18.46 -31.20
C PHE B 307 -15.67 -18.77 -32.24
N ASN B 308 -15.71 -19.93 -32.87
CA ASN B 308 -14.65 -20.30 -33.85
C ASN B 308 -14.95 -20.03 -35.29
N GLN B 309 -16.02 -19.29 -35.57
CA GLN B 309 -16.38 -19.07 -36.97
C GLN B 309 -15.63 -17.89 -37.56
N LEU B 310 -14.78 -18.17 -38.54
CA LEU B 310 -14.10 -17.08 -39.25
C LEU B 310 -15.05 -16.44 -40.24
N ALA B 311 -14.94 -15.12 -40.43
CA ALA B 311 -15.82 -14.44 -41.39
C ALA B 311 -15.74 -15.05 -42.79
N SER B 312 -16.89 -15.04 -43.46
CA SER B 312 -17.12 -15.61 -44.76
C SER B 312 -17.20 -17.12 -44.75
N THR B 313 -17.22 -17.74 -43.57
CA THR B 313 -17.32 -19.21 -43.51
C THR B 313 -18.48 -19.65 -42.61
N LYS B 314 -18.92 -20.87 -42.83
CA LYS B 314 -20.00 -21.48 -42.07
C LYS B 314 -19.39 -22.56 -41.16
N TYR B 315 -19.38 -22.31 -39.85
CA TYR B 315 -18.81 -23.26 -38.89
C TYR B 315 -19.93 -24.20 -38.42
N PRO B 316 -19.66 -25.51 -38.23
CA PRO B 316 -18.42 -26.29 -38.34
C PRO B 316 -18.19 -26.94 -39.70
N GLU B 317 -19.07 -26.67 -40.67
CA GLU B 317 -18.84 -27.10 -42.04
C GLU B 317 -17.44 -26.70 -42.52
N VAL B 318 -17.04 -25.47 -42.25
CA VAL B 318 -15.65 -25.10 -42.42
C VAL B 318 -15.13 -24.93 -40.99
N ASP B 319 -14.01 -25.59 -40.69
CA ASP B 319 -13.41 -25.60 -39.36
C ASP B 319 -11.89 -25.39 -39.47
N LEU B 320 -11.48 -24.13 -39.40
CA LEU B 320 -10.08 -23.77 -39.50
C LEU B 320 -9.49 -23.51 -38.12
N PRO B 321 -8.22 -23.92 -37.90
CA PRO B 321 -7.76 -23.78 -36.54
C PRO B 321 -7.48 -22.31 -36.27
N THR B 322 -7.91 -21.89 -35.09
CA THR B 322 -7.70 -20.53 -34.64
C THR B 322 -7.03 -20.62 -33.27
N VAL B 323 -6.29 -19.59 -32.90
CA VAL B 323 -5.71 -19.61 -31.56
C VAL B 323 -6.70 -19.06 -30.52
N GLY B 324 -7.83 -18.53 -30.97
CA GLY B 324 -8.71 -17.77 -30.09
C GLY B 324 -9.49 -16.72 -30.87
N SER B 325 -10.22 -15.86 -30.15
CA SER B 325 -11.08 -14.90 -30.83
C SER B 325 -10.95 -13.52 -30.23
N MET B 326 -11.24 -12.51 -31.04
CA MET B 326 -11.16 -11.12 -30.60
C MET B 326 -12.44 -10.33 -30.88
N LEU B 327 -12.99 -9.71 -29.85
CA LEU B 327 -14.14 -8.84 -30.00
C LEU B 327 -13.67 -7.37 -30.04
N SER B 328 -14.09 -6.61 -31.05
CA SER B 328 -13.44 -5.30 -31.33
C SER B 328 -14.33 -4.05 -31.13
N ILE B 329 -13.80 -3.10 -30.34
CA ILE B 329 -14.38 -1.78 -30.19
C ILE B 329 -13.58 -0.75 -30.99
N TRP B 330 -14.26 -0.03 -31.86
CA TRP B 330 -13.61 0.92 -32.73
C TRP B 330 -14.14 2.29 -32.46
N ALA B 331 -13.35 3.31 -32.80
CA ALA B 331 -13.75 4.69 -32.58
C ALA B 331 -13.72 5.56 -33.85
N ASP B 332 -14.35 5.05 -34.93
CA ASP B 332 -14.29 5.66 -36.28
C ASP B 332 -14.64 7.15 -36.29
N ARG B 333 -15.63 7.49 -35.48
CA ARG B 333 -15.94 8.88 -35.19
CA ARG B 333 -15.95 8.90 -35.18
C ARG B 333 -15.43 9.09 -33.76
N PRO B 334 -14.16 9.57 -33.61
CA PRO B 334 -13.57 9.57 -32.25
C PRO B 334 -14.23 10.51 -31.24
N SER B 335 -15.04 11.46 -31.73
CA SER B 335 -15.76 12.38 -30.83
C SER B 335 -17.03 11.73 -30.28
N ALA B 336 -17.38 10.54 -30.75
CA ALA B 336 -18.48 9.79 -30.11
C ALA B 336 -18.20 9.67 -28.59
N GLU B 337 -19.23 9.48 -27.79
CA GLU B 337 -19.03 9.32 -26.35
C GLU B 337 -18.65 7.87 -26.11
N TYR B 338 -17.52 7.66 -25.40
CA TYR B 338 -17.22 6.32 -24.87
C TYR B 338 -18.04 6.09 -23.61
N LYS B 339 -18.91 5.09 -23.68
CA LYS B 339 -19.78 4.73 -22.57
C LYS B 339 -19.42 3.32 -22.09
N GLU B 340 -18.67 3.25 -21.01
CA GLU B 340 -18.16 2.02 -20.47
C GLU B 340 -19.21 0.91 -20.36
N GLU B 341 -20.41 1.30 -19.94
CA GLU B 341 -21.47 0.34 -19.77
C GLU B 341 -21.82 -0.43 -21.08
N GLU B 342 -21.69 0.21 -22.23
CA GLU B 342 -22.02 -0.45 -23.48
C GLU B 342 -21.00 -1.54 -23.79
N ILE B 343 -19.72 -1.20 -23.61
CA ILE B 343 -18.60 -2.10 -23.91
C ILE B 343 -18.61 -3.27 -22.91
N PHE B 344 -18.94 -2.94 -21.66
CA PHE B 344 -19.11 -3.98 -20.65
C PHE B 344 -20.27 -4.92 -21.00
N GLU B 345 -21.36 -4.37 -21.53
CA GLU B 345 -22.48 -5.22 -21.86
C GLU B 345 -22.09 -6.14 -23.02
N LEU B 346 -21.44 -5.59 -24.04
CA LEU B 346 -20.97 -6.39 -25.15
C LEU B 346 -19.97 -7.47 -24.70
N MET B 347 -19.00 -7.09 -23.87
CA MET B 347 -18.01 -8.04 -23.38
C MET B 347 -18.65 -9.19 -22.60
N THR B 348 -19.62 -8.83 -21.77
CA THR B 348 -20.33 -9.80 -20.94
C THR B 348 -21.12 -10.78 -21.79
N ALA B 349 -21.87 -10.25 -22.77
CA ALA B 349 -22.62 -11.11 -23.70
C ALA B 349 -21.71 -12.11 -24.40
N PHE B 350 -20.58 -11.66 -24.93
CA PHE B 350 -19.66 -12.59 -25.62
C PHE B 350 -19.19 -13.73 -24.68
N ALA B 351 -18.84 -13.35 -23.45
CA ALA B 351 -18.44 -14.32 -22.43
C ALA B 351 -19.60 -15.23 -22.01
N ASP B 352 -20.82 -14.70 -21.91
CA ASP B 352 -22.00 -15.48 -21.50
C ASP B 352 -22.46 -16.50 -22.50
N HIS B 353 -22.16 -16.24 -23.77
CA HIS B 353 -22.49 -17.17 -24.86
C HIS B 353 -21.40 -18.17 -25.05
N ASN B 354 -20.30 -18.02 -24.31
CA ASN B 354 -19.17 -18.90 -24.50
C ASN B 354 -18.51 -19.35 -23.22
N LYS B 355 -19.33 -19.66 -22.22
CA LYS B 355 -18.82 -19.99 -20.87
C LYS B 355 -17.74 -21.07 -20.86
N ASP B 356 -17.78 -21.97 -21.84
N ASP B 356 -17.78 -21.99 -21.82
CA ASP B 356 -16.76 -23.01 -21.97
CA ASP B 356 -16.74 -23.02 -21.95
C ASP B 356 -15.35 -22.47 -22.29
C ASP B 356 -15.34 -22.41 -22.18
N TYR B 357 -15.28 -21.31 -22.92
CA TYR B 357 -14.00 -20.72 -23.34
C TYR B 357 -13.39 -19.74 -22.35
N PHE B 358 -14.25 -19.06 -21.59
CA PHE B 358 -13.85 -18.02 -20.67
C PHE B 358 -13.58 -18.60 -19.29
N ARG B 359 -12.55 -18.09 -18.61
CA ARG B 359 -12.31 -18.46 -17.20
C ARG B 359 -13.41 -17.92 -16.31
N ALA B 360 -13.52 -18.50 -15.11
CA ALA B 360 -14.34 -18.00 -14.03
C ALA B 360 -13.72 -16.69 -13.57
N ASN B 361 -14.35 -16.03 -12.60
CA ASN B 361 -13.85 -14.77 -12.08
C ASN B 361 -12.97 -14.99 -10.85
N TYR B 362 -11.65 -14.80 -11.00
CA TYR B 362 -10.65 -15.10 -9.93
C TYR B 362 -10.29 -13.92 -9.04
N ASN B 363 -10.90 -12.76 -9.28
CA ASN B 363 -10.66 -11.57 -8.48
C ASN B 363 -10.85 -11.76 -6.97
N ALA B 364 -11.98 -12.36 -6.58
CA ALA B 364 -12.26 -12.65 -5.15
C ALA B 364 -11.17 -13.52 -4.55
N LEU B 365 -10.86 -14.64 -5.23
CA LEU B 365 -9.74 -15.48 -4.85
C LEU B 365 -8.46 -14.72 -4.61
N ARG B 366 -8.05 -13.87 -5.57
CA ARG B 366 -6.81 -13.08 -5.41
C ARG B 366 -6.85 -12.14 -4.21
N GLU B 367 -8.02 -11.56 -3.93
CA GLU B 367 -8.17 -10.69 -2.75
C GLU B 367 -8.05 -11.47 -1.45
N GLU B 368 -8.59 -12.68 -1.43
CA GLU B 368 -8.54 -13.53 -0.25
C GLU B 368 -7.14 -14.13 0.00
N LEU B 369 -6.44 -14.51 -1.06
CA LEU B 369 -5.04 -14.91 -0.97
C LEU B 369 -4.16 -13.82 -0.39
N ALA B 370 -4.40 -12.56 -0.74
CA ALA B 370 -3.59 -11.48 -0.19
C ALA B 370 -3.86 -11.16 1.30
N LYS B 371 -4.89 -11.79 1.87
CA LYS B 371 -5.22 -11.66 3.31
C LYS B 371 -4.42 -12.63 4.19
N ILE B 372 -3.71 -13.57 3.57
CA ILE B 372 -2.91 -14.56 4.29
C ILE B 372 -1.70 -13.89 4.94
N PRO B 373 -1.53 -14.07 6.27
CA PRO B 373 -0.39 -13.48 6.98
C PRO B 373 0.94 -13.79 6.34
N THR B 374 1.85 -12.81 6.34
CA THR B 374 3.24 -13.03 5.96
C THR B 374 3.86 -13.94 7.02
N ASN B 375 3.62 -13.57 8.28
CA ASN B 375 4.11 -14.32 9.43
C ASN B 375 3.21 -15.50 9.83
N LEU B 376 3.56 -16.68 9.33
CA LEU B 376 2.92 -17.93 9.70
C LEU B 376 3.75 -18.65 10.77
N GLU B 377 4.01 -17.93 11.86
CA GLU B 377 4.76 -18.47 12.98
C GLU B 377 3.82 -18.74 14.16
N GLY B 378 3.04 -17.73 14.55
CA GLY B 378 2.30 -17.75 15.82
C GLY B 378 1.07 -18.63 15.90
N TYR B 379 0.93 -19.56 14.95
CA TYR B 379 -0.34 -20.29 14.76
C TYR B 379 -0.27 -21.77 15.04
N SER B 380 -1.36 -22.33 15.55
CA SER B 380 -1.44 -23.75 15.87
C SER B 380 -1.36 -24.62 14.63
N LYS B 381 -0.76 -25.81 14.78
CA LYS B 381 -0.70 -26.80 13.70
C LYS B 381 -2.10 -27.11 13.15
N GLU B 382 -3.08 -27.25 14.05
CA GLU B 382 -4.48 -27.58 13.69
C GLU B 382 -5.11 -26.55 12.73
N SER B 383 -5.21 -25.30 13.19
CA SER B 383 -5.73 -24.21 12.36
C SER B 383 -4.82 -23.81 11.19
N LEU B 384 -3.54 -24.19 11.24
CA LEU B 384 -2.65 -23.96 10.11
C LEU B 384 -2.78 -25.01 9.02
N GLU B 385 -3.06 -26.25 9.41
CA GLU B 385 -3.29 -27.32 8.42
C GLU B 385 -4.70 -27.22 7.80
N ALA B 386 -5.58 -26.43 8.41
CA ALA B 386 -6.88 -26.11 7.82
C ALA B 386 -6.70 -25.05 6.71
N LEU B 387 -5.75 -24.14 6.92
CA LEU B 387 -5.35 -23.19 5.89
C LEU B 387 -4.68 -23.87 4.70
N ASP B 388 -3.76 -24.79 4.98
CA ASP B 388 -3.11 -25.59 3.92
C ASP B 388 -4.14 -26.39 3.12
N ALA B 389 -5.11 -26.98 3.84
CA ALA B 389 -6.21 -27.70 3.21
C ALA B 389 -6.99 -26.84 2.20
N ALA B 390 -7.49 -25.67 2.64
CA ALA B 390 -8.22 -24.77 1.74
C ALA B 390 -7.37 -24.32 0.56
N LYS B 391 -6.14 -23.88 0.86
CA LYS B 391 -5.16 -23.44 -0.14
C LYS B 391 -4.89 -24.53 -1.18
N THR B 392 -4.89 -25.79 -0.74
CA THR B 392 -4.69 -26.95 -1.61
C THR B 392 -5.90 -27.20 -2.50
N ALA B 393 -7.07 -26.85 -2.01
CA ALA B 393 -8.31 -27.20 -2.70
C ALA B 393 -8.62 -26.19 -3.82
N LEU B 394 -7.85 -25.10 -3.89
CA LEU B 394 -8.07 -24.11 -4.93
C LEU B 394 -7.86 -24.75 -6.30
N ASN B 395 -8.77 -24.43 -7.20
CA ASN B 395 -8.76 -24.85 -8.58
C ASN B 395 -8.72 -23.60 -9.50
N TYR B 396 -7.57 -23.39 -10.17
CA TYR B 396 -7.35 -22.24 -11.07
C TYR B 396 -7.79 -22.50 -12.51
N ASN B 397 -8.30 -23.71 -12.77
CA ASN B 397 -8.65 -24.11 -14.12
C ASN B 397 -10.16 -24.09 -14.39
N LEU B 398 -10.93 -23.34 -13.62
CA LEU B 398 -12.39 -23.37 -13.80
C LEU B 398 -12.83 -22.37 -14.87
N ASN B 399 -13.79 -22.80 -15.69
CA ASN B 399 -14.40 -21.92 -16.66
C ASN B 399 -15.60 -21.20 -16.07
N ARG B 400 -16.14 -20.27 -16.85
CA ARG B 400 -17.22 -19.36 -16.46
C ARG B 400 -18.54 -20.10 -16.07
N ASN B 401 -18.70 -21.35 -16.50
CA ASN B 401 -19.82 -22.20 -16.03
C ASN B 401 -19.76 -22.53 -14.54
N LYS B 402 -18.61 -22.33 -13.92
CA LYS B 402 -18.37 -22.93 -12.60
C LYS B 402 -18.04 -21.90 -11.55
N GLN B 403 -18.71 -20.76 -11.63
CA GLN B 403 -18.44 -19.70 -10.67
C GLN B 403 -18.82 -20.14 -9.27
N ALA B 404 -19.98 -20.80 -9.14
CA ALA B 404 -20.45 -21.29 -7.85
C ALA B 404 -19.42 -22.22 -7.20
N GLU B 405 -18.85 -23.13 -7.99
CA GLU B 405 -17.82 -24.06 -7.49
C GLU B 405 -16.61 -23.30 -7.02
N LEU B 406 -16.24 -22.26 -7.75
CA LEU B 406 -15.15 -21.40 -7.34
C LEU B 406 -15.49 -20.62 -6.05
N ASP B 407 -16.72 -20.12 -5.97
CA ASP B 407 -17.13 -19.34 -4.81
C ASP B 407 -17.01 -20.15 -3.53
N THR B 408 -17.47 -21.40 -3.57
CA THR B 408 -17.34 -22.34 -2.44
C THR B 408 -15.91 -22.44 -1.96
N LEU B 409 -14.99 -22.71 -2.89
CA LEU B 409 -13.57 -22.87 -2.56
C LEU B 409 -13.01 -21.63 -1.90
N VAL B 410 -13.40 -20.47 -2.42
CA VAL B 410 -12.89 -19.20 -1.92
C VAL B 410 -13.47 -18.90 -0.53
N ALA B 411 -14.72 -19.30 -0.33
CA ALA B 411 -15.38 -19.16 0.97
C ALA B 411 -14.70 -20.07 2.01
N ASN B 412 -14.41 -21.32 1.63
CA ASN B 412 -13.58 -22.24 2.44
C ASN B 412 -12.25 -21.58 2.84
N LEU B 413 -11.59 -20.91 1.90
CA LEU B 413 -10.37 -20.16 2.24
C LEU B 413 -10.63 -19.05 3.25
N LYS B 414 -11.73 -18.31 3.08
CA LYS B 414 -12.08 -17.24 4.05
C LYS B 414 -12.24 -17.85 5.44
N ALA B 415 -12.99 -18.95 5.51
CA ALA B 415 -13.27 -19.63 6.77
C ALA B 415 -11.99 -20.13 7.46
N ALA B 416 -11.08 -20.75 6.68
CA ALA B 416 -9.85 -21.27 7.27
C ALA B 416 -8.97 -20.12 7.75
N LEU B 417 -9.04 -18.99 7.06
CA LEU B 417 -8.20 -17.84 7.36
C LEU B 417 -8.52 -17.20 8.72
N GLN B 418 -9.78 -17.29 9.16
CA GLN B 418 -10.15 -16.93 10.53
C GLN B 418 -10.09 -18.14 11.47
N GLY B 419 -9.07 -18.97 11.26
CA GLY B 419 -8.60 -19.94 12.24
C GLY B 419 -7.33 -19.34 12.82
N LEU B 420 -7.25 -19.28 14.14
CA LEU B 420 -6.32 -18.39 14.82
C LEU B 420 -5.86 -18.96 16.17
N GLY C 2 -4.44 -3.46 51.64
CA GLY C 2 -5.41 -3.57 50.50
C GLY C 2 -5.87 -2.22 49.94
N SER C 3 -7.16 -2.10 49.65
CA SER C 3 -7.68 -0.87 49.07
C SER C 3 -7.98 0.21 50.12
N HIS C 4 -8.40 -0.17 51.33
CA HIS C 4 -8.51 0.80 52.44
C HIS C 4 -7.25 1.64 52.51
N MET C 5 -6.11 0.96 52.53
CA MET C 5 -4.79 1.59 52.50
C MET C 5 -4.57 2.43 51.25
N GLU C 6 -4.87 1.88 50.07
CA GLU C 6 -4.71 2.61 48.79
C GLU C 6 -5.58 3.88 48.71
N LYS C 7 -6.85 3.76 49.07
CA LYS C 7 -7.75 4.90 49.08
C LYS C 7 -7.17 6.04 49.93
N LEU C 8 -6.75 5.73 51.15
CA LEU C 8 -6.20 6.74 52.07
C LEU C 8 -4.84 7.27 51.68
N ALA C 9 -4.07 6.49 50.92
CA ALA C 9 -2.79 6.94 50.44
C ALA C 9 -2.93 7.94 49.29
N LYS C 10 -4.10 8.00 48.65
CA LYS C 10 -4.32 8.97 47.57
C LYS C 10 -4.29 10.40 48.09
N ASN C 11 -3.84 11.33 47.25
CA ASN C 11 -3.89 12.75 47.61
C ASN C 11 -5.29 13.25 47.48
N LYS C 12 -5.73 14.03 48.45
CA LYS C 12 -6.99 14.78 48.38
C LYS C 12 -6.59 16.24 48.55
N VAL C 13 -6.68 17.03 47.49
CA VAL C 13 -6.15 18.38 47.50
C VAL C 13 -7.23 19.45 47.36
N ILE C 14 -7.10 20.54 48.10
CA ILE C 14 -7.94 21.72 47.89
C ILE C 14 -7.03 22.76 47.27
N SER C 15 -7.40 23.26 46.09
CA SER C 15 -6.59 24.25 45.39
C SER C 15 -7.10 25.68 45.60
N ILE C 16 -6.19 26.60 45.92
CA ILE C 16 -6.56 27.99 46.18
C ILE C 16 -5.76 28.96 45.30
N ASP C 17 -6.47 29.71 44.46
CA ASP C 17 -5.89 30.68 43.57
C ASP C 17 -5.51 31.94 44.37
N ALA C 18 -4.36 31.89 45.04
CA ALA C 18 -3.84 33.10 45.74
C ALA C 18 -2.86 33.86 44.85
N GLY C 19 -2.94 33.57 43.56
CA GLY C 19 -2.20 34.29 42.56
C GLY C 19 -3.00 35.48 42.03
N ARG C 20 -4.24 35.24 41.60
CA ARG C 20 -5.09 36.34 41.12
C ARG C 20 -5.48 37.27 42.26
N LYS C 21 -5.73 36.68 43.43
CA LYS C 21 -6.31 37.40 44.55
C LYS C 21 -5.49 37.16 45.84
N TYR C 22 -5.45 38.16 46.72
CA TYR C 22 -4.65 38.05 47.95
C TYR C 22 -5.42 37.30 49.00
N PHE C 23 -4.76 36.39 49.71
CA PHE C 23 -5.30 35.78 50.95
C PHE C 23 -4.26 36.02 52.05
N THR C 24 -4.71 36.43 53.24
CA THR C 24 -3.83 36.64 54.38
C THR C 24 -3.35 35.29 54.89
N LEU C 25 -2.28 35.31 55.67
CA LEU C 25 -1.79 34.10 56.31
C LEU C 25 -2.89 33.37 57.12
N ASN C 26 -3.60 34.12 57.96
CA ASN C 26 -4.64 33.53 58.78
C ASN C 26 -5.76 32.89 57.97
N GLN C 27 -6.16 33.54 56.88
CA GLN C 27 -7.10 32.97 55.91
C GLN C 27 -6.61 31.62 55.41
N LEU C 28 -5.32 31.52 55.07
CA LEU C 28 -4.83 30.27 54.51
C LEU C 28 -4.68 29.20 55.61
N LYS C 29 -4.26 29.61 56.81
CA LYS C 29 -4.24 28.73 57.99
C LYS C 29 -5.61 28.12 58.27
N ARG C 30 -6.66 28.92 58.12
CA ARG C 30 -7.98 28.40 58.38
C ARG C 30 -8.38 27.41 57.31
N ILE C 31 -7.98 27.67 56.07
CA ILE C 31 -8.09 26.66 54.99
C ILE C 31 -7.31 25.37 55.37
N VAL C 32 -6.06 25.47 55.82
CA VAL C 32 -5.37 24.21 56.25
C VAL C 32 -6.06 23.49 57.40
N ASP C 33 -6.56 24.27 58.38
CA ASP C 33 -7.36 23.75 59.51
CA ASP C 33 -7.28 23.66 59.49
C ASP C 33 -8.52 22.89 59.02
N LYS C 34 -9.36 23.50 58.18
CA LYS C 34 -10.51 22.84 57.61
C LYS C 34 -10.11 21.64 56.73
N ALA C 35 -9.01 21.76 55.99
CA ALA C 35 -8.52 20.61 55.22
C ALA C 35 -8.16 19.41 56.12
N SER C 36 -7.53 19.72 57.26
CA SER C 36 -7.12 18.68 58.17
C SER C 36 -8.36 18.04 58.74
N GLU C 37 -9.28 18.88 59.21
CA GLU C 37 -10.51 18.47 59.84
C GLU C 37 -11.29 17.52 58.90
N LEU C 38 -11.39 17.90 57.63
CA LEU C 38 -12.12 17.11 56.63
C LEU C 38 -11.39 15.89 56.09
N GLY C 39 -10.10 15.78 56.41
CA GLY C 39 -9.34 14.60 55.95
C GLY C 39 -8.66 14.64 54.57
N TYR C 40 -8.47 15.86 54.05
CA TYR C 40 -7.58 16.18 52.94
C TYR C 40 -6.13 15.90 53.32
N SER C 41 -5.29 15.79 52.29
CA SER C 41 -3.87 15.56 52.47
C SER C 41 -3.02 16.77 52.09
N ASP C 42 -3.53 17.65 51.24
CA ASP C 42 -2.74 18.79 50.74
C ASP C 42 -3.54 20.05 50.44
N VAL C 43 -2.83 21.18 50.41
CA VAL C 43 -3.41 22.42 49.95
C VAL C 43 -2.54 22.83 48.80
N HIS C 44 -3.13 22.99 47.62
CA HIS C 44 -2.44 23.50 46.44
C HIS C 44 -2.62 24.98 46.42
N LEU C 45 -1.50 25.71 46.43
CA LEU C 45 -1.56 27.17 46.55
C LEU C 45 -0.88 27.85 45.38
N LEU C 46 -1.68 28.44 44.50
CA LEU C 46 -1.14 29.19 43.39
C LEU C 46 -0.65 30.51 43.99
N LEU C 47 0.63 30.79 43.81
CA LEU C 47 1.22 32.05 44.22
C LEU C 47 1.60 32.92 43.02
N GLY C 48 2.00 32.29 41.91
CA GLY C 48 2.11 32.96 40.63
C GLY C 48 0.99 32.46 39.72
N ASN C 49 -0.02 33.30 39.51
CA ASN C 49 -1.14 33.00 38.61
C ASN C 49 -1.84 34.32 38.27
N ASP C 50 -1.48 34.85 37.10
CA ASP C 50 -1.71 36.25 36.70
C ASP C 50 -0.91 37.23 37.61
N GLY C 51 -1.38 37.48 38.84
CA GLY C 51 -0.58 38.20 39.85
C GLY C 51 0.54 37.32 40.41
N LEU C 52 1.59 37.92 40.94
CA LEU C 52 2.64 37.19 41.64
C LEU C 52 2.67 37.67 43.08
N ARG C 53 2.28 36.78 44.00
CA ARG C 53 1.89 37.19 45.33
C ARG C 53 2.71 36.50 46.43
N PHE C 54 4.02 36.45 46.18
CA PHE C 54 4.97 35.88 47.10
C PHE C 54 6.28 36.52 46.78
N LEU C 55 6.89 37.15 47.78
CA LEU C 55 8.22 37.69 47.62
C LEU C 55 9.11 36.97 48.63
N LEU C 56 10.20 36.38 48.14
CA LEU C 56 11.26 35.86 49.00
C LEU C 56 11.96 37.03 49.71
N ASP C 57 12.67 36.73 50.79
CA ASP C 57 13.50 37.75 51.44
C ASP C 57 14.57 38.30 50.50
N ASP C 58 15.17 37.43 49.68
CA ASP C 58 16.18 37.87 48.72
C ASP C 58 15.75 37.53 47.30
N MET C 59 15.53 38.57 46.52
CA MET C 59 15.02 38.45 45.17
C MET C 59 16.07 38.83 44.13
N THR C 60 17.33 38.80 44.54
CA THR C 60 18.42 39.05 43.59
C THR C 60 18.35 37.97 42.52
N ILE C 61 18.42 38.39 41.25
CA ILE C 61 18.38 37.49 40.12
C ILE C 61 19.60 37.73 39.24
N THR C 62 20.22 36.64 38.81
CA THR C 62 21.29 36.69 37.86
C THR C 62 20.86 36.01 36.56
N ALA C 63 20.88 36.77 35.47
CA ALA C 63 20.51 36.28 34.12
C ALA C 63 20.96 37.30 33.12
N ASN C 64 21.19 36.84 31.89
CA ASN C 64 21.50 37.73 30.79
C ASN C 64 22.84 38.46 30.99
N GLY C 65 23.74 37.85 31.74
CA GLY C 65 25.06 38.43 31.99
C GLY C 65 24.99 39.65 32.90
N LYS C 66 23.93 39.74 33.70
CA LYS C 66 23.82 40.82 34.67
C LYS C 66 23.03 40.41 35.89
N THR C 67 22.96 41.32 36.85
CA THR C 67 22.32 41.03 38.11
C THR C 67 21.24 42.08 38.28
N TYR C 68 20.11 41.68 38.83
CA TYR C 68 18.99 42.57 39.05
C TYR C 68 18.82 42.63 40.56
N ALA C 69 19.05 43.79 41.15
CA ALA C 69 19.08 43.90 42.61
C ALA C 69 17.78 43.43 43.23
N SER C 70 17.88 42.80 44.39
CA SER C 70 16.71 42.33 45.11
C SER C 70 15.63 43.42 45.26
N ASP C 71 16.01 44.62 45.72
CA ASP C 71 15.03 45.70 45.92
C ASP C 71 14.35 46.07 44.61
N ASP C 72 15.11 46.05 43.52
CA ASP C 72 14.53 46.35 42.20
C ASP C 72 13.52 45.29 41.75
N VAL C 73 13.86 44.03 41.98
CA VAL C 73 12.97 42.92 41.66
C VAL C 73 11.67 43.05 42.46
N LYS C 74 11.75 43.17 43.77
CA LYS C 74 10.52 43.34 44.60
C LYS C 74 9.59 44.49 44.14
N LYS C 75 10.16 45.68 44.00
CA LYS C 75 9.49 46.86 43.46
C LYS C 75 8.81 46.55 42.14
N ALA C 76 9.55 45.93 41.21
CA ALA C 76 9.02 45.58 39.90
C ALA C 76 7.86 44.58 39.97
N ILE C 77 7.96 43.57 40.85
CA ILE C 77 6.90 42.56 41.02
C ILE C 77 5.71 43.18 41.74
N ILE C 78 5.95 44.01 42.75
CA ILE C 78 4.83 44.69 43.39
C ILE C 78 4.10 45.53 42.35
N GLU C 79 4.82 46.28 41.53
CA GLU C 79 4.18 47.06 40.45
C GLU C 79 3.37 46.21 39.45
N GLY C 80 3.97 45.16 38.90
CA GLY C 80 3.28 44.21 38.04
C GLY C 80 2.04 43.56 38.62
N THR C 81 2.13 43.15 39.88
CA THR C 81 1.00 42.56 40.55
C THR C 81 -0.12 43.58 40.78
N LYS C 82 0.24 44.78 41.20
CA LYS C 82 -0.76 45.87 41.33
C LYS C 82 -1.38 46.27 40.00
N ALA C 83 -0.59 46.22 38.92
CA ALA C 83 -1.11 46.49 37.57
C ALA C 83 -2.10 45.44 37.15
N TYR C 84 -1.89 44.19 37.57
CA TYR C 84 -2.88 43.13 37.30
C TYR C 84 -4.12 43.39 38.11
N TYR C 85 -3.95 43.46 39.42
CA TYR C 85 -5.06 43.80 40.27
C TYR C 85 -4.53 44.33 41.59
N ASP C 86 -4.82 45.59 41.85
CA ASP C 86 -4.34 46.22 43.04
C ASP C 86 -5.23 45.84 44.21
N ASP C 87 -5.12 44.59 44.66
CA ASP C 87 -5.97 44.07 45.73
C ASP C 87 -5.89 45.00 46.96
N PRO C 88 -7.04 45.48 47.47
CA PRO C 88 -6.96 46.29 48.69
C PRO C 88 -6.66 45.49 49.97
N ASN C 89 -6.80 44.15 49.92
CA ASN C 89 -6.50 43.30 51.09
C ASN C 89 -4.99 43.02 51.31
N GLY C 90 -4.20 43.23 50.27
CA GLY C 90 -2.75 43.01 50.35
C GLY C 90 -2.23 42.70 48.95
N THR C 91 -0.91 42.61 48.83
CA THR C 91 -0.28 42.38 47.54
C THR C 91 0.36 41.01 47.46
N ALA C 92 1.21 40.67 48.43
CA ALA C 92 2.11 39.50 48.36
C ALA C 92 2.36 38.91 49.71
N LEU C 93 2.46 37.57 49.76
CA LEU C 93 2.91 36.93 50.99
C LEU C 93 4.43 37.04 51.13
N THR C 94 4.91 37.15 52.37
CA THR C 94 6.36 37.23 52.62
C THR C 94 6.92 35.83 52.85
N GLN C 95 8.24 35.75 52.89
CA GLN C 95 8.88 34.47 53.07
C GLN C 95 8.55 33.85 54.45
N ALA C 96 8.50 34.67 55.51
CA ALA C 96 8.15 34.18 56.85
C ALA C 96 6.75 33.62 56.90
N GLU C 97 5.82 34.32 56.25
CA GLU C 97 4.42 33.86 56.16
C GLU C 97 4.26 32.49 55.50
N VAL C 98 4.90 32.30 54.34
CA VAL C 98 4.85 31.01 53.66
C VAL C 98 5.61 29.96 54.51
N THR C 99 6.75 30.34 55.08
CA THR C 99 7.51 29.41 55.94
C THR C 99 6.66 28.88 57.08
N GLU C 100 5.91 29.78 57.74
CA GLU C 100 5.02 29.47 58.84
C GLU C 100 3.82 28.64 58.32
N LEU C 101 3.30 28.99 57.14
CA LEU C 101 2.15 28.25 56.59
C LEU C 101 2.56 26.80 56.40
N ILE C 102 3.73 26.60 55.78
CA ILE C 102 4.30 25.25 55.59
C ILE C 102 4.46 24.50 56.90
N GLU C 103 5.07 25.12 57.90
CA GLU C 103 5.24 24.48 59.22
C GLU C 103 3.89 24.16 59.85
N TYR C 104 2.98 25.12 59.76
CA TYR C 104 1.66 24.90 60.28
C TYR C 104 0.95 23.71 59.60
N ALA C 105 0.89 23.71 58.27
CA ALA C 105 0.27 22.62 57.55
C ALA C 105 0.94 21.26 57.91
N LYS C 106 2.27 21.27 58.04
CA LYS C 106 3.01 20.06 58.47
C LYS C 106 2.59 19.57 59.86
N SER C 107 2.35 20.49 60.80
CA SER C 107 1.88 20.11 62.13
C SER C 107 0.58 19.33 62.07
N LYS C 108 -0.17 19.51 60.99
CA LYS C 108 -1.43 18.84 60.82
C LYS C 108 -1.41 17.77 59.70
N ASP C 109 -0.25 17.19 59.39
CA ASP C 109 -0.12 16.25 58.25
C ASP C 109 -0.83 16.78 56.96
N ILE C 110 -0.54 18.00 56.58
CA ILE C 110 -1.09 18.59 55.38
C ILE C 110 0.12 19.10 54.62
N GLY C 111 0.35 18.56 53.42
CA GLY C 111 1.37 19.14 52.55
C GLY C 111 0.91 20.43 51.85
N LEU C 112 1.87 21.28 51.52
CA LEU C 112 1.59 22.40 50.65
C LEU C 112 2.13 22.10 49.24
N ILE C 113 1.32 22.41 48.21
CA ILE C 113 1.78 22.32 46.83
C ILE C 113 1.72 23.68 46.17
N PRO C 114 2.85 24.40 46.15
CA PRO C 114 2.94 25.71 45.53
C PRO C 114 2.88 25.66 44.01
N ALA C 115 2.31 26.71 43.42
CA ALA C 115 2.38 26.87 41.96
C ALA C 115 2.84 28.27 41.60
N ILE C 116 3.76 28.36 40.65
CA ILE C 116 4.14 29.64 40.09
C ILE C 116 3.99 29.51 38.57
N ASN C 117 2.96 30.13 38.03
CA ASN C 117 2.60 29.90 36.64
C ASN C 117 3.46 30.64 35.61
N SER C 118 3.68 29.97 34.48
CA SER C 118 4.39 30.50 33.31
C SER C 118 4.32 29.35 32.25
N PRO C 119 4.41 29.67 30.94
CA PRO C 119 4.62 30.98 30.30
C PRO C 119 3.34 31.78 30.11
N GLY C 120 2.20 31.16 30.36
CA GLY C 120 0.94 31.87 30.47
C GLY C 120 0.67 32.36 31.88
N HIS C 121 -0.51 32.92 32.12
CA HIS C 121 -0.89 33.45 33.42
C HIS C 121 0.24 34.13 34.18
N MET C 122 0.94 35.08 33.57
CA MET C 122 2.07 35.72 34.23
C MET C 122 2.08 37.22 33.98
N ASP C 123 0.90 37.83 34.04
CA ASP C 123 0.71 39.26 33.78
C ASP C 123 1.70 40.09 34.61
N ALA C 124 1.84 39.75 35.88
CA ALA C 124 2.68 40.51 36.77
C ALA C 124 4.15 40.38 36.36
N MET C 125 4.57 39.17 36.03
CA MET C 125 5.96 38.98 35.63
C MET C 125 6.36 39.79 34.41
N LEU C 126 5.47 39.85 33.41
CA LEU C 126 5.72 40.62 32.20
C LEU C 126 5.93 42.08 32.50
N VAL C 127 5.03 42.66 33.29
CA VAL C 127 5.14 44.05 33.65
C VAL C 127 6.40 44.25 34.49
N ALA C 128 6.62 43.34 35.44
CA ALA C 128 7.83 43.39 36.26
C ALA C 128 9.07 43.44 35.37
N MET C 129 9.15 42.58 34.34
CA MET C 129 10.35 42.56 33.47
C MET C 129 10.52 43.86 32.67
N GLU C 130 9.41 44.51 32.29
CA GLU C 130 9.47 45.79 31.59
C GLU C 130 10.05 46.82 32.52
N LYS C 131 9.56 46.88 33.76
CA LYS C 131 10.10 47.77 34.79
C LYS C 131 11.62 47.58 35.05
N LEU C 132 12.08 46.35 34.86
CA LEU C 132 13.48 45.99 35.00
C LEU C 132 14.30 46.14 33.72
N GLY C 133 13.71 46.74 32.68
CA GLY C 133 14.48 47.01 31.46
C GLY C 133 14.48 45.90 30.41
N ILE C 134 13.72 44.83 30.66
CA ILE C 134 13.48 43.79 29.66
C ILE C 134 12.27 44.22 28.80
N LYS C 135 12.54 44.55 27.53
CA LYS C 135 11.54 45.13 26.61
C LYS C 135 10.77 44.02 25.93
N ASN C 136 9.47 44.24 25.70
CA ASN C 136 8.67 43.31 24.88
C ASN C 136 8.78 41.83 25.32
N PRO C 137 8.56 41.56 26.62
CA PRO C 137 8.56 40.16 27.03
C PRO C 137 7.29 39.38 26.57
N GLN C 138 6.28 40.08 26.05
CA GLN C 138 4.98 39.46 25.78
C GLN C 138 4.89 38.76 24.43
N ALA C 139 4.19 37.63 24.40
CA ALA C 139 3.87 36.96 23.15
C ALA C 139 3.00 37.92 22.36
N HIS C 140 2.98 37.69 21.05
CA HIS C 140 2.35 38.59 20.12
C HIS C 140 1.80 37.82 18.95
N PHE C 141 0.48 37.70 18.90
CA PHE C 141 -0.21 37.03 17.80
C PHE C 141 -1.21 37.96 17.07
N ASP C 142 -2.53 37.74 17.20
CA ASP C 142 -3.52 38.70 16.62
C ASP C 142 -3.35 40.06 17.29
N LYS C 143 -2.71 40.06 18.46
CA LYS C 143 -2.34 41.29 19.17
C LYS C 143 -1.28 40.93 20.19
N VAL C 144 -0.72 41.95 20.83
CA VAL C 144 0.25 41.72 21.90
C VAL C 144 -0.47 41.16 23.13
N SER C 145 -0.01 40.01 23.59
CA SER C 145 -0.58 39.41 24.78
C SER C 145 -0.32 40.27 26.02
N LYS C 146 -1.25 40.22 26.97
CA LYS C 146 -1.03 40.74 28.32
C LYS C 146 -0.71 39.63 29.33
N THR C 147 -0.76 38.38 28.90
CA THR C 147 -0.72 37.30 29.90
C THR C 147 0.47 36.37 29.74
N THR C 148 1.09 36.43 28.58
CA THR C 148 1.98 35.35 28.15
C THR C 148 3.31 35.87 27.62
N MET C 149 4.39 35.22 28.05
CA MET C 149 5.74 35.46 27.57
C MET C 149 5.95 34.94 26.16
N ASP C 150 6.68 35.73 25.38
CA ASP C 150 7.13 35.36 24.08
C ASP C 150 8.30 34.39 24.21
N LEU C 151 8.10 33.14 23.78
CA LEU C 151 9.11 32.10 23.85
C LEU C 151 10.38 32.35 23.02
N LYS C 152 10.33 33.33 22.14
CA LYS C 152 11.47 33.70 21.29
C LYS C 152 12.27 34.81 21.95
N ASN C 153 11.75 35.45 22.99
CA ASN C 153 12.49 36.50 23.68
C ASN C 153 13.41 35.86 24.73
N GLU C 154 14.69 35.73 24.39
CA GLU C 154 15.64 35.00 25.22
C GLU C 154 15.91 35.78 26.53
N GLU C 155 15.96 37.09 26.44
CA GLU C 155 16.18 37.90 27.62
C GLU C 155 15.08 37.65 28.68
N ALA C 156 13.84 37.59 28.24
CA ALA C 156 12.72 37.43 29.15
C ALA C 156 12.71 36.00 29.68
N MET C 157 13.04 35.07 28.80
CA MET C 157 13.08 33.67 29.12
C MET C 157 14.17 33.35 30.17
N ASN C 158 15.35 33.94 30.00
CA ASN C 158 16.39 33.74 30.98
C ASN C 158 15.97 34.28 32.32
N PHE C 159 15.44 35.49 32.35
CA PHE C 159 14.96 36.07 33.60
C PHE C 159 13.97 35.17 34.31
N VAL C 160 12.93 34.72 33.60
CA VAL C 160 11.85 33.97 34.21
C VAL C 160 12.38 32.64 34.74
N LYS C 161 13.19 31.96 33.96
CA LYS C 161 13.77 30.72 34.42
C LYS C 161 14.54 30.90 35.74
N ALA C 162 15.33 31.98 35.81
CA ALA C 162 16.14 32.20 36.96
C ALA C 162 15.21 32.59 38.10
N LEU C 163 14.14 33.31 37.83
CA LEU C 163 13.21 33.68 38.90
C LEU C 163 12.49 32.41 39.41
N ILE C 164 11.99 31.58 38.52
CA ILE C 164 11.39 30.32 38.93
C ILE C 164 12.41 29.47 39.70
N GLY C 165 13.65 29.45 39.21
CA GLY C 165 14.80 28.91 39.95
C GLY C 165 14.87 29.29 41.42
N LYS C 166 14.83 30.60 41.71
CA LYS C 166 14.86 31.06 43.12
C LYS C 166 13.67 30.54 43.88
N TYR C 167 12.49 30.54 43.27
CA TYR C 167 11.32 29.99 43.96
C TYR C 167 11.50 28.52 44.31
N MET C 168 11.98 27.73 43.36
CA MET C 168 12.15 26.30 43.59
C MET C 168 13.15 26.03 44.70
N ASP C 169 14.28 26.78 44.69
CA ASP C 169 15.29 26.74 45.74
C ASP C 169 14.65 26.89 47.12
N PHE C 170 13.72 27.83 47.25
CA PHE C 170 13.06 28.06 48.52
C PHE C 170 12.17 26.87 48.96
N PHE C 171 11.37 26.33 48.04
CA PHE C 171 10.56 25.15 48.33
C PHE C 171 11.31 23.80 48.42
N ALA C 172 12.58 23.76 47.99
CA ALA C 172 13.32 22.50 47.98
C ALA C 172 13.52 22.13 49.44
N GLY C 173 13.11 20.93 49.78
CA GLY C 173 13.30 20.47 51.14
C GLY C 173 12.15 20.91 52.02
N LYS C 174 11.21 21.69 51.50
CA LYS C 174 10.04 22.12 52.30
C LYS C 174 8.72 21.56 51.76
N THR C 175 8.66 21.25 50.47
CA THR C 175 7.46 20.68 49.90
C THR C 175 7.95 19.54 48.98
N LYS C 176 7.07 18.58 48.69
CA LYS C 176 7.40 17.47 47.79
C LYS C 176 7.23 17.85 46.29
N ILE C 177 6.21 18.67 46.02
CA ILE C 177 5.75 18.96 44.66
C ILE C 177 5.90 20.45 44.37
N PHE C 178 6.11 20.81 43.11
CA PHE C 178 6.11 22.21 42.66
C PHE C 178 5.40 22.22 41.31
N ASN C 179 4.32 22.98 41.22
CA ASN C 179 3.54 23.10 39.99
C ASN C 179 3.93 24.33 39.17
N PHE C 180 4.46 24.06 37.97
CA PHE C 180 4.93 25.13 37.09
C PHE C 180 3.90 25.50 36.02
N GLY C 181 2.74 24.85 36.09
CA GLY C 181 1.53 25.35 35.42
C GLY C 181 1.51 25.07 33.93
N THR C 182 1.80 26.08 33.12
CA THR C 182 1.80 26.03 31.65
C THR C 182 0.44 25.98 30.93
N ASP C 183 -0.66 26.26 31.63
CA ASP C 183 -1.95 26.30 30.95
C ASP C 183 -2.14 27.63 30.17
N GLU C 184 -2.98 27.60 29.14
CA GLU C 184 -3.40 28.78 28.37
C GLU C 184 -2.28 29.65 27.73
N TYR C 185 -1.68 29.14 26.67
CA TYR C 185 -0.65 29.90 25.97
C TYR C 185 -1.23 31.04 25.14
N ALA C 186 -1.15 32.26 25.65
CA ALA C 186 -1.61 33.46 24.94
C ALA C 186 -3.07 33.38 24.42
N ASN C 187 -3.96 32.85 25.25
CA ASN C 187 -5.35 32.85 24.85
C ASN C 187 -5.95 34.26 24.57
N ASP C 188 -5.48 35.29 25.28
CA ASP C 188 -6.01 36.67 25.03
C ASP C 188 -5.59 37.24 23.65
N ALA C 189 -4.59 36.60 23.04
CA ALA C 189 -4.07 37.10 21.80
C ALA C 189 -4.38 36.21 20.62
N THR C 190 -5.12 35.13 20.84
CA THR C 190 -5.41 34.17 19.78
C THR C 190 -6.90 33.74 19.73
N SER C 191 -7.77 34.50 20.39
CA SER C 191 -9.16 34.08 20.65
C SER C 191 -9.20 32.70 21.23
N ALA C 192 -8.35 32.46 22.24
CA ALA C 192 -8.29 31.17 22.91
C ALA C 192 -7.93 30.03 21.94
N GLN C 193 -6.79 30.11 21.29
CA GLN C 193 -6.37 29.02 20.40
C GLN C 193 -4.84 28.88 20.44
N GLY C 194 -4.28 29.06 21.64
CA GLY C 194 -2.86 29.24 21.76
C GLY C 194 -2.08 28.13 21.12
N TRP C 195 -2.52 26.89 21.36
CA TRP C 195 -1.78 25.72 20.90
C TRP C 195 -1.79 25.65 19.40
N TYR C 196 -2.96 25.90 18.82
CA TYR C 196 -3.11 25.89 17.37
C TYR C 196 -2.17 26.92 16.78
N TYR C 197 -2.12 28.11 17.40
CA TYR C 197 -1.17 29.14 16.98
C TYR C 197 0.29 28.74 17.14
N LEU C 198 0.65 28.18 18.29
CA LEU C 198 1.99 27.67 18.49
C LEU C 198 2.35 26.64 17.38
N LYS C 199 1.44 25.70 17.09
CA LYS C 199 1.63 24.74 15.99
C LYS C 199 1.82 25.52 14.67
N TRP C 200 0.90 26.45 14.41
CA TRP C 200 0.92 27.23 13.17
C TRP C 200 2.26 27.88 12.91
N TYR C 201 2.79 28.55 13.93
CA TYR C 201 4.09 29.25 13.81
C TYR C 201 5.30 28.40 14.08
N GLN C 202 5.08 27.10 14.33
CA GLN C 202 6.19 26.18 14.62
C GLN C 202 6.94 26.67 15.85
N LEU C 203 6.20 27.09 16.87
CA LEU C 203 6.75 27.46 18.17
C LEU C 203 6.45 26.39 19.24
N TYR C 204 5.68 25.36 18.85
CA TYR C 204 5.26 24.33 19.80
C TYR C 204 6.44 23.54 20.34
N GLY C 205 7.40 23.18 19.48
CA GLY C 205 8.64 22.57 19.90
C GLY C 205 9.36 23.41 20.97
N LYS C 206 9.35 24.72 20.80
CA LYS C 206 9.95 25.63 21.76
C LYS C 206 9.17 25.67 23.07
N PHE C 207 7.84 25.59 23.00
CA PHE C 207 7.05 25.46 24.21
C PHE C 207 7.49 24.23 25.05
N ALA C 208 7.73 23.12 24.36
CA ALA C 208 8.09 21.85 25.01
C ALA C 208 9.47 21.92 25.66
N GLU C 209 10.42 22.57 24.96
CA GLU C 209 11.72 22.85 25.52
C GLU C 209 11.54 23.59 26.83
N TYR C 210 10.81 24.70 26.80
CA TYR C 210 10.50 25.41 28.05
C TYR C 210 9.90 24.53 29.16
N ALA C 211 8.86 23.76 28.85
CA ALA C 211 8.25 22.90 29.85
C ALA C 211 9.22 21.83 30.38
N ASN C 212 10.04 21.28 29.49
CA ASN C 212 11.01 20.28 29.89
C ASN C 212 12.11 20.84 30.81
N THR C 213 12.56 22.06 30.51
CA THR C 213 13.54 22.77 31.33
C THR C 213 12.99 22.96 32.75
N LEU C 214 11.75 23.45 32.85
CA LEU C 214 11.11 23.59 34.16
C LEU C 214 11.04 22.26 34.92
N ALA C 215 10.75 21.17 34.21
CA ALA C 215 10.65 19.86 34.88
C ALA C 215 12.03 19.40 35.35
N ALA C 216 13.06 19.64 34.52
CA ALA C 216 14.46 19.31 34.88
C ALA C 216 14.91 20.14 36.08
N MET C 217 14.39 21.35 36.17
CA MET C 217 14.79 22.29 37.22
C MET C 217 14.24 21.81 38.54
N ALA C 218 13.01 21.32 38.49
CA ALA C 218 12.32 20.79 39.65
C ALA C 218 13.04 19.56 40.15
N LYS C 219 13.25 18.60 39.26
CA LYS C 219 13.84 17.32 39.65
C LYS C 219 15.22 17.52 40.23
N GLU C 220 15.98 18.46 39.66
CA GLU C 220 17.32 18.70 40.14
C GLU C 220 17.38 19.21 41.58
N ARG C 221 16.39 20.02 41.97
CA ARG C 221 16.22 20.56 43.31
C ARG C 221 15.34 19.66 44.19
N GLY C 222 15.16 18.40 43.78
CA GLY C 222 14.47 17.45 44.61
C GLY C 222 12.97 17.68 44.73
N LEU C 223 12.38 18.34 43.74
CA LEU C 223 10.92 18.54 43.74
C LEU C 223 10.30 17.73 42.61
N GLN C 224 9.17 17.09 42.91
CA GLN C 224 8.32 16.44 41.92
C GLN C 224 7.70 17.53 41.05
N PRO C 225 7.98 17.52 39.73
CA PRO C 225 7.33 18.51 38.86
C PRO C 225 5.86 18.17 38.59
N MET C 226 5.03 19.21 38.59
CA MET C 226 3.61 19.14 38.27
C MET C 226 3.30 20.27 37.31
N ALA C 227 2.40 20.02 36.38
CA ALA C 227 1.99 20.99 35.37
C ALA C 227 0.54 20.69 35.03
N PHE C 228 -0.18 21.66 34.45
CA PHE C 228 -1.48 21.32 33.88
C PHE C 228 -1.34 20.58 32.55
N ASN C 229 -2.39 19.84 32.18
CA ASN C 229 -2.42 18.99 30.96
C ASN C 229 -2.41 19.69 29.60
N ASP C 230 -2.96 20.90 29.57
CA ASP C 230 -3.29 21.61 28.31
C ASP C 230 -2.19 21.50 27.25
N GLY C 231 -0.97 21.78 27.65
CA GLY C 231 0.10 21.91 26.71
C GLY C 231 0.77 20.62 26.33
N PHE C 232 0.50 19.52 27.05
CA PHE C 232 1.20 18.27 26.81
C PHE C 232 0.58 17.42 25.70
N TYR C 233 1.39 17.10 24.68
CA TYR C 233 0.97 16.23 23.57
C TYR C 233 -0.32 16.71 22.96
N TYR C 234 -0.33 17.95 22.53
CA TYR C 234 -1.56 18.53 22.04
C TYR C 234 -2.10 17.73 20.84
N GLU C 235 -3.41 17.57 20.84
CA GLU C 235 -4.16 16.86 19.79
C GLU C 235 -3.67 15.42 19.60
N ASP C 236 -3.26 14.77 20.70
CA ASP C 236 -2.69 13.39 20.68
C ASP C 236 -1.59 13.18 19.64
N LYS C 237 -0.74 14.17 19.42
CA LYS C 237 0.38 13.98 18.49
C LYS C 237 1.68 13.89 19.27
N ASP C 238 2.65 13.11 18.79
CA ASP C 238 3.92 13.05 19.51
C ASP C 238 5.16 13.41 18.67
N ASP C 239 4.99 14.28 17.69
CA ASP C 239 6.13 14.81 16.95
C ASP C 239 7.07 15.57 17.90
N VAL C 240 6.50 16.19 18.95
CA VAL C 240 7.25 16.93 19.97
C VAL C 240 7.16 16.22 21.32
N GLN C 241 8.29 15.84 21.91
CA GLN C 241 8.33 15.03 23.16
C GLN C 241 8.31 15.90 24.41
N PHE C 242 7.69 15.39 25.47
CA PHE C 242 7.66 16.10 26.76
C PHE C 242 8.22 15.18 27.84
N ASP C 243 8.83 15.77 28.88
CA ASP C 243 9.36 15.06 30.03
C ASP C 243 8.29 14.13 30.63
N LYS C 244 8.62 12.86 30.88
CA LYS C 244 7.58 11.89 31.29
C LYS C 244 7.33 11.84 32.80
N ASP C 245 8.20 12.47 33.60
CA ASP C 245 8.07 12.40 35.06
C ASP C 245 7.12 13.44 35.69
N VAL C 246 6.51 14.28 34.84
CA VAL C 246 5.65 15.36 35.29
C VAL C 246 4.33 14.78 35.81
N LEU C 247 3.91 15.22 36.99
CA LEU C 247 2.61 14.89 37.50
C LEU C 247 1.60 15.77 36.81
N ILE C 248 0.70 15.19 36.01
CA ILE C 248 -0.23 15.99 35.23
C ILE C 248 -1.48 16.32 36.05
N SER C 249 -1.67 17.59 36.34
CA SER C 249 -2.96 18.03 36.87
C SER C 249 -3.95 18.13 35.71
N TYR C 250 -4.87 17.17 35.60
CA TYR C 250 -5.74 17.06 34.41
C TYR C 250 -7.12 17.61 34.72
N TRP C 251 -7.57 18.60 33.95
CA TRP C 251 -8.83 19.30 34.29
C TRP C 251 -9.89 19.25 33.21
N SER C 252 -9.47 18.97 31.97
CA SER C 252 -10.39 18.94 30.84
C SER C 252 -9.71 18.60 29.52
N LYS C 253 -10.49 18.13 28.56
CA LYS C 253 -9.96 17.82 27.25
C LYS C 253 -10.14 18.98 26.27
N GLY C 254 -10.73 20.07 26.75
CA GLY C 254 -10.98 21.21 25.88
C GLY C 254 -12.42 21.24 25.37
N TRP C 255 -12.59 21.87 24.22
CA TRP C 255 -13.90 22.07 23.64
C TRP C 255 -13.64 22.12 22.16
N TRP C 256 -14.66 22.44 21.40
CA TRP C 256 -14.52 22.45 19.95
C TRP C 256 -13.39 23.34 19.51
N GLY C 257 -12.46 22.78 18.72
CA GLY C 257 -11.33 23.57 18.20
C GLY C 257 -10.16 23.73 19.17
N TYR C 258 -10.31 23.24 20.39
CA TYR C 258 -9.30 23.41 21.42
C TYR C 258 -8.99 21.98 21.90
N ASN C 259 -8.10 21.31 21.15
CA ASN C 259 -7.99 19.84 21.13
C ASN C 259 -6.89 19.29 22.02
N LEU C 260 -7.07 19.48 23.32
CA LEU C 260 -6.12 18.98 24.30
C LEU C 260 -6.06 17.46 24.20
N ALA C 261 -4.90 16.90 24.50
CA ALA C 261 -4.73 15.44 24.55
C ALA C 261 -5.71 14.82 25.54
N SER C 262 -6.22 13.63 25.21
CA SER C 262 -7.15 12.95 26.08
C SER C 262 -6.35 12.37 27.22
N PRO C 263 -7.01 12.06 28.34
CA PRO C 263 -6.27 11.36 29.41
C PRO C 263 -5.79 9.98 28.95
N GLN C 264 -6.54 9.34 28.05
CA GLN C 264 -6.14 8.04 27.47
C GLN C 264 -4.76 8.12 26.81
N TYR C 265 -4.54 9.16 26.03
CA TYR C 265 -3.30 9.29 25.31
C TYR C 265 -2.14 9.62 26.24
N LEU C 266 -2.35 10.49 27.22
CA LEU C 266 -1.32 10.80 28.19
C LEU C 266 -0.99 9.59 29.07
N ALA C 267 -1.99 8.79 29.46
CA ALA C 267 -1.72 7.57 30.21
C ALA C 267 -0.86 6.65 29.35
N SER C 268 -1.13 6.56 28.06
CA SER C 268 -0.36 5.63 27.24
C SER C 268 1.08 6.12 27.17
N LYS C 269 1.29 7.41 27.43
CA LYS C 269 2.64 7.97 27.46
C LYS C 269 3.37 7.78 28.79
N GLY C 270 2.72 7.14 29.76
CA GLY C 270 3.33 6.92 31.08
C GLY C 270 2.98 7.95 32.16
N TYR C 271 2.19 8.97 31.83
CA TYR C 271 1.89 9.99 32.85
C TYR C 271 0.98 9.48 33.91
N LYS C 272 1.23 9.92 35.12
CA LYS C 272 0.28 9.76 36.19
C LYS C 272 -0.43 11.13 36.46
N PHE C 273 -1.63 11.07 37.03
CA PHE C 273 -2.51 12.23 37.05
C PHE C 273 -2.88 12.61 38.42
N LEU C 274 -3.01 13.90 38.61
CA LEU C 274 -3.74 14.42 39.76
C LEU C 274 -5.06 14.81 39.11
N ASN C 275 -6.11 14.07 39.46
CA ASN C 275 -7.42 14.31 38.93
C ASN C 275 -7.99 15.66 39.43
N THR C 276 -7.92 16.66 38.55
CA THR C 276 -8.29 18.05 38.84
C THR C 276 -9.50 18.44 37.99
N ASN C 277 -10.50 17.56 38.01
CA ASN C 277 -11.68 17.69 37.19
C ASN C 277 -12.38 19.08 37.22
N GLY C 278 -12.57 19.62 36.02
CA GLY C 278 -13.23 20.91 35.80
C GLY C 278 -14.60 20.94 36.43
N ASP C 279 -15.22 19.76 36.60
CA ASP C 279 -16.56 19.69 37.22
C ASP C 279 -16.58 20.27 38.62
N TRP C 280 -15.46 20.18 39.33
CA TRP C 280 -15.36 20.59 40.72
C TRP C 280 -14.91 22.02 40.88
N TYR C 281 -14.77 22.77 39.78
CA TYR C 281 -14.33 24.18 39.83
C TYR C 281 -15.38 25.14 40.51
N TYR C 282 -14.92 25.97 41.43
CA TYR C 282 -15.70 27.11 41.86
C TYR C 282 -14.89 28.40 41.68
N ILE C 283 -15.47 29.33 40.91
N ILE C 283 -15.45 29.32 40.89
CA ILE C 283 -14.88 30.65 40.68
CA ILE C 283 -14.88 30.66 40.69
C ILE C 283 -15.58 31.61 41.63
C ILE C 283 -15.59 31.58 41.66
N LEU C 284 -14.82 32.29 42.48
CA LEU C 284 -15.41 33.16 43.49
C LEU C 284 -16.41 34.13 42.85
N GLY C 285 -17.61 34.19 43.42
CA GLY C 285 -18.62 35.15 42.95
C GLY C 285 -19.49 34.68 41.78
N GLN C 286 -19.15 33.55 41.19
CA GLN C 286 -19.83 33.03 40.00
C GLN C 286 -21.26 32.59 40.34
N LYS C 287 -22.22 33.07 39.56
CA LYS C 287 -23.63 32.79 39.82
C LYS C 287 -24.25 31.83 38.76
N PRO C 288 -25.40 31.20 39.08
CA PRO C 288 -25.99 30.27 38.09
C PRO C 288 -26.21 30.89 36.70
N GLU C 289 -26.66 32.14 36.67
CA GLU C 289 -26.90 32.89 35.42
C GLU C 289 -25.65 33.04 34.58
N ASP C 290 -24.48 33.03 35.23
CA ASP C 290 -23.19 33.14 34.52
C ASP C 290 -22.82 31.82 33.85
N GLY C 291 -23.44 30.72 34.28
CA GLY C 291 -23.01 29.39 33.85
C GLY C 291 -21.63 29.07 34.41
N GLY C 292 -20.99 28.04 33.87
CA GLY C 292 -19.66 27.61 34.33
C GLY C 292 -19.63 27.19 35.80
N GLY C 293 -18.51 27.44 36.48
CA GLY C 293 -18.28 26.92 37.82
C GLY C 293 -18.86 27.72 38.97
N PHE C 294 -20.19 27.79 39.04
CA PHE C 294 -20.85 28.41 40.19
C PHE C 294 -20.96 27.36 41.29
N LEU C 295 -21.15 27.84 42.52
CA LEU C 295 -21.08 27.04 43.72
C LEU C 295 -22.05 25.84 43.72
N LYS C 296 -23.33 26.09 43.45
CA LYS C 296 -24.32 25.01 43.48
C LYS C 296 -23.94 23.89 42.48
N LYS C 297 -23.40 24.26 41.33
CA LYS C 297 -22.98 23.25 40.38
C LYS C 297 -21.82 22.41 40.93
N ALA C 298 -20.82 23.06 41.50
CA ALA C 298 -19.62 22.38 41.98
C ALA C 298 -19.99 21.39 43.09
N ILE C 299 -20.81 21.84 44.03
CA ILE C 299 -21.27 21.00 45.14
C ILE C 299 -22.01 19.77 44.59
N GLU C 300 -22.87 20.00 43.60
CA GLU C 300 -23.59 18.93 42.93
C GLU C 300 -22.63 17.92 42.24
N ASN C 301 -21.57 18.42 41.61
CA ASN C 301 -20.62 17.53 40.95
C ASN C 301 -19.69 16.78 41.91
N THR C 302 -19.56 17.28 43.15
CA THR C 302 -18.81 16.49 44.16
C THR C 302 -19.50 15.14 44.41
N GLY C 303 -20.81 15.09 44.15
CA GLY C 303 -21.57 13.85 44.20
C GLY C 303 -21.62 13.19 42.84
N LYS C 304 -22.00 13.92 41.80
CA LYS C 304 -22.18 13.34 40.46
C LYS C 304 -20.91 12.81 39.77
N THR C 305 -19.77 13.46 39.96
CA THR C 305 -18.53 13.07 39.26
C THR C 305 -17.67 12.23 40.18
N PRO C 306 -17.48 10.92 39.87
CA PRO C 306 -16.72 10.06 40.78
C PRO C 306 -15.31 10.61 41.09
N PHE C 307 -14.83 10.31 42.31
CA PHE C 307 -13.51 10.68 42.74
C PHE C 307 -12.44 10.40 41.66
N ASN C 308 -12.47 9.21 41.05
CA ASN C 308 -11.43 8.84 40.07
C ASN C 308 -11.80 9.13 38.64
N GLN C 309 -12.87 9.87 38.39
CA GLN C 309 -13.20 10.11 37.00
C GLN C 309 -12.41 11.29 36.43
N LEU C 310 -11.58 11.00 35.44
CA LEU C 310 -10.89 12.07 34.74
C LEU C 310 -11.87 12.75 33.77
N ALA C 311 -11.74 14.07 33.60
CA ALA C 311 -12.55 14.82 32.63
C ALA C 311 -12.48 14.19 31.23
N SER C 312 -13.64 14.17 30.57
CA SER C 312 -13.83 13.59 29.25
C SER C 312 -13.94 12.08 29.19
N THR C 313 -13.98 11.41 30.34
CA THR C 313 -14.07 9.96 30.38
C THR C 313 -15.17 9.58 31.35
N LYS C 314 -15.62 8.35 31.19
CA LYS C 314 -16.72 7.79 31.92
C LYS C 314 -16.15 6.70 32.84
N TYR C 315 -16.27 6.89 34.15
CA TYR C 315 -15.67 5.95 35.11
C TYR C 315 -16.78 5.02 35.68
N PRO C 316 -16.50 3.72 35.86
CA PRO C 316 -15.24 2.93 35.75
C PRO C 316 -14.90 2.40 34.35
N GLU C 317 -15.79 2.60 33.38
CA GLU C 317 -15.57 2.09 32.03
C GLU C 317 -14.15 2.46 31.54
N VAL C 318 -13.77 3.73 31.67
CA VAL C 318 -12.37 4.09 31.56
C VAL C 318 -11.87 4.30 32.98
N ASP C 319 -10.79 3.60 33.31
CA ASP C 319 -10.24 3.57 34.65
C ASP C 319 -8.73 3.80 34.49
N LEU C 320 -8.28 5.03 34.71
CA LEU C 320 -6.86 5.36 34.57
C LEU C 320 -6.13 5.64 35.90
N PRO C 321 -4.85 5.25 36.03
CA PRO C 321 -4.25 5.55 37.32
C PRO C 321 -4.08 7.04 37.62
N THR C 322 -4.43 7.35 38.85
CA THR C 322 -4.53 8.66 39.37
C THR C 322 -3.84 8.57 40.73
N VAL C 323 -3.09 9.60 41.11
CA VAL C 323 -2.47 9.55 42.43
C VAL C 323 -3.42 10.15 43.45
N GLY C 324 -4.60 10.59 42.99
CA GLY C 324 -5.50 11.37 43.83
C GLY C 324 -6.22 12.46 43.07
N SER C 325 -6.93 13.33 43.80
CA SER C 325 -7.87 14.28 43.21
C SER C 325 -7.73 15.67 43.82
N MET C 326 -8.01 16.69 43.01
CA MET C 326 -7.92 18.06 43.45
C MET C 326 -9.19 18.85 43.12
N LEU C 327 -9.78 19.45 44.14
CA LEU C 327 -10.92 20.35 43.98
C LEU C 327 -10.39 21.79 43.92
N SER C 328 -10.88 22.58 42.97
CA SER C 328 -10.21 23.87 42.67
C SER C 328 -11.07 25.14 42.85
N ILE C 329 -10.54 26.07 43.66
CA ILE C 329 -11.09 27.40 43.80
C ILE C 329 -10.31 28.44 42.99
N TRP C 330 -11.00 29.13 42.08
CA TRP C 330 -10.35 30.17 41.28
C TRP C 330 -10.89 31.53 41.56
N ALA C 331 -10.10 32.56 41.28
CA ALA C 331 -10.58 33.92 41.42
C ALA C 331 -10.45 34.74 40.13
N ASP C 332 -11.03 34.26 39.03
CA ASP C 332 -10.94 34.93 37.69
C ASP C 332 -11.31 36.42 37.78
N ARG C 333 -12.27 36.74 38.64
N ARG C 333 -12.26 36.72 38.66
CA ARG C 333 -12.56 38.14 38.94
CA ARG C 333 -12.64 38.09 39.04
C ARG C 333 -12.15 38.34 40.39
C ARG C 333 -12.13 38.25 40.45
N PRO C 334 -10.87 38.71 40.63
CA PRO C 334 -10.25 38.75 41.97
C PRO C 334 -10.89 39.77 42.93
N SER C 335 -11.72 40.66 42.41
CA SER C 335 -12.45 41.60 43.29
C SER C 335 -13.73 40.98 43.86
N ALA C 336 -14.07 39.77 43.42
CA ALA C 336 -15.21 39.06 44.02
C ALA C 336 -14.83 38.83 45.47
N GLU C 337 -15.83 38.80 46.34
CA GLU C 337 -15.56 38.66 47.76
C GLU C 337 -15.29 37.20 48.04
N TYR C 338 -14.23 36.94 48.79
CA TYR C 338 -13.94 35.58 49.26
C TYR C 338 -14.73 35.34 50.52
N LYS C 339 -15.61 34.35 50.45
CA LYS C 339 -16.49 33.96 51.53
C LYS C 339 -16.09 32.58 51.98
N GLU C 340 -15.29 32.55 53.04
CA GLU C 340 -14.79 31.32 53.66
C GLU C 340 -15.81 30.19 53.68
N GLU C 341 -17.01 30.51 54.14
CA GLU C 341 -18.05 29.52 54.35
C GLU C 341 -18.43 28.83 53.04
N GLU C 342 -18.31 29.54 51.91
CA GLU C 342 -18.64 28.89 50.64
C GLU C 342 -17.63 27.76 50.37
N ILE C 343 -16.36 28.10 50.50
CA ILE C 343 -15.28 27.16 50.18
C ILE C 343 -15.37 25.96 51.13
N PHE C 344 -15.72 26.23 52.40
CA PHE C 344 -15.81 25.17 53.41
C PHE C 344 -16.94 24.22 53.08
N GLU C 345 -18.11 24.79 52.77
CA GLU C 345 -19.25 23.95 52.38
C GLU C 345 -18.88 23.07 51.19
N LEU C 346 -18.14 23.64 50.26
CA LEU C 346 -17.74 22.87 49.07
C LEU C 346 -16.67 21.82 49.37
N MET C 347 -15.67 22.14 50.21
CA MET C 347 -14.70 21.13 50.69
C MET C 347 -15.38 19.97 51.44
N THR C 348 -16.35 20.35 52.29
CA THR C 348 -17.11 19.41 53.09
C THR C 348 -17.89 18.44 52.19
N ALA C 349 -18.60 18.96 51.19
CA ALA C 349 -19.37 18.14 50.25
C ALA C 349 -18.49 17.09 49.58
N PHE C 350 -17.32 17.52 49.09
CA PHE C 350 -16.35 16.61 48.42
C PHE C 350 -15.87 15.48 49.34
N ALA C 351 -15.47 15.83 50.57
CA ALA C 351 -15.12 14.81 51.57
C ALA C 351 -16.32 13.95 51.94
N ASP C 352 -17.48 14.55 52.21
CA ASP C 352 -18.69 13.78 52.55
C ASP C 352 -19.10 12.76 51.48
N HIS C 353 -18.82 13.05 50.20
CA HIS C 353 -19.19 12.09 49.16
C HIS C 353 -18.13 11.05 48.95
N ASN C 354 -17.02 11.15 49.64
CA ASN C 354 -15.88 10.25 49.44
C ASN C 354 -15.21 9.85 50.75
N LYS C 355 -16.04 9.46 51.71
CA LYS C 355 -15.59 9.19 53.07
C LYS C 355 -14.52 8.09 53.15
N ASP C 356 -14.52 7.17 52.17
CA ASP C 356 -13.48 6.13 52.11
C ASP C 356 -12.08 6.62 51.72
N TYR C 357 -12.00 7.78 51.06
CA TYR C 357 -10.74 8.37 50.62
C TYR C 357 -10.15 9.38 51.62
N PHE C 358 -11.02 10.04 52.37
CA PHE C 358 -10.64 11.10 53.30
C PHE C 358 -10.37 10.55 54.69
N ARG C 359 -9.33 11.04 55.35
CA ARG C 359 -9.03 10.58 56.72
C ARG C 359 -10.13 11.13 57.61
N ALA C 360 -10.27 10.54 58.80
CA ALA C 360 -11.10 11.06 59.87
C ALA C 360 -10.45 12.34 60.38
N ASN C 361 -11.08 13.00 61.35
CA ASN C 361 -10.57 14.26 61.89
C ASN C 361 -9.71 13.98 63.13
N TYR C 362 -8.42 14.33 63.06
CA TYR C 362 -7.41 13.95 64.06
C TYR C 362 -7.00 15.05 65.00
N ASN C 363 -7.65 16.21 64.88
CA ASN C 363 -7.31 17.40 65.64
C ASN C 363 -7.53 17.22 67.13
N ALA C 364 -8.68 16.63 67.48
CA ALA C 364 -8.98 16.32 68.88
C ALA C 364 -7.93 15.38 69.48
N LEU C 365 -7.57 14.34 68.73
CA LEU C 365 -6.52 13.40 69.15
C LEU C 365 -5.21 14.12 69.41
N ARG C 366 -4.85 15.02 68.50
CA ARG C 366 -3.62 15.78 68.69
C ARG C 366 -3.72 16.71 69.91
N GLU C 367 -4.89 17.34 70.11
CA GLU C 367 -5.19 18.19 71.30
C GLU C 367 -4.99 17.41 72.60
N GLU C 368 -5.52 16.18 72.65
CA GLU C 368 -5.36 15.31 73.81
C GLU C 368 -3.89 14.86 74.02
N LEU C 369 -3.19 14.55 72.94
CA LEU C 369 -1.80 14.13 73.07
C LEU C 369 -0.90 15.20 73.68
N ALA C 370 -1.15 16.48 73.38
CA ALA C 370 -0.29 17.55 73.89
C ALA C 370 -0.45 17.79 75.40
N LYS C 371 -1.40 17.07 76.02
CA LYS C 371 -1.69 17.15 77.46
C LYS C 371 -0.85 16.22 78.33
N ILE C 372 -0.18 15.27 77.69
CA ILE C 372 0.66 14.30 78.39
C ILE C 372 1.97 14.94 78.91
N PRO C 373 2.28 14.71 80.21
CA PRO C 373 3.53 15.18 80.86
C PRO C 373 4.81 14.73 80.14
N GLY C 378 9.58 9.80 85.50
CA GLY C 378 9.31 9.92 86.92
C GLY C 378 7.85 9.63 87.20
N TYR C 379 7.07 10.69 87.38
CA TYR C 379 5.61 10.64 87.60
C TYR C 379 5.06 9.69 88.70
N SER C 380 4.36 8.63 88.30
CA SER C 380 3.70 7.69 89.21
C SER C 380 3.82 6.28 88.59
N LYS C 381 2.88 5.38 88.87
CA LYS C 381 2.76 4.08 88.20
C LYS C 381 1.37 3.49 88.41
N GLU C 382 1.05 2.42 87.67
CA GLU C 382 -0.33 1.88 87.50
C GLU C 382 -1.26 2.94 86.88
N SER C 383 -1.10 4.18 87.35
CA SER C 383 -1.55 5.39 86.67
C SER C 383 -0.95 5.44 85.25
N LEU C 384 0.23 4.84 85.07
CA LEU C 384 0.89 4.74 83.77
C LEU C 384 0.52 3.43 83.05
N GLU C 385 -0.34 2.62 83.68
CA GLU C 385 -0.81 1.41 83.01
C GLU C 385 -1.77 1.76 81.88
N ALA C 386 -2.89 2.39 82.22
CA ALA C 386 -3.93 2.75 81.24
C ALA C 386 -3.41 3.67 80.12
N LEU C 387 -2.53 4.62 80.48
CA LEU C 387 -1.94 5.55 79.50
C LEU C 387 -1.11 4.83 78.44
N ASP C 388 -0.17 3.98 78.87
CA ASP C 388 0.55 3.12 77.93
C ASP C 388 -0.45 2.41 76.98
N ALA C 389 -1.43 1.70 77.56
CA ALA C 389 -2.40 0.88 76.82
C ALA C 389 -3.31 1.61 75.81
N ALA C 390 -3.86 2.74 76.22
CA ALA C 390 -4.81 3.48 75.40
C ALA C 390 -4.09 4.20 74.25
N LYS C 391 -2.95 4.83 74.55
CA LYS C 391 -2.11 5.42 73.52
C LYS C 391 -1.66 4.37 72.50
N THR C 392 -1.66 3.10 72.93
CA THR C 392 -1.31 1.98 72.07
C THR C 392 -2.45 1.62 71.12
N ALA C 393 -3.69 1.75 71.61
CA ALA C 393 -4.90 1.38 70.85
C ALA C 393 -5.39 2.52 69.92
N LEU C 394 -4.66 3.62 69.89
CA LEU C 394 -4.91 4.70 68.94
C LEU C 394 -4.61 4.20 67.54
N ASN C 395 -5.60 4.37 66.67
CA ASN C 395 -5.55 4.02 65.27
C ASN C 395 -5.44 5.30 64.43
N TYR C 396 -4.28 5.52 63.79
CA TYR C 396 -4.05 6.70 62.91
C TYR C 396 -4.55 6.53 61.46
N ASN C 397 -5.06 5.36 61.13
CA ASN C 397 -5.41 5.07 59.75
C ASN C 397 -6.91 5.00 59.51
N LEU C 398 -7.70 5.80 60.22
CA LEU C 398 -9.16 5.72 60.02
C LEU C 398 -9.65 6.76 59.02
N ASN C 399 -10.62 6.35 58.19
CA ASN C 399 -11.22 7.25 57.24
C ASN C 399 -12.42 7.96 57.84
N ARG C 400 -13.05 8.81 57.02
CA ARG C 400 -14.10 9.69 57.45
C ARG C 400 -15.41 8.93 57.83
N ASN C 401 -15.51 7.66 57.47
CA ASN C 401 -16.62 6.79 57.87
C ASN C 401 -16.50 6.32 59.30
N LYS C 402 -15.37 6.63 59.92
CA LYS C 402 -15.04 6.03 61.21
C LYS C 402 -14.71 7.06 62.28
N GLN C 403 -15.41 8.20 62.28
CA GLN C 403 -15.10 9.26 63.23
C GLN C 403 -15.51 8.88 64.64
N ALA C 404 -16.64 8.17 64.74
CA ALA C 404 -17.16 7.71 66.05
C ALA C 404 -16.14 6.73 66.63
N GLU C 405 -15.75 5.74 65.83
CA GLU C 405 -14.71 4.80 66.24
C GLU C 405 -13.50 5.53 66.77
N LEU C 406 -13.06 6.57 66.05
CA LEU C 406 -11.92 7.35 66.49
C LEU C 406 -12.20 8.18 67.74
N ASP C 407 -13.42 8.65 67.89
CA ASP C 407 -13.77 9.49 69.05
C ASP C 407 -13.73 8.66 70.32
N THR C 408 -14.27 7.43 70.23
CA THR C 408 -14.18 6.46 71.32
C THR C 408 -12.73 6.24 71.74
N LEU C 409 -11.83 6.03 70.78
CA LEU C 409 -10.41 5.81 71.09
C LEU C 409 -9.76 7.03 71.75
N VAL C 410 -10.22 8.22 71.39
CA VAL C 410 -9.65 9.40 72.02
C VAL C 410 -10.20 9.55 73.44
N ALA C 411 -11.47 9.20 73.64
CA ALA C 411 -12.09 9.25 74.97
C ALA C 411 -11.30 8.41 75.97
N ASN C 412 -10.75 7.29 75.52
CA ASN C 412 -10.11 6.33 76.42
C ASN C 412 -8.72 6.80 76.80
N LEU C 413 -8.06 7.49 75.87
CA LEU C 413 -6.82 8.18 76.18
C LEU C 413 -7.12 9.29 77.18
N LYS C 414 -8.32 9.86 77.05
CA LYS C 414 -8.80 10.89 77.99
C LYS C 414 -9.00 10.32 79.40
N ALA C 415 -9.57 9.11 79.50
CA ALA C 415 -9.70 8.38 80.78
C ALA C 415 -8.33 8.03 81.40
N ALA C 416 -7.41 7.56 80.57
CA ALA C 416 -6.03 7.33 80.98
C ALA C 416 -5.37 8.61 81.52
N LEU C 417 -5.66 9.75 80.91
CA LEU C 417 -5.05 11.00 81.36
C LEU C 417 -5.36 11.23 82.84
N GLN C 418 -6.62 11.09 83.24
CA GLN C 418 -6.99 11.18 84.66
C GLN C 418 -6.66 9.89 85.41
N GLY C 419 -5.37 9.61 85.59
CA GLY C 419 -4.90 8.42 86.30
C GLY C 419 -3.93 8.74 87.42
N SER D 3 39.37 -5.48 -21.89
CA SER D 3 38.33 -6.11 -22.78
C SER D 3 38.92 -7.12 -23.74
N HIS D 4 40.12 -6.87 -24.25
CA HIS D 4 40.87 -7.95 -24.89
C HIS D 4 40.82 -9.13 -23.93
N MET D 5 41.18 -8.86 -22.66
CA MET D 5 41.17 -9.85 -21.59
C MET D 5 39.79 -10.43 -21.27
N GLU D 6 38.74 -9.59 -21.31
CA GLU D 6 37.41 -10.03 -20.91
C GLU D 6 36.87 -11.02 -21.93
N LYS D 7 37.15 -10.73 -23.20
CA LYS D 7 36.72 -11.57 -24.27
C LYS D 7 37.34 -12.94 -24.12
N LEU D 8 38.67 -13.03 -24.04
CA LEU D 8 39.33 -14.34 -23.93
C LEU D 8 38.91 -15.10 -22.67
N ALA D 9 38.43 -14.38 -21.68
CA ALA D 9 38.04 -14.99 -20.42
C ALA D 9 36.66 -15.62 -20.49
N LYS D 10 35.89 -15.33 -21.55
CA LYS D 10 34.55 -15.91 -21.67
C LYS D 10 34.68 -17.38 -22.07
N ASN D 11 33.73 -18.23 -21.66
CA ASN D 11 33.69 -19.63 -22.15
C ASN D 11 33.35 -19.68 -23.63
N LYS D 12 34.02 -20.52 -24.40
CA LYS D 12 33.59 -20.89 -25.75
C LYS D 12 33.45 -22.39 -25.73
N VAL D 13 32.22 -22.88 -25.89
CA VAL D 13 31.88 -24.29 -25.63
C VAL D 13 31.30 -25.00 -26.84
N ILE D 14 31.82 -26.21 -27.12
CA ILE D 14 31.21 -27.10 -28.09
C ILE D 14 30.42 -28.15 -27.32
N SER D 15 29.15 -28.30 -27.67
CA SER D 15 28.29 -29.25 -26.96
C SER D 15 28.07 -30.49 -27.82
N ILE D 16 28.31 -31.66 -27.23
CA ILE D 16 28.17 -32.95 -27.94
C ILE D 16 27.19 -33.81 -27.21
N ASP D 17 26.14 -34.20 -27.92
CA ASP D 17 25.07 -35.00 -27.35
C ASP D 17 25.50 -36.45 -27.37
N ALA D 18 26.26 -36.84 -26.35
CA ALA D 18 26.74 -38.23 -26.23
C ALA D 18 25.80 -39.02 -25.33
N GLY D 19 24.59 -38.48 -25.17
CA GLY D 19 23.52 -39.08 -24.39
C GLY D 19 22.62 -39.92 -25.29
N ARG D 20 22.07 -39.29 -26.33
CA ARG D 20 21.23 -40.04 -27.26
C ARG D 20 22.05 -41.11 -27.97
N LYS D 21 23.27 -40.74 -28.35
CA LYS D 21 24.10 -41.50 -29.26
C LYS D 21 25.50 -41.77 -28.65
N TYR D 22 26.11 -42.89 -29.06
CA TYR D 22 27.44 -43.26 -28.54
C TYR D 22 28.57 -42.57 -29.31
N PHE D 23 29.54 -42.07 -28.59
CA PHE D 23 30.78 -41.61 -29.18
C PHE D 23 31.86 -42.38 -28.48
N THR D 24 32.89 -42.78 -29.22
CA THR D 24 34.07 -43.43 -28.63
C THR D 24 34.94 -42.40 -27.90
N LEU D 25 35.73 -42.86 -26.94
CA LEU D 25 36.69 -42.01 -26.25
C LEU D 25 37.51 -41.21 -27.28
N ASN D 26 37.98 -41.91 -28.32
CA ASN D 26 38.80 -41.31 -29.36
C ASN D 26 38.10 -40.23 -30.16
N GLN D 27 36.82 -40.46 -30.45
CA GLN D 27 36.03 -39.46 -31.15
C GLN D 27 35.97 -38.20 -30.28
N LEU D 28 35.82 -38.40 -28.98
CA LEU D 28 35.77 -37.27 -28.07
C LEU D 28 37.12 -36.58 -27.92
N LYS D 29 38.21 -37.35 -27.94
CA LYS D 29 39.56 -36.77 -27.89
C LYS D 29 39.81 -35.89 -29.11
N ARG D 30 39.40 -36.35 -30.28
CA ARG D 30 39.56 -35.53 -31.48
C ARG D 30 38.70 -34.26 -31.42
N ILE D 31 37.50 -34.38 -30.86
CA ILE D 31 36.71 -33.19 -30.55
C ILE D 31 37.50 -32.23 -29.63
N VAL D 32 38.03 -32.74 -28.51
CA VAL D 32 38.90 -31.92 -27.62
C VAL D 32 40.06 -31.21 -28.35
N ASP D 33 40.81 -32.00 -29.11
CA ASP D 33 41.91 -31.49 -29.92
C ASP D 33 41.46 -30.31 -30.78
N LYS D 34 40.51 -30.59 -31.67
CA LYS D 34 39.92 -29.56 -32.53
C LYS D 34 39.45 -28.34 -31.71
N ALA D 35 38.82 -28.58 -30.56
CA ALA D 35 38.42 -27.47 -29.68
C ALA D 35 39.60 -26.60 -29.19
N SER D 36 40.69 -27.26 -28.80
CA SER D 36 41.88 -26.59 -28.28
C SER D 36 42.53 -25.81 -29.40
N GLU D 37 42.59 -26.45 -30.58
CA GLU D 37 43.14 -25.85 -31.77
C GLU D 37 42.40 -24.58 -32.15
N LEU D 38 41.08 -24.61 -32.06
CA LEU D 38 40.23 -23.54 -32.55
C LEU D 38 40.06 -22.40 -31.56
N GLY D 39 40.54 -22.61 -30.33
CA GLY D 39 40.47 -21.55 -29.31
C GLY D 39 39.29 -21.59 -28.33
N TYR D 40 38.52 -22.68 -28.38
CA TYR D 40 37.49 -23.00 -27.39
C TYR D 40 38.09 -23.17 -26.00
N SER D 41 37.25 -23.11 -24.97
CA SER D 41 37.69 -23.40 -23.62
C SER D 41 37.07 -24.66 -23.00
N ASP D 42 35.94 -25.13 -23.52
CA ASP D 42 35.23 -26.28 -22.90
C ASP D 42 34.53 -27.19 -23.93
N VAL D 43 34.33 -28.43 -23.54
CA VAL D 43 33.53 -29.37 -24.29
C VAL D 43 32.42 -29.76 -23.33
N HIS D 44 31.18 -29.47 -23.74
CA HIS D 44 30.02 -29.84 -22.95
C HIS D 44 29.61 -31.20 -23.41
N LEU D 45 29.55 -32.16 -22.48
CA LEU D 45 29.31 -33.54 -22.83
C LEU D 45 28.08 -34.09 -22.15
N LEU D 46 27.01 -34.20 -22.93
CA LEU D 46 25.78 -34.76 -22.38
C LEU D 46 26.04 -36.25 -22.28
N LEU D 47 25.86 -36.80 -21.10
CA LEU D 47 26.16 -38.21 -20.91
C LEU D 47 24.87 -38.97 -20.58
N GLY D 48 24.00 -38.30 -19.83
CA GLY D 48 22.62 -38.71 -19.62
C GLY D 48 21.71 -37.76 -20.39
N ASN D 49 21.10 -38.28 -21.44
CA ASN D 49 20.25 -37.48 -22.30
C ASN D 49 19.53 -38.45 -23.23
N ASP D 50 18.34 -38.84 -22.79
CA ASP D 50 17.60 -40.00 -23.31
C ASP D 50 18.31 -41.31 -22.93
N GLY D 51 19.39 -41.64 -23.63
CA GLY D 51 20.25 -42.74 -23.22
C GLY D 51 21.07 -42.32 -22.00
N LEU D 52 21.56 -43.31 -21.26
CA LEU D 52 22.48 -43.03 -20.17
C LEU D 52 23.75 -43.79 -20.46
N ARG D 53 24.75 -43.02 -20.90
CA ARG D 53 25.90 -43.53 -21.60
C ARG D 53 27.21 -43.35 -20.83
N PHE D 54 27.14 -43.61 -19.52
CA PHE D 54 28.28 -43.51 -18.66
C PHE D 54 28.04 -44.34 -17.44
N LEU D 55 28.93 -45.31 -17.24
CA LEU D 55 28.86 -46.15 -16.04
C LEU D 55 30.07 -45.92 -15.14
N LEU D 56 29.80 -45.63 -13.87
CA LEU D 56 30.84 -45.52 -12.87
C LEU D 56 31.36 -46.93 -12.57
N ASP D 57 32.57 -47.04 -12.00
CA ASP D 57 33.05 -48.36 -11.59
C ASP D 57 32.18 -48.89 -10.52
N ASP D 58 31.78 -48.05 -9.56
CA ASP D 58 30.85 -48.50 -8.56
C ASP D 58 29.49 -47.86 -8.68
N MET D 59 28.51 -48.64 -9.10
CA MET D 59 27.15 -48.11 -9.30
C MET D 59 26.17 -48.49 -8.20
N THR D 60 26.71 -48.89 -7.05
CA THR D 60 25.86 -49.25 -5.90
C THR D 60 25.07 -48.01 -5.53
N ILE D 61 23.75 -48.15 -5.41
CA ILE D 61 22.87 -47.03 -5.01
C ILE D 61 22.17 -47.34 -3.70
N THR D 62 22.07 -46.32 -2.87
CA THR D 62 21.35 -46.43 -1.61
C THR D 62 20.21 -45.41 -1.60
N ALA D 63 18.97 -45.87 -1.51
CA ALA D 63 17.78 -45.02 -1.50
C ALA D 63 16.59 -45.84 -1.10
N ASN D 64 15.56 -45.18 -0.60
CA ASN D 64 14.31 -45.83 -0.28
C ASN D 64 14.45 -46.87 0.85
N GLY D 65 15.46 -46.70 1.71
CA GLY D 65 15.71 -47.66 2.79
C GLY D 65 16.27 -49.02 2.35
N LYS D 66 16.84 -49.07 1.15
N LYS D 66 16.84 -49.08 1.15
CA LYS D 66 17.47 -50.31 0.68
CA LYS D 66 17.49 -50.31 0.69
C LYS D 66 18.65 -49.97 -0.20
C LYS D 66 18.70 -49.98 -0.14
N THR D 67 19.38 -51.00 -0.65
CA THR D 67 20.50 -50.79 -1.52
C THR D 67 20.28 -51.59 -2.76
N TYR D 68 20.72 -51.02 -3.87
CA TYR D 68 20.61 -51.62 -5.16
C TYR D 68 22.05 -51.93 -5.56
N ALA D 69 22.33 -53.20 -5.76
CA ALA D 69 23.70 -53.64 -5.97
C ALA D 69 24.26 -53.05 -7.25
N SER D 70 25.54 -52.72 -7.21
CA SER D 70 26.23 -52.13 -8.35
C SER D 70 26.00 -52.92 -9.64
N ASP D 71 26.13 -54.25 -9.60
CA ASP D 71 25.90 -55.07 -10.80
C ASP D 71 24.49 -54.93 -11.38
N ASP D 72 23.50 -54.92 -10.49
CA ASP D 72 22.09 -54.77 -10.87
C ASP D 72 21.86 -53.40 -11.54
N VAL D 73 22.44 -52.37 -10.96
CA VAL D 73 22.31 -51.03 -11.50
C VAL D 73 22.94 -50.95 -12.88
N LYS D 74 24.16 -51.46 -13.04
CA LYS D 74 24.81 -51.41 -14.36
C LYS D 74 23.99 -52.10 -15.44
N LYS D 75 23.55 -53.32 -15.12
CA LYS D 75 22.74 -54.13 -16.04
C LYS D 75 21.43 -53.43 -16.40
N ALA D 76 20.74 -52.89 -15.40
CA ALA D 76 19.49 -52.19 -15.63
C ALA D 76 19.65 -50.92 -16.53
N ILE D 77 20.74 -50.19 -16.33
CA ILE D 77 21.01 -48.99 -17.14
C ILE D 77 21.39 -49.39 -18.55
N ILE D 78 22.24 -50.40 -18.69
CA ILE D 78 22.55 -50.89 -20.02
C ILE D 78 21.26 -51.28 -20.75
N GLU D 79 20.36 -52.01 -20.07
CA GLU D 79 19.04 -52.31 -20.66
C GLU D 79 18.18 -51.09 -20.99
N GLY D 80 18.04 -50.14 -20.05
CA GLY D 80 17.43 -48.83 -20.36
C GLY D 80 18.00 -48.12 -21.61
N THR D 81 19.31 -48.00 -21.68
CA THR D 81 19.97 -47.33 -22.79
C THR D 81 19.83 -48.09 -24.12
N LYS D 82 19.79 -49.41 -24.07
CA LYS D 82 19.57 -50.17 -25.31
C LYS D 82 18.10 -50.10 -25.75
N ALA D 83 17.18 -50.14 -24.79
CA ALA D 83 15.77 -49.92 -25.09
C ALA D 83 15.52 -48.56 -25.77
N TYR D 84 16.20 -47.52 -25.31
CA TYR D 84 16.08 -46.23 -26.01
C TYR D 84 16.68 -46.34 -27.39
N TYR D 85 17.95 -46.72 -27.47
CA TYR D 85 18.60 -46.86 -28.77
C TYR D 85 19.81 -47.76 -28.67
N ASP D 86 19.72 -48.93 -29.27
CA ASP D 86 20.79 -49.92 -29.17
C ASP D 86 21.85 -49.63 -30.22
N ASP D 87 22.68 -48.62 -29.93
CA ASP D 87 23.69 -48.15 -30.85
C ASP D 87 24.73 -49.25 -31.18
N PRO D 88 24.87 -49.62 -32.47
CA PRO D 88 25.86 -50.66 -32.85
C PRO D 88 27.32 -50.29 -32.55
N ASN D 89 27.62 -48.99 -32.43
CA ASN D 89 28.99 -48.53 -32.08
C ASN D 89 29.35 -48.65 -30.60
N GLY D 90 28.38 -48.88 -29.72
CA GLY D 90 28.69 -48.97 -28.30
C GLY D 90 27.55 -48.50 -27.42
N THR D 91 27.74 -48.60 -26.11
CA THR D 91 26.65 -48.34 -25.17
C THR D 91 26.93 -47.21 -24.17
N ALA D 92 27.99 -47.37 -23.39
CA ALA D 92 28.30 -46.45 -22.30
C ALA D 92 29.79 -46.30 -22.18
N LEU D 93 30.23 -45.08 -21.89
CA LEU D 93 31.63 -44.85 -21.58
C LEU D 93 31.93 -45.40 -20.17
N THR D 94 33.16 -45.84 -19.93
CA THR D 94 33.55 -46.33 -18.61
C THR D 94 34.13 -45.20 -17.72
N GLN D 95 34.28 -45.49 -16.42
CA GLN D 95 34.89 -44.53 -15.51
C GLN D 95 36.30 -44.16 -15.97
N ALA D 96 37.08 -45.19 -16.35
CA ALA D 96 38.46 -45.02 -16.78
C ALA D 96 38.53 -44.16 -18.02
N GLU D 97 37.59 -44.39 -18.96
CA GLU D 97 37.47 -43.58 -20.19
C GLU D 97 37.19 -42.10 -19.96
N VAL D 98 36.22 -41.78 -19.12
CA VAL D 98 35.89 -40.38 -18.88
C VAL D 98 37.03 -39.70 -18.12
N THR D 99 37.64 -40.45 -17.21
CA THR D 99 38.79 -39.97 -16.44
C THR D 99 39.94 -39.58 -17.38
N GLU D 100 40.28 -40.48 -18.31
CA GLU D 100 41.28 -40.18 -19.32
C GLU D 100 40.89 -38.93 -20.11
N LEU D 101 39.62 -38.83 -20.48
CA LEU D 101 39.13 -37.69 -21.27
C LEU D 101 39.33 -36.38 -20.51
N ILE D 102 38.93 -36.36 -19.24
CA ILE D 102 39.13 -35.18 -18.38
C ILE D 102 40.61 -34.80 -18.29
N GLU D 103 41.47 -35.80 -18.12
CA GLU D 103 42.91 -35.51 -18.05
C GLU D 103 43.46 -34.97 -19.37
N TYR D 104 43.01 -35.57 -20.46
CA TYR D 104 43.47 -35.21 -21.78
C TYR D 104 43.03 -33.78 -22.10
N ALA D 105 41.77 -33.47 -21.81
CA ALA D 105 41.24 -32.14 -21.95
C ALA D 105 42.03 -31.13 -21.11
N LYS D 106 42.35 -31.50 -19.86
CA LYS D 106 43.12 -30.62 -18.95
C LYS D 106 44.50 -30.30 -19.53
N SER D 107 45.18 -31.33 -20.07
CA SER D 107 46.49 -31.18 -20.69
C SER D 107 46.44 -30.13 -21.80
N LYS D 108 45.28 -29.98 -22.41
CA LYS D 108 45.11 -28.99 -23.46
C LYS D 108 44.31 -27.74 -23.07
N ASP D 109 44.21 -27.47 -21.76
CA ASP D 109 43.48 -26.29 -21.26
C ASP D 109 42.01 -26.24 -21.70
N ILE D 110 41.36 -27.40 -21.70
CA ILE D 110 39.97 -27.52 -22.09
C ILE D 110 39.25 -28.09 -20.89
N GLY D 111 38.24 -27.37 -20.39
CA GLY D 111 37.44 -27.93 -19.30
C GLY D 111 36.39 -28.90 -19.87
N LEU D 112 35.99 -29.89 -19.07
CA LEU D 112 34.84 -30.69 -19.39
C LEU D 112 33.59 -30.25 -18.58
N ILE D 113 32.46 -30.09 -19.26
CA ILE D 113 31.19 -29.83 -18.59
C ILE D 113 30.21 -30.95 -18.86
N PRO D 114 30.05 -31.89 -17.90
CA PRO D 114 29.17 -33.03 -18.06
C PRO D 114 27.69 -32.71 -17.80
N ALA D 115 26.78 -33.32 -18.55
CA ALA D 115 25.34 -33.25 -18.25
C ALA D 115 24.73 -34.65 -18.04
N ILE D 116 23.91 -34.79 -17.01
CA ILE D 116 23.09 -35.96 -16.79
C ILE D 116 21.70 -35.39 -16.65
N ASN D 117 20.86 -35.59 -17.66
CA ASN D 117 19.57 -34.92 -17.72
C ASN D 117 18.47 -35.59 -16.86
N SER D 118 17.56 -34.77 -16.35
CA SER D 118 16.39 -35.18 -15.59
C SER D 118 15.61 -33.89 -15.24
N PRO D 119 14.29 -33.97 -14.95
CA PRO D 119 13.44 -35.15 -14.94
C PRO D 119 12.96 -35.54 -16.31
N GLY D 120 13.28 -34.74 -17.33
CA GLY D 120 12.97 -35.10 -18.71
C GLY D 120 14.16 -35.85 -19.29
N HIS D 121 14.07 -36.20 -20.56
CA HIS D 121 15.22 -36.77 -21.25
C HIS D 121 15.94 -37.89 -20.51
N MET D 122 15.17 -38.73 -19.82
CA MET D 122 15.76 -39.81 -19.00
C MET D 122 15.15 -41.17 -19.29
N ASP D 123 14.85 -41.41 -20.56
CA ASP D 123 14.27 -42.71 -21.03
C ASP D 123 14.99 -43.94 -20.44
N ALA D 124 16.32 -43.90 -20.45
CA ALA D 124 17.11 -45.03 -20.02
C ALA D 124 16.93 -45.21 -18.53
N MET D 125 16.91 -44.12 -17.78
CA MET D 125 16.75 -44.24 -16.34
C MET D 125 15.40 -44.81 -15.92
N LEU D 126 14.37 -44.51 -16.71
CA LEU D 126 13.01 -44.96 -16.40
C LEU D 126 12.89 -46.47 -16.57
N VAL D 127 13.38 -46.98 -17.69
CA VAL D 127 13.43 -48.42 -17.87
C VAL D 127 14.35 -49.01 -16.82
N ALA D 128 15.54 -48.39 -16.63
CA ALA D 128 16.49 -48.87 -15.64
C ALA D 128 15.77 -49.07 -14.34
N MET D 129 14.98 -48.10 -13.91
CA MET D 129 14.39 -48.34 -12.61
C MET D 129 13.20 -49.31 -12.52
N GLU D 130 12.46 -49.48 -13.61
CA GLU D 130 11.49 -50.57 -13.70
C GLU D 130 12.20 -51.92 -13.54
N LYS D 131 13.33 -52.11 -14.23
CA LYS D 131 14.14 -53.32 -14.07
C LYS D 131 14.53 -53.55 -12.60
N LEU D 132 14.87 -52.48 -11.88
CA LEU D 132 15.26 -52.56 -10.47
C LEU D 132 14.09 -52.67 -9.50
N GLY D 133 12.88 -52.77 -10.02
CA GLY D 133 11.72 -53.00 -9.15
C GLY D 133 10.95 -51.76 -8.74
N ILE D 134 11.30 -50.61 -9.33
CA ILE D 134 10.58 -49.37 -9.12
C ILE D 134 9.51 -49.25 -10.22
N LYS D 135 8.25 -49.36 -9.83
CA LYS D 135 7.11 -49.45 -10.74
C LYS D 135 6.62 -48.05 -11.05
N ASN D 136 6.20 -47.86 -12.30
CA ASN D 136 5.56 -46.61 -12.71
C ASN D 136 6.41 -45.36 -12.40
N PRO D 137 7.70 -45.34 -12.81
CA PRO D 137 8.45 -44.10 -12.57
C PRO D 137 8.03 -42.96 -13.53
N GLN D 138 7.21 -43.27 -14.54
CA GLN D 138 6.95 -42.35 -15.63
C GLN D 138 5.86 -41.35 -15.27
N ALA D 139 6.08 -40.09 -15.67
CA ALA D 139 5.03 -39.06 -15.64
C ALA D 139 3.86 -39.50 -16.50
N HIS D 140 2.68 -38.97 -16.21
CA HIS D 140 1.49 -39.43 -16.91
C HIS D 140 0.46 -38.36 -17.13
N PHE D 141 0.29 -37.97 -18.38
CA PHE D 141 -0.67 -36.92 -18.75
C PHE D 141 -1.69 -37.43 -19.81
N ASP D 142 -1.68 -36.92 -21.05
CA ASP D 142 -2.56 -37.45 -22.11
C ASP D 142 -2.21 -38.91 -22.39
N LYS D 143 -0.97 -39.28 -22.13
CA LYS D 143 -0.55 -40.69 -22.05
C LYS D 143 0.57 -40.84 -21.03
N VAL D 144 1.03 -42.07 -20.82
CA VAL D 144 2.21 -42.35 -20.00
C VAL D 144 3.48 -41.88 -20.74
N SER D 145 4.33 -41.11 -20.09
CA SER D 145 5.51 -40.60 -20.80
C SER D 145 6.47 -41.74 -20.96
N LYS D 146 7.27 -41.70 -22.03
CA LYS D 146 8.44 -42.58 -22.14
C LYS D 146 9.72 -41.81 -21.77
N THR D 147 9.61 -40.51 -21.52
CA THR D 147 10.81 -39.71 -21.44
C THR D 147 11.09 -39.11 -20.05
N THR D 148 10.01 -38.95 -19.28
CA THR D 148 9.98 -38.07 -18.13
C THR D 148 9.49 -38.78 -16.86
N MET D 149 10.19 -38.56 -15.75
CA MET D 149 9.84 -39.05 -14.43
C MET D 149 8.64 -38.31 -13.83
N ASP D 150 7.79 -39.10 -13.18
CA ASP D 150 6.69 -38.64 -12.37
C ASP D 150 7.19 -38.00 -11.08
N LEU D 151 7.00 -36.68 -10.93
CA LEU D 151 7.48 -35.93 -9.75
C LEU D 151 6.83 -36.33 -8.42
N LYS D 152 5.71 -37.03 -8.50
CA LYS D 152 4.97 -37.48 -7.31
C LYS D 152 5.37 -38.91 -6.88
N ASN D 153 6.13 -39.60 -7.72
CA ASN D 153 6.62 -40.93 -7.40
C ASN D 153 7.91 -40.83 -6.56
N GLU D 154 7.74 -40.90 -5.25
CA GLU D 154 8.84 -40.68 -4.32
C GLU D 154 9.92 -41.72 -4.52
N GLU D 155 9.52 -42.98 -4.63
CA GLU D 155 10.49 -44.06 -4.80
C GLU D 155 11.44 -43.75 -5.95
N ALA D 156 10.90 -43.21 -7.04
CA ALA D 156 11.69 -43.05 -8.24
C ALA D 156 12.55 -41.79 -8.07
N MET D 157 11.96 -40.77 -7.49
CA MET D 157 12.65 -39.51 -7.20
C MET D 157 13.87 -39.72 -6.29
N ASN D 158 13.68 -40.51 -5.24
CA ASN D 158 14.74 -40.91 -4.34
C ASN D 158 15.83 -41.63 -5.08
N PHE D 159 15.46 -42.58 -5.93
CA PHE D 159 16.48 -43.28 -6.70
C PHE D 159 17.30 -42.34 -7.59
N VAL D 160 16.61 -41.50 -8.35
CA VAL D 160 17.26 -40.63 -9.31
C VAL D 160 18.16 -39.61 -8.62
N LYS D 161 17.67 -39.00 -7.54
CA LYS D 161 18.48 -38.07 -6.77
C LYS D 161 19.77 -38.75 -6.35
N ALA D 162 19.67 -39.97 -5.85
CA ALA D 162 20.84 -40.65 -5.35
C ALA D 162 21.75 -41.07 -6.53
N LEU D 163 21.18 -41.43 -7.67
CA LEU D 163 22.02 -41.79 -8.82
C LEU D 163 22.76 -40.55 -9.30
N ILE D 164 22.05 -39.41 -9.41
CA ILE D 164 22.69 -38.18 -9.86
C ILE D 164 23.83 -37.75 -8.91
N GLY D 165 23.58 -37.89 -7.61
CA GLY D 165 24.59 -37.68 -6.58
C GLY D 165 25.84 -38.51 -6.75
N LYS D 166 25.70 -39.80 -7.05
CA LYS D 166 26.90 -40.61 -7.32
C LYS D 166 27.69 -40.01 -8.47
N TYR D 167 27.00 -39.57 -9.53
CA TYR D 167 27.67 -38.96 -10.68
C TYR D 167 28.36 -37.67 -10.29
N MET D 168 27.70 -36.89 -9.43
CA MET D 168 28.25 -35.64 -8.97
C MET D 168 29.49 -35.88 -8.12
N ASP D 169 29.45 -36.95 -7.30
CA ASP D 169 30.59 -37.29 -6.47
C ASP D 169 31.75 -37.55 -7.39
N PHE D 170 31.49 -38.23 -8.51
CA PHE D 170 32.57 -38.55 -9.42
C PHE D 170 33.19 -37.32 -10.05
N PHE D 171 32.37 -36.36 -10.46
CA PHE D 171 32.90 -35.14 -11.09
C PHE D 171 33.44 -34.11 -10.11
N ALA D 172 33.09 -34.22 -8.83
CA ALA D 172 33.56 -33.24 -7.84
C ALA D 172 35.07 -33.23 -7.81
N GLY D 173 35.67 -32.07 -8.04
CA GLY D 173 37.12 -31.95 -8.02
C GLY D 173 37.75 -32.28 -9.37
N LYS D 174 36.92 -32.69 -10.34
CA LYS D 174 37.44 -32.96 -11.68
C LYS D 174 36.94 -31.92 -12.68
N THR D 175 35.76 -31.37 -12.45
CA THR D 175 35.22 -30.39 -13.38
C THR D 175 34.64 -29.23 -12.57
N LYS D 176 34.66 -28.01 -13.12
CA LYS D 176 34.05 -26.87 -12.43
C LYS D 176 32.51 -26.92 -12.41
N ILE D 177 31.90 -27.40 -13.50
CA ILE D 177 30.45 -27.25 -13.72
C ILE D 177 29.71 -28.59 -13.83
N PHE D 178 28.44 -28.64 -13.43
CA PHE D 178 27.62 -29.84 -13.64
C PHE D 178 26.24 -29.39 -14.13
N ASN D 179 25.91 -29.79 -15.34
CA ASN D 179 24.62 -29.49 -15.95
C ASN D 179 23.59 -30.59 -15.71
N PHE D 180 22.60 -30.29 -14.87
CA PHE D 180 21.56 -31.25 -14.56
C PHE D 180 20.32 -31.09 -15.45
N GLY D 181 20.38 -30.15 -16.38
CA GLY D 181 19.42 -30.15 -17.50
C GLY D 181 18.06 -29.54 -17.21
N THR D 182 17.05 -30.40 -17.02
CA THR D 182 15.65 -30.03 -16.72
C THR D 182 14.80 -29.55 -17.92
N ASP D 183 15.33 -29.57 -19.15
CA ASP D 183 14.52 -29.17 -20.31
C ASP D 183 13.42 -30.19 -20.66
N GLU D 184 12.34 -29.71 -21.28
CA GLU D 184 11.26 -30.57 -21.84
C GLU D 184 10.63 -31.54 -20.84
N TYR D 185 9.71 -31.03 -20.01
CA TYR D 185 9.00 -31.88 -19.07
C TYR D 185 7.82 -32.63 -19.74
N ALA D 186 7.93 -33.94 -19.88
CA ALA D 186 6.91 -34.78 -20.50
C ALA D 186 6.27 -34.19 -21.78
N ASN D 187 7.10 -33.67 -22.67
CA ASN D 187 6.56 -33.15 -23.94
C ASN D 187 5.82 -34.20 -24.77
N ASP D 188 6.28 -35.46 -24.70
CA ASP D 188 5.71 -36.59 -25.48
C ASP D 188 4.30 -36.97 -24.99
N ALA D 189 3.96 -36.49 -23.80
CA ALA D 189 2.71 -36.89 -23.13
C ALA D 189 1.70 -35.73 -23.05
N THR D 190 2.08 -34.57 -23.57
CA THR D 190 1.31 -33.34 -23.43
C THR D 190 1.25 -32.51 -24.75
N SER D 191 1.51 -33.14 -25.89
CA SER D 191 1.76 -32.44 -27.18
C SER D 191 2.71 -31.27 -27.03
N ALA D 192 3.82 -31.50 -26.33
CA ALA D 192 4.78 -30.43 -26.10
C ALA D 192 4.22 -29.21 -25.32
N GLN D 193 3.47 -29.46 -24.25
CA GLN D 193 2.99 -28.38 -23.39
C GLN D 193 3.27 -28.70 -21.94
N GLY D 194 4.40 -29.38 -21.70
CA GLY D 194 4.75 -29.87 -20.38
C GLY D 194 4.60 -28.85 -19.27
N TRP D 195 5.06 -27.63 -19.52
CA TRP D 195 5.06 -26.61 -18.46
C TRP D 195 3.64 -26.19 -18.16
N TYR D 196 2.86 -26.00 -19.21
CA TYR D 196 1.46 -25.66 -19.05
C TYR D 196 0.79 -26.74 -18.22
N TYR D 197 1.05 -28.00 -18.54
CA TYR D 197 0.48 -29.13 -17.79
C TYR D 197 0.91 -29.10 -16.32
N LEU D 198 2.19 -28.81 -16.07
CA LEU D 198 2.67 -28.79 -14.67
C LEU D 198 1.87 -27.73 -13.90
N LYS D 199 1.78 -26.52 -14.46
CA LYS D 199 1.01 -25.43 -13.83
C LYS D 199 -0.44 -25.84 -13.66
N TRP D 200 -1.00 -26.49 -14.67
CA TRP D 200 -2.42 -26.83 -14.66
C TRP D 200 -2.77 -27.74 -13.52
N TYR D 201 -1.94 -28.77 -13.32
CA TYR D 201 -2.13 -29.73 -12.21
C TYR D 201 -1.42 -29.34 -10.94
N GLN D 202 -0.89 -28.12 -10.88
CA GLN D 202 -0.22 -27.61 -9.67
C GLN D 202 0.97 -28.48 -9.25
N LEU D 203 1.75 -28.90 -10.24
CA LEU D 203 2.98 -29.66 -10.01
C LEU D 203 4.22 -28.85 -10.33
N TYR D 204 4.03 -27.57 -10.71
CA TYR D 204 5.18 -26.71 -11.05
C TYR D 204 6.01 -26.34 -9.80
N GLY D 205 5.33 -26.22 -8.66
CA GLY D 205 6.01 -26.13 -7.36
C GLY D 205 6.95 -27.32 -7.12
N LYS D 206 6.46 -28.52 -7.40
CA LYS D 206 7.23 -29.72 -7.18
C LYS D 206 8.41 -29.81 -8.12
N PHE D 207 8.26 -29.32 -9.35
CA PHE D 207 9.37 -29.29 -10.27
C PHE D 207 10.50 -28.38 -9.76
N ALA D 208 10.11 -27.25 -9.20
CA ALA D 208 11.06 -26.25 -8.74
C ALA D 208 11.87 -26.83 -7.58
N GLU D 209 11.14 -27.49 -6.68
CA GLU D 209 11.70 -28.13 -5.52
C GLU D 209 12.74 -29.19 -6.01
N TYR D 210 12.36 -29.98 -7.01
CA TYR D 210 13.32 -30.89 -7.68
C TYR D 210 14.56 -30.15 -8.25
N ALA D 211 14.36 -29.12 -9.06
CA ALA D 211 15.49 -28.38 -9.63
C ALA D 211 16.38 -27.76 -8.56
N ASN D 212 15.76 -27.14 -7.57
CA ASN D 212 16.47 -26.58 -6.44
C ASN D 212 17.31 -27.59 -5.65
N THR D 213 16.80 -28.83 -5.49
CA THR D 213 17.58 -29.91 -4.83
C THR D 213 18.84 -30.30 -5.60
N LEU D 214 18.72 -30.47 -6.92
CA LEU D 214 19.89 -30.74 -7.78
C LEU D 214 20.89 -29.60 -7.72
N ALA D 215 20.40 -28.36 -7.63
CA ALA D 215 21.27 -27.19 -7.54
C ALA D 215 22.04 -27.23 -6.23
N ALA D 216 21.34 -27.52 -5.14
CA ALA D 216 21.96 -27.62 -3.82
C ALA D 216 22.93 -28.78 -3.81
N MET D 217 22.61 -29.85 -4.54
CA MET D 217 23.44 -31.04 -4.46
C MET D 217 24.79 -30.74 -5.07
N ALA D 218 24.73 -30.04 -6.20
CA ALA D 218 25.89 -29.63 -6.99
C ALA D 218 26.83 -28.74 -6.18
N LYS D 219 26.23 -27.75 -5.52
CA LYS D 219 26.99 -26.79 -4.73
C LYS D 219 27.66 -27.39 -3.52
N GLU D 220 26.99 -28.31 -2.80
CA GLU D 220 27.64 -28.87 -1.59
C GLU D 220 28.84 -29.76 -1.97
N ARG D 221 28.88 -30.17 -3.23
CA ARG D 221 29.97 -30.96 -3.79
C ARG D 221 30.96 -30.11 -4.61
N GLY D 222 30.86 -28.79 -4.48
CA GLY D 222 31.83 -27.89 -5.08
C GLY D 222 31.68 -27.82 -6.59
N LEU D 223 30.47 -28.02 -7.08
CA LEU D 223 30.26 -27.95 -8.53
C LEU D 223 29.30 -26.79 -8.78
N GLN D 224 29.64 -25.94 -9.74
CA GLN D 224 28.75 -24.92 -10.25
C GLN D 224 27.55 -25.58 -10.94
N PRO D 225 26.32 -25.39 -10.44
CA PRO D 225 25.18 -26.02 -11.13
C PRO D 225 24.83 -25.29 -12.43
N MET D 226 24.43 -26.06 -13.45
CA MET D 226 23.98 -25.47 -14.71
C MET D 226 22.70 -26.19 -15.10
N ALA D 227 21.78 -25.47 -15.73
CA ALA D 227 20.55 -26.08 -16.24
C ALA D 227 20.12 -25.34 -17.51
N PHE D 228 19.29 -26.00 -18.32
CA PHE D 228 18.64 -25.32 -19.41
C PHE D 228 17.56 -24.36 -18.85
N ASN D 229 17.25 -23.31 -19.62
CA ASN D 229 16.36 -22.22 -19.19
C ASN D 229 14.89 -22.60 -19.09
N ASP D 230 14.49 -23.58 -19.87
CA ASP D 230 13.08 -23.91 -20.09
C ASP D 230 12.21 -23.86 -18.84
N GLY D 231 12.64 -24.57 -17.80
CA GLY D 231 11.78 -24.79 -16.66
C GLY D 231 11.77 -23.64 -15.68
N PHE D 232 12.69 -22.70 -15.84
CA PHE D 232 12.88 -21.62 -14.87
C PHE D 232 11.93 -20.44 -15.11
N TYR D 233 11.20 -20.07 -14.05
CA TYR D 233 10.29 -18.92 -14.04
C TYR D 233 9.35 -18.87 -15.21
N TYR D 234 8.76 -20.01 -15.56
CA TYR D 234 7.99 -20.08 -16.80
C TYR D 234 6.95 -18.97 -16.88
N GLU D 235 6.85 -18.37 -18.06
CA GLU D 235 5.91 -17.29 -18.39
C GLU D 235 6.21 -16.02 -17.59
N ASP D 236 7.47 -15.82 -17.21
CA ASP D 236 7.88 -14.61 -16.48
C ASP D 236 7.05 -14.42 -15.19
N LYS D 237 6.66 -15.52 -14.54
CA LYS D 237 5.94 -15.45 -13.25
C LYS D 237 6.84 -15.94 -12.12
N ASP D 238 6.68 -15.40 -10.92
CA ASP D 238 7.54 -15.82 -9.83
C ASP D 238 6.80 -16.28 -8.59
N ASP D 239 5.62 -16.86 -8.77
CA ASP D 239 4.91 -17.50 -7.65
C ASP D 239 5.78 -18.65 -7.07
N VAL D 240 6.47 -19.38 -7.95
CA VAL D 240 7.43 -20.40 -7.57
C VAL D 240 8.88 -19.90 -7.72
N GLN D 241 9.65 -19.81 -6.63
CA GLN D 241 11.06 -19.33 -6.69
C GLN D 241 12.00 -20.47 -7.07
N PHE D 242 13.12 -20.15 -7.73
CA PHE D 242 14.15 -21.11 -8.11
C PHE D 242 15.50 -20.62 -7.61
N ASP D 243 16.43 -21.54 -7.37
CA ASP D 243 17.81 -21.23 -6.94
C ASP D 243 18.47 -20.24 -7.92
N LYS D 244 19.06 -19.16 -7.41
CA LYS D 244 19.63 -18.09 -8.27
C LYS D 244 21.08 -18.31 -8.69
N ASP D 245 21.75 -19.31 -8.09
CA ASP D 245 23.16 -19.59 -8.37
C ASP D 245 23.35 -20.45 -9.62
N VAL D 246 22.26 -20.89 -10.23
CA VAL D 246 22.34 -21.78 -11.38
C VAL D 246 22.80 -20.98 -12.63
N LEU D 247 23.80 -21.54 -13.31
CA LEU D 247 24.24 -21.04 -14.59
C LEU D 247 23.22 -21.51 -15.62
N ILE D 248 22.52 -20.55 -16.21
CA ILE D 248 21.42 -20.87 -17.12
C ILE D 248 21.90 -21.05 -18.54
N SER D 249 21.69 -22.23 -19.11
CA SER D 249 22.06 -22.44 -20.51
C SER D 249 20.84 -22.06 -21.34
N TYR D 250 20.84 -20.86 -21.91
CA TYR D 250 19.65 -20.30 -22.52
C TYR D 250 19.69 -20.55 -24.01
N TRP D 251 18.71 -21.29 -24.53
CA TRP D 251 18.69 -21.64 -25.96
C TRP D 251 17.56 -21.07 -26.79
N SER D 252 16.43 -20.73 -26.15
CA SER D 252 15.25 -20.18 -26.84
C SER D 252 14.19 -19.63 -25.87
N LYS D 253 13.28 -18.79 -26.37
CA LYS D 253 12.16 -18.32 -25.54
C LYS D 253 10.94 -19.19 -25.79
N GLY D 254 11.08 -20.19 -26.66
CA GLY D 254 9.95 -21.03 -27.01
C GLY D 254 9.21 -20.54 -28.26
N TRP D 255 7.91 -20.76 -28.29
CA TRP D 255 7.12 -20.48 -29.48
C TRP D 255 5.68 -20.35 -29.02
N TRP D 256 4.77 -20.18 -29.97
CA TRP D 256 3.36 -20.05 -29.66
C TRP D 256 2.86 -21.10 -28.70
N GLY D 257 2.42 -20.66 -27.52
CA GLY D 257 1.83 -21.53 -26.49
C GLY D 257 2.84 -22.20 -25.58
N TYR D 258 4.11 -21.90 -25.78
CA TYR D 258 5.20 -22.53 -25.06
C TYR D 258 6.02 -21.38 -24.51
N ASN D 259 5.53 -20.79 -23.42
CA ASN D 259 5.95 -19.47 -22.97
C ASN D 259 7.08 -19.45 -21.96
N LEU D 260 8.27 -19.80 -22.42
CA LEU D 260 9.46 -19.78 -21.59
C LEU D 260 9.72 -18.34 -21.13
N ALA D 261 10.32 -18.19 -19.95
CA ALA D 261 10.76 -16.88 -19.45
C ALA D 261 11.73 -16.24 -20.46
N SER D 262 11.57 -14.94 -20.66
CA SER D 262 12.47 -14.20 -21.50
C SER D 262 13.82 -14.14 -20.81
N PRO D 263 14.88 -13.90 -21.58
CA PRO D 263 16.15 -13.72 -20.90
C PRO D 263 16.19 -12.41 -20.15
N GLN D 264 15.43 -11.41 -20.59
CA GLN D 264 15.32 -10.15 -19.82
C GLN D 264 14.82 -10.37 -18.38
N TYR D 265 13.79 -11.20 -18.22
CA TYR D 265 13.23 -11.52 -16.93
C TYR D 265 14.22 -12.33 -16.10
N LEU D 266 14.81 -13.38 -16.65
CA LEU D 266 15.83 -14.14 -15.89
C LEU D 266 17.05 -13.28 -15.47
N ALA D 267 17.50 -12.36 -16.33
CA ALA D 267 18.54 -11.42 -15.96
C ALA D 267 18.10 -10.58 -14.77
N SER D 268 16.83 -10.16 -14.73
CA SER D 268 16.36 -9.34 -13.62
C SER D 268 16.24 -10.15 -12.34
N LYS D 269 16.24 -11.49 -12.46
CA LYS D 269 16.20 -12.32 -11.26
C LYS D 269 17.62 -12.57 -10.74
N GLY D 270 18.64 -12.09 -11.45
CA GLY D 270 20.03 -12.29 -11.06
C GLY D 270 20.80 -13.39 -11.78
N TYR D 271 20.21 -14.05 -12.77
CA TYR D 271 20.89 -15.19 -13.42
C TYR D 271 21.95 -14.79 -14.39
N LYS D 272 23.05 -15.54 -14.40
CA LYS D 272 24.05 -15.41 -15.45
C LYS D 272 23.84 -16.50 -16.56
N PHE D 273 24.20 -16.20 -17.80
CA PHE D 273 23.84 -17.10 -18.91
C PHE D 273 25.03 -17.71 -19.59
N LEU D 274 24.90 -18.97 -19.98
CA LEU D 274 25.78 -19.51 -20.98
C LEU D 274 24.95 -19.39 -22.24
N ASN D 275 25.33 -18.46 -23.13
CA ASN D 275 24.57 -18.24 -24.36
C ASN D 275 24.59 -19.44 -25.32
N THR D 276 23.52 -20.22 -25.27
CA THR D 276 23.43 -21.50 -25.96
C THR D 276 22.37 -21.36 -27.08
N ASN D 277 22.56 -20.33 -27.91
CA ASN D 277 21.54 -19.93 -28.84
C ASN D 277 21.13 -21.04 -29.82
N GLY D 278 19.82 -21.34 -29.89
CA GLY D 278 19.27 -22.31 -30.84
C GLY D 278 19.69 -22.10 -32.29
N ASP D 279 20.06 -20.86 -32.64
CA ASP D 279 20.53 -20.54 -34.01
C ASP D 279 21.73 -21.38 -34.40
N TRP D 280 22.53 -21.79 -33.42
CA TRP D 280 23.75 -22.52 -33.69
C TRP D 280 23.61 -24.01 -33.61
N TYR D 281 22.39 -24.50 -33.43
CA TYR D 281 22.16 -25.95 -33.28
C TYR D 281 22.39 -26.69 -34.62
N TYR D 282 23.06 -27.82 -34.56
CA TYR D 282 23.08 -28.75 -35.66
C TYR D 282 22.67 -30.13 -35.15
N ILE D 283 21.63 -30.70 -35.76
CA ILE D 283 21.15 -32.04 -35.43
C ILE D 283 21.76 -33.01 -36.45
N LEU D 284 22.43 -34.05 -35.98
CA LEU D 284 23.11 -34.97 -36.92
C LEU D 284 22.16 -35.45 -37.99
N GLY D 285 22.54 -35.21 -39.25
CA GLY D 285 21.81 -35.75 -40.41
C GLY D 285 20.66 -34.91 -40.93
N GLN D 286 20.35 -33.81 -40.23
CA GLN D 286 19.21 -32.93 -40.53
C GLN D 286 19.49 -32.18 -41.81
N LYS D 287 18.51 -32.13 -42.69
CA LYS D 287 18.72 -31.59 -44.04
C LYS D 287 17.89 -30.32 -44.32
N PRO D 288 18.32 -29.51 -45.31
CA PRO D 288 17.59 -28.26 -45.60
C PRO D 288 16.08 -28.48 -45.71
N GLU D 289 15.67 -29.59 -46.34
CA GLU D 289 14.25 -29.91 -46.54
C GLU D 289 13.49 -30.25 -45.25
N ASP D 290 14.21 -30.64 -44.20
CA ASP D 290 13.60 -30.90 -42.88
C ASP D 290 13.33 -29.62 -42.07
N GLY D 291 13.96 -28.52 -42.47
CA GLY D 291 13.89 -27.27 -41.69
C GLY D 291 14.71 -27.43 -40.42
N GLY D 292 14.51 -26.52 -39.46
CA GLY D 292 15.24 -26.59 -38.17
C GLY D 292 16.75 -26.52 -38.27
N GLY D 293 17.45 -27.06 -37.28
CA GLY D 293 18.91 -26.97 -37.26
C GLY D 293 19.72 -27.87 -38.18
N PHE D 294 19.66 -27.59 -39.49
CA PHE D 294 20.50 -28.28 -40.49
C PHE D 294 21.83 -27.56 -40.67
N LEU D 295 22.84 -28.27 -41.18
CA LEU D 295 24.23 -27.77 -41.11
C LEU D 295 24.45 -26.40 -41.77
N LYS D 296 23.88 -26.21 -42.96
CA LYS D 296 24.05 -24.94 -43.68
C LYS D 296 23.44 -23.78 -42.87
N LYS D 297 22.35 -24.05 -42.14
CA LYS D 297 21.72 -22.99 -41.35
C LYS D 297 22.65 -22.59 -40.19
N ALA D 298 23.10 -23.59 -39.41
CA ALA D 298 23.95 -23.37 -38.26
C ALA D 298 25.22 -22.63 -38.68
N ILE D 299 25.82 -23.05 -39.79
CA ILE D 299 27.01 -22.38 -40.33
C ILE D 299 26.73 -20.90 -40.64
N GLU D 300 25.65 -20.59 -41.34
CA GLU D 300 25.28 -19.18 -41.57
C GLU D 300 25.10 -18.42 -40.26
N ASN D 301 24.51 -19.08 -39.27
CA ASN D 301 24.11 -18.38 -38.08
C ASN D 301 25.28 -18.07 -37.18
N THR D 302 26.40 -18.76 -37.40
CA THR D 302 27.64 -18.43 -36.68
C THR D 302 28.12 -17.04 -37.08
N GLY D 303 27.72 -16.59 -38.27
CA GLY D 303 27.99 -15.24 -38.76
C GLY D 303 26.85 -14.27 -38.49
N LYS D 304 25.62 -14.71 -38.73
CA LYS D 304 24.46 -13.83 -38.62
C LYS D 304 24.07 -13.47 -37.16
N THR D 305 24.20 -14.42 -36.25
CA THR D 305 23.83 -14.25 -34.85
C THR D 305 25.06 -13.89 -34.00
N PRO D 306 25.11 -12.67 -33.43
CA PRO D 306 26.24 -12.21 -32.62
C PRO D 306 26.59 -13.18 -31.46
N PHE D 307 27.87 -13.21 -31.09
CA PHE D 307 28.35 -14.11 -30.05
C PHE D 307 27.56 -13.90 -28.73
N ASN D 308 27.24 -12.66 -28.40
CA ASN D 308 26.54 -12.35 -27.17
C ASN D 308 25.05 -12.29 -27.32
N GLN D 309 24.52 -12.57 -28.50
CA GLN D 309 23.09 -12.43 -28.65
C GLN D 309 22.33 -13.60 -28.05
N LEU D 310 21.52 -13.31 -27.02
CA LEU D 310 20.63 -14.32 -26.46
C LEU D 310 19.40 -14.53 -27.35
N ALA D 311 18.97 -15.79 -27.49
CA ALA D 311 17.78 -16.10 -28.28
C ALA D 311 16.59 -15.22 -27.85
N SER D 312 15.85 -14.77 -28.86
CA SER D 312 14.69 -13.86 -28.72
C SER D 312 15.02 -12.38 -28.49
N THR D 313 16.29 -12.00 -28.62
CA THR D 313 16.66 -10.63 -28.40
C THR D 313 17.58 -10.22 -29.50
N LYS D 314 17.67 -8.91 -29.67
CA LYS D 314 18.43 -8.28 -30.71
C LYS D 314 19.60 -7.53 -30.05
N TYR D 315 20.80 -8.03 -30.32
CA TYR D 315 22.05 -7.47 -29.77
C TYR D 315 22.60 -6.43 -30.76
N PRO D 316 23.21 -5.33 -30.29
CA PRO D 316 23.49 -4.87 -28.93
C PRO D 316 22.35 -4.09 -28.24
N GLU D 317 21.19 -3.97 -28.89
CA GLU D 317 20.05 -3.23 -28.32
C GLU D 317 19.62 -3.75 -26.93
N VAL D 318 19.55 -5.07 -26.82
CA VAL D 318 19.44 -5.73 -25.55
C VAL D 318 20.82 -6.36 -25.38
N ASP D 319 21.51 -5.95 -24.31
CA ASP D 319 22.85 -6.38 -24.03
C ASP D 319 22.89 -6.88 -22.58
N LEU D 320 22.89 -8.20 -22.43
CA LEU D 320 22.76 -8.90 -21.15
C LEU D 320 24.01 -9.73 -20.82
N PRO D 321 24.45 -9.74 -19.54
CA PRO D 321 25.74 -10.38 -19.31
C PRO D 321 25.66 -11.90 -19.46
N THR D 322 26.63 -12.45 -20.18
CA THR D 322 26.73 -13.88 -20.36
C THR D 322 28.13 -14.22 -19.98
N VAL D 323 28.37 -15.44 -19.53
CA VAL D 323 29.76 -15.84 -19.23
C VAL D 323 30.45 -16.37 -20.48
N GLY D 324 29.73 -16.42 -21.60
CA GLY D 324 30.24 -17.10 -22.79
C GLY D 324 29.14 -17.76 -23.58
N SER D 325 29.55 -18.52 -24.59
CA SER D 325 28.59 -19.04 -25.55
C SER D 325 28.85 -20.50 -25.82
N MET D 326 27.79 -21.23 -26.15
CA MET D 326 27.90 -22.64 -26.44
C MET D 326 27.22 -22.99 -27.78
N LEU D 327 27.99 -23.65 -28.66
CA LEU D 327 27.50 -24.17 -29.91
C LEU D 327 27.20 -25.67 -29.73
N SER D 328 26.02 -26.11 -30.16
CA SER D 328 25.50 -27.41 -29.73
C SER D 328 25.25 -28.42 -30.86
N ILE D 329 25.75 -29.63 -30.64
CA ILE D 329 25.53 -30.72 -31.56
C ILE D 329 24.56 -31.71 -30.93
N TRP D 330 23.46 -31.96 -31.64
CA TRP D 330 22.40 -32.85 -31.16
C TRP D 330 22.23 -34.05 -32.02
N ALA D 331 21.84 -35.15 -31.39
CA ALA D 331 21.63 -36.38 -32.11
C ALA D 331 20.19 -36.87 -31.99
N ASP D 332 19.21 -35.99 -32.26
CA ASP D 332 17.76 -36.35 -32.12
C ASP D 332 17.41 -37.69 -32.79
N ARG D 333 17.99 -37.95 -33.96
CA ARG D 333 17.89 -39.26 -34.57
CA ARG D 333 17.91 -39.27 -34.59
C ARG D 333 19.27 -39.92 -34.42
N PRO D 334 19.47 -40.71 -33.32
CA PRO D 334 20.84 -41.16 -33.00
C PRO D 334 21.44 -42.14 -34.02
N SER D 335 20.59 -42.71 -34.88
CA SER D 335 21.10 -43.59 -35.92
C SER D 335 21.69 -42.79 -37.07
N ALA D 336 21.56 -41.48 -37.05
CA ALA D 336 22.20 -40.68 -38.08
C ALA D 336 23.70 -40.87 -37.96
N GLU D 337 24.40 -40.59 -39.04
CA GLU D 337 25.80 -40.86 -39.07
C GLU D 337 26.52 -39.61 -38.58
N TYR D 338 27.39 -39.83 -37.60
CA TYR D 338 28.25 -38.78 -37.09
C TYR D 338 29.39 -38.59 -38.06
N LYS D 339 29.45 -37.38 -38.63
CA LYS D 339 30.50 -37.02 -39.57
C LYS D 339 31.38 -35.92 -39.00
N GLU D 340 32.52 -36.34 -38.48
CA GLU D 340 33.47 -35.44 -37.87
C GLU D 340 33.76 -34.17 -38.66
N GLU D 341 33.75 -34.25 -39.99
CA GLU D 341 34.06 -33.09 -40.82
C GLU D 341 33.04 -31.99 -40.60
N GLU D 342 31.79 -32.41 -40.43
CA GLU D 342 30.69 -31.44 -40.34
C GLU D 342 30.82 -30.61 -39.06
N ILE D 343 30.98 -31.29 -37.95
CA ILE D 343 31.17 -30.69 -36.64
C ILE D 343 32.40 -29.77 -36.67
N PHE D 344 33.51 -30.26 -37.23
CA PHE D 344 34.71 -29.42 -37.28
C PHE D 344 34.48 -28.15 -38.10
N GLU D 345 33.59 -28.24 -39.09
CA GLU D 345 33.37 -27.15 -40.00
C GLU D 345 32.54 -26.10 -39.26
N LEU D 346 31.52 -26.59 -38.58
CA LEU D 346 30.68 -25.73 -37.78
C LEU D 346 31.52 -25.12 -36.67
N MET D 347 32.31 -25.94 -35.97
CA MET D 347 33.20 -25.40 -34.92
C MET D 347 34.11 -24.31 -35.46
N THR D 348 34.69 -24.55 -36.64
CA THR D 348 35.64 -23.62 -37.22
C THR D 348 34.99 -22.29 -37.58
N ALA D 349 33.78 -22.34 -38.12
CA ALA D 349 33.10 -21.14 -38.60
C ALA D 349 32.80 -20.24 -37.41
N PHE D 350 32.28 -20.85 -36.36
CA PHE D 350 32.00 -20.15 -35.12
C PHE D 350 33.22 -19.42 -34.57
N ALA D 351 34.36 -20.10 -34.57
CA ALA D 351 35.63 -19.53 -34.13
C ALA D 351 36.14 -18.44 -35.08
N ASP D 352 36.02 -18.66 -36.39
CA ASP D 352 36.45 -17.68 -37.40
C ASP D 352 35.62 -16.42 -37.41
N HIS D 353 34.33 -16.53 -37.08
CA HIS D 353 33.49 -15.35 -37.00
C HIS D 353 33.71 -14.61 -35.71
N ASN D 354 34.52 -15.16 -34.80
CA ASN D 354 34.65 -14.61 -33.44
C ASN D 354 36.07 -14.63 -32.92
N LYS D 355 37.01 -14.23 -33.78
CA LYS D 355 38.43 -14.42 -33.45
C LYS D 355 38.90 -13.58 -32.26
N ASP D 356 38.16 -12.52 -31.94
CA ASP D 356 38.46 -11.73 -30.73
C ASP D 356 38.25 -12.53 -29.45
N TYR D 357 37.23 -13.41 -29.42
CA TYR D 357 36.88 -14.30 -28.28
C TYR D 357 37.65 -15.65 -28.15
N PHE D 358 38.07 -16.20 -29.27
CA PHE D 358 38.74 -17.49 -29.29
C PHE D 358 40.24 -17.37 -29.07
N ARG D 359 40.84 -18.24 -28.27
CA ARG D 359 42.30 -18.25 -28.17
C ARG D 359 42.93 -18.65 -29.49
N ALA D 360 44.18 -18.20 -29.72
CA ALA D 360 45.04 -18.76 -30.76
C ALA D 360 45.24 -20.25 -30.51
N ASN D 361 45.93 -20.90 -31.43
CA ASN D 361 46.19 -22.33 -31.38
C ASN D 361 47.57 -22.58 -30.77
N TYR D 362 47.58 -23.17 -29.57
CA TYR D 362 48.78 -23.39 -28.76
C TYR D 362 49.38 -24.79 -28.91
N ASN D 363 48.80 -25.63 -29.75
CA ASN D 363 49.30 -27.00 -29.90
C ASN D 363 50.72 -27.11 -30.42
N ALA D 364 51.07 -26.24 -31.36
CA ALA D 364 52.45 -26.10 -31.82
C ALA D 364 53.38 -25.75 -30.65
N LEU D 365 53.02 -24.70 -29.91
CA LEU D 365 53.80 -24.25 -28.77
C LEU D 365 54.07 -25.34 -27.75
N ARG D 366 53.02 -26.08 -27.37
CA ARG D 366 53.14 -27.14 -26.36
C ARG D 366 54.01 -28.30 -26.85
N GLU D 367 53.99 -28.53 -28.15
CA GLU D 367 54.81 -29.53 -28.81
C GLU D 367 56.28 -29.19 -28.78
N GLU D 368 56.59 -27.91 -29.05
CA GLU D 368 57.96 -27.43 -29.02
C GLU D 368 58.48 -27.37 -27.58
N LEU D 369 57.60 -27.04 -26.63
CA LEU D 369 57.92 -27.03 -25.22
C LEU D 369 58.36 -28.39 -24.70
N ALA D 370 57.80 -29.46 -25.25
CA ALA D 370 58.08 -30.81 -24.79
C ALA D 370 59.47 -31.33 -25.20
N LYS D 371 60.35 -30.42 -25.60
CA LYS D 371 61.69 -30.75 -26.09
C LYS D 371 62.78 -29.99 -25.32
N ILE D 372 63.25 -30.57 -24.21
CA ILE D 372 64.32 -29.96 -23.40
C ILE D 372 65.10 -31.02 -22.59
N GLY D 378 74.15 -28.88 -18.57
CA GLY D 378 75.45 -28.39 -19.03
C GLY D 378 75.52 -28.17 -20.52
N TYR D 379 75.26 -26.93 -20.94
CA TYR D 379 75.31 -26.50 -22.35
C TYR D 379 76.13 -25.23 -22.47
N SER D 380 76.47 -24.83 -23.69
CA SER D 380 77.11 -23.53 -23.90
C SER D 380 76.15 -22.40 -23.46
N LYS D 381 76.57 -21.61 -22.47
CA LYS D 381 75.74 -20.57 -21.85
C LYS D 381 75.22 -19.48 -22.81
N GLU D 382 75.96 -19.22 -23.90
CA GLU D 382 75.55 -18.28 -24.95
C GLU D 382 74.27 -18.74 -25.66
N SER D 383 74.24 -20.04 -26.00
CA SER D 383 73.02 -20.67 -26.51
C SER D 383 72.21 -21.34 -25.39
N LEU D 384 72.15 -20.67 -24.23
CA LEU D 384 71.25 -21.04 -23.12
C LEU D 384 70.61 -19.77 -22.58
N GLU D 385 71.26 -18.63 -22.80
CA GLU D 385 70.65 -17.32 -22.57
C GLU D 385 69.50 -17.11 -23.58
N ALA D 386 69.66 -17.74 -24.76
CA ALA D 386 68.72 -17.62 -25.89
C ALA D 386 67.51 -18.57 -25.77
N LEU D 387 67.73 -19.82 -25.35
CA LEU D 387 66.61 -20.72 -25.04
C LEU D 387 65.75 -20.10 -23.94
N ASP D 388 66.40 -19.41 -23.02
CA ASP D 388 65.73 -18.69 -21.94
C ASP D 388 64.95 -17.49 -22.47
N ALA D 389 65.59 -16.65 -23.29
CA ALA D 389 64.99 -15.38 -23.78
C ALA D 389 63.78 -15.58 -24.68
N ALA D 390 63.81 -16.68 -25.43
CA ALA D 390 62.72 -17.07 -26.28
C ALA D 390 61.54 -17.59 -25.46
N LYS D 391 61.84 -18.31 -24.37
CA LYS D 391 60.81 -18.81 -23.46
C LYS D 391 60.05 -17.65 -22.82
N THR D 392 60.79 -16.61 -22.42
CA THR D 392 60.17 -15.46 -21.77
C THR D 392 59.37 -14.59 -22.73
N ALA D 393 59.68 -14.64 -24.03
CA ALA D 393 58.92 -13.87 -25.01
C ALA D 393 57.57 -14.53 -25.41
N LEU D 394 57.36 -15.78 -24.97
CA LEU D 394 56.10 -16.49 -25.20
C LEU D 394 54.92 -15.79 -24.57
N ASN D 395 53.93 -15.49 -25.41
CA ASN D 395 52.68 -14.85 -25.01
C ASN D 395 51.56 -15.88 -25.03
N TYR D 396 51.02 -16.23 -23.85
CA TYR D 396 49.90 -17.19 -23.75
C TYR D 396 48.54 -16.55 -23.83
N ASN D 397 48.49 -15.25 -24.08
CA ASN D 397 47.22 -14.54 -24.11
C ASN D 397 46.75 -14.12 -25.52
N LEU D 398 47.15 -14.83 -26.58
CA LEU D 398 46.81 -14.34 -27.93
C LEU D 398 45.53 -14.95 -28.42
N ASN D 399 44.69 -14.12 -29.05
CA ASN D 399 43.46 -14.62 -29.64
C ASN D 399 43.71 -15.13 -31.03
N ARG D 400 42.63 -15.52 -31.70
CA ARG D 400 42.71 -16.24 -32.96
C ARG D 400 43.07 -15.30 -34.14
N ASN D 401 42.94 -13.97 -33.95
CA ASN D 401 43.42 -12.98 -34.94
C ASN D 401 44.93 -12.97 -34.98
N LYS D 402 45.56 -13.62 -34.02
CA LYS D 402 47.00 -13.41 -33.79
C LYS D 402 47.86 -14.67 -33.93
N GLN D 403 47.44 -15.58 -34.82
CA GLN D 403 48.16 -16.84 -34.97
C GLN D 403 49.56 -16.62 -35.51
N ALA D 404 49.69 -15.73 -36.49
CA ALA D 404 50.99 -15.44 -37.12
C ALA D 404 51.98 -14.93 -36.08
N GLU D 405 51.54 -13.92 -35.33
CA GLU D 405 52.28 -13.42 -34.17
C GLU D 405 52.77 -14.57 -33.32
N LEU D 406 51.87 -15.48 -32.94
CA LEU D 406 52.25 -16.64 -32.15
C LEU D 406 53.20 -17.56 -32.90
N ASP D 407 52.88 -17.86 -34.16
CA ASP D 407 53.75 -18.71 -35.02
C ASP D 407 55.20 -18.23 -35.01
N THR D 408 55.40 -16.92 -35.21
CA THR D 408 56.74 -16.30 -35.09
C THR D 408 57.40 -16.63 -33.75
N LEU D 409 56.69 -16.38 -32.64
CA LEU D 409 57.26 -16.62 -31.30
C LEU D 409 57.70 -18.06 -31.07
N VAL D 410 57.05 -19.00 -31.73
CA VAL D 410 57.42 -20.41 -31.58
C VAL D 410 58.52 -20.74 -32.61
N ALA D 411 58.50 -20.02 -33.72
CA ALA D 411 59.50 -20.19 -34.78
C ALA D 411 60.88 -19.80 -34.27
N ASN D 412 60.97 -18.67 -33.56
CA ASN D 412 62.24 -18.36 -32.93
C ASN D 412 62.41 -18.91 -31.50
N LEU D 413 61.60 -19.92 -31.16
CA LEU D 413 61.90 -20.83 -30.05
C LEU D 413 62.59 -22.10 -30.57
N LYS D 414 62.16 -22.57 -31.75
CA LYS D 414 62.83 -23.66 -32.50
C LYS D 414 64.28 -23.25 -32.73
N ALA D 415 64.46 -22.08 -33.38
CA ALA D 415 65.78 -21.48 -33.61
C ALA D 415 66.63 -21.50 -32.33
N ALA D 416 66.06 -21.08 -31.22
CA ALA D 416 66.80 -21.03 -29.95
C ALA D 416 66.87 -22.39 -29.22
N LEU D 417 66.80 -23.49 -29.96
CA LEU D 417 67.05 -24.80 -29.38
C LEU D 417 68.25 -25.44 -30.05
N GLN D 418 69.13 -24.58 -30.55
CA GLN D 418 70.31 -24.97 -31.31
C GLN D 418 71.40 -23.89 -31.18
C2 LOG E . -30.73 10.28 3.53
C3 LOG E . -29.61 9.33 3.13
C4 LOG E . -29.73 9.05 1.64
C5 LOG E . -29.53 10.37 0.92
C6 LOG E . -29.43 10.11 -0.61
C7 LOG E . -29.49 12.08 4.70
C8 LOG E . -29.06 12.67 6.04
N2 LOG E . -30.34 11.00 4.75
O1 LOG E . -32.27 13.00 1.93
O3 LOG E . -29.63 8.07 3.93
O4 LOG E . -28.71 8.18 1.24
O5 LOG E . -30.60 11.20 1.19
O6 LOG E . -30.68 9.75 -1.15
C1 LOG E . -31.07 11.22 2.50
O7 LOG E . -29.11 12.60 3.65
N1 LOG E . -31.93 12.10 2.88
C1 EDO F . -44.24 4.44 17.99
O1 EDO F . -42.88 4.87 17.87
C2 EDO F . -44.79 4.02 16.64
O2 EDO F . -44.75 2.60 16.55
C1 EDO G . -34.96 6.59 1.07
O1 EDO G . -35.59 6.46 2.35
C2 EDO G . -33.49 6.81 1.38
O2 EDO G . -33.39 7.84 2.39
C1 EDO H . -48.28 4.78 16.82
O1 EDO H . -48.31 4.80 18.25
C2 EDO H . -49.70 4.56 16.31
O2 EDO H . -49.83 3.19 15.92
C1 EDO I . -51.22 4.36 20.46
O1 EDO I . -50.00 5.08 20.23
C2 EDO I . -52.41 5.20 20.04
O2 EDO I . -52.28 5.53 18.65
C2 LOG J . -11.05 -1.09 -39.99
C3 LOG J . -11.09 -0.36 -38.66
C4 LOG J . -12.43 0.25 -38.44
C5 LOG J . -13.42 -0.89 -38.40
C6 LOG J . -14.80 -0.40 -37.97
C7 LOG J . -10.31 -3.34 -39.24
C8 LOG J . -9.14 -4.36 -39.23
N2 LOG J . -10.07 -2.20 -39.91
O1 LOG J . -13.67 -2.67 -41.89
O3 LOG J . -10.05 0.68 -38.61
O4 LOG J . -12.43 0.92 -37.19
O5 LOG J . -13.52 -1.44 -39.71
O6 LOG J . -15.43 0.31 -39.04
C1 LOG J . -12.32 -1.60 -40.41
O7 LOG J . -11.37 -3.60 -38.65
N1 LOG J . -12.35 -2.25 -41.54
C1 EDO K . -15.43 5.37 -18.40
O1 EDO K . -15.69 6.73 -18.74
C2 EDO K . -14.60 5.34 -17.13
O2 EDO K . -14.92 4.19 -16.36
C1 EDO L . 1.50 5.43 -53.98
O1 EDO L . 1.78 6.84 -54.01
C2 EDO L . 2.80 4.65 -53.71
O2 EDO L . 2.70 3.90 -52.49
C2 LOG M . -7.81 28.11 34.08
C3 LOG M . -7.86 28.83 35.43
C4 LOG M . -9.20 29.54 35.62
C5 LOG M . -10.28 28.44 35.57
C6 LOG M . -11.69 28.94 35.88
C7 LOG M . -7.04 25.81 34.76
C8 LOG M . -5.86 24.82 34.80
N2 LOG M . -6.81 27.01 34.16
O1 LOG M . -10.35 26.59 32.08
O3 LOG M . -6.74 29.76 35.53
O4 LOG M . -9.20 30.26 36.84
O5 LOG M . -10.32 27.98 34.23
O6 LOG M . -12.15 29.89 34.92
C1 LOG M . -9.08 27.65 33.64
O7 LOG M . -8.14 25.48 35.22
N1 LOG M . -9.07 26.98 32.54
C1 EDO N . 4.76 35.22 19.86
O1 EDO N . 5.27 36.55 20.01
C2 EDO N . 5.91 34.23 19.68
O2 EDO N . 6.08 33.36 20.83
C1 EDO O . 11.05 17.63 51.05
O1 EDO O . 11.39 16.39 50.42
C2 EDO O . 9.65 17.53 51.64
O2 EDO O . 9.75 17.40 53.07
C1 EDO P . -19.30 39.73 45.98
O1 EDO P . -18.48 40.77 45.45
C2 EDO P . -19.06 38.47 45.17
O2 EDO P . -19.04 38.82 43.78
C1 EDO Q . 4.23 34.96 14.98
O1 EDO Q . 3.31 36.02 15.20
C2 EDO Q . 5.66 35.45 15.24
O2 EDO Q . 6.07 34.90 16.49
C1 EDO R . -8.18 42.89 37.25
O1 EDO R . -9.29 43.07 38.14
C2 EDO R . -8.25 41.47 36.73
O2 EDO R . -9.18 41.48 35.65
C1 EDO S . -16.95 24.25 34.67
O1 EDO S . -17.63 23.93 35.88
C2 EDO S . -15.58 24.88 34.97
O2 EDO S . -14.55 24.24 34.19
C2 LOG T . 16.31 -30.15 -26.74
C3 LOG T . 17.40 -31.12 -27.25
C4 LOG T . 17.20 -31.35 -28.73
C5 LOG T . 17.38 -30.02 -29.42
C6 LOG T . 17.40 -30.12 -30.96
C7 LOG T . 17.64 -28.30 -25.70
C8 LOG T . 18.09 -27.64 -24.40
N2 LOG T . 16.80 -29.39 -25.55
O1 LOG T . 14.58 -27.58 -28.52
O3 LOG T . 17.31 -32.37 -26.56
O4 LOG T . 18.17 -32.25 -29.17
O5 LOG T . 16.29 -29.24 -29.08
O6 LOG T . 16.21 -30.69 -31.48
C1 LOG T . 15.86 -29.26 -27.77
O7 LOG T . 18.01 -27.85 -26.79
N1 LOG T . 14.94 -28.40 -27.46
#